data_5ZE1
#
_entry.id   5ZE1
#
_cell.length_a   132.760
_cell.length_b   108.600
_cell.length_c   157.090
_cell.angle_alpha   90.00
_cell.angle_beta   114.20
_cell.angle_gamma   90.00
#
_symmetry.space_group_name_H-M   'P 1 21 1'
#
loop_
_entity.id
_entity.type
_entity.pdbx_description
1 polymer 'mouse RAG1'
2 polymer 'mouse RAG2'
3 polymer 'HMGB1 A-B box'
4 polymer DNA
5 polymer DNA
6 polymer DNA
7 polymer DNA
8 polymer DNA
9 polymer DNA
10 non-polymer 'ZINC ION'
11 non-polymer 'MANGANESE (II) ION'
12 non-polymer 1,2-ETHANEDIOL
13 non-polymer 'POTASSIUM ION'
14 water water
#
loop_
_entity_poly.entity_id
_entity_poly.type
_entity_poly.pdbx_seq_one_letter_code
_entity_poly.pdbx_strand_id
1 'polypeptide(L)'
;GPVHINKGGRPRQHLLSLTRRAQKHRLRELKIQVKEFADKEEGGDVKAVCLTLFLLALRARNEHRQADELEAIMQGRGSG
LQPAVCLAIRVNTFLSCSQYHKMYRTVKAITGRQIFQPLHALRNAEKVLLPGYHPFEWQPPLKNVSSRTDVGIIDGLSGL
ASSVDEYPVDTIAKRFRYDSALVSALMDMEEDILEGMRSQDLDDYLNGPFTVVVKESCDGMGDVSEKHGSGPAVPEKAVR
FSFTVMRITIEHGSQNVKVFEEPKPNSELCCKPLCLMLADESDHETLTAILSPLIAEREAMKSSELTLEMGGIPRTFKFI
FRGTGYDEKLVREVEGLEASGSVYICTLCDTTRLEASQNLVFHSITRSHAENLQRYEVWRSNPYHESVEELRDRVKGVSA
KPFIETVPSIDALHCDIGNAAEFYKIFQLEIGEVYKHPNASKEERKRWQATLDKHLRKRMNLKPIMRMNGNFARKLMTQE
TVDAVCELIPSEERHEALRELMDLYLKMKPVWRSSCPAKECPESLCQYSFNSQRFAELLSTKFKYRYEGKITNYFHKTLA
HVPEIIERDGSIGAWASEGNESGNKLFRRFRKMNARQSKCYEMEDVLKHHWLYTSKYLQKFMNAHNA
;
A,C
2 'polypeptide(L)'
;GPVSLQMVTVGHNIALIQPGFSLMNFDGQVFFFGQKGWPKRSCPTGVFHFDIKQNHLKLKPAIFSKDSCYLPPLRYPATC
SYKGSIDSDKHQYIIHGGKTPNNELSDKIYIMSVACKNNKKVTFRCTEKDLVGDVPEPRYGHSIDVVYSRGKSMGVLFGG
RSYMPSTQRTTEKWNSVADCLPHVFLIDFEFGCATSYILPELQDGLSFHVSIARNDTVYILGGHSLASNIRPANLYRIRV
DLPLGTPAVNCTVLPGGISVSSAILTQTNNDEFVIVGGYQLENQKRMVCSLVSLGDNTIEISEMETPDWTSDIKHSKIWF
GSNMGNGTIFLGIPGDNKQAMSEAFYFYTLRCSEEDLSEDQKIVSNSQTSTEDPGDSTPFEDSEEFCFS
;
B,D
3 'polypeptide(L)'
;MGKGDPKKPRGKMSSYAFFVQTCREEHKKKHPDASVNFSEFSKKCSERWKTMSAKEKGKFEDMAKADKARYEREMKTYIP
PKGETKKKFKDPNAPKRPPSAFFLFCSEYRPKIKGEHPGLSIGDVAKKLGEMWNNTAADDKQPYEKKAAKLKEKYEKDIA
AYR
;
N
4 'polydeoxyribonucleotide'
;(DC)(DG)(DG)(DG)(DT)(DT)(DT)(DT)(DT)(DG)(DT)(DT)(DA)(DA)(DG)(DG)(DG)(DC)(DT)(DG)
(DT)(DA)(DT)(DC)(DA)(DC)(DT)(DG)(DT)(DG)(DT)(DA)(DA)(DG)(DA)(DC)(DA)(DG)(DG)(DC)
(DC)(DA)(DG)(DA)(DT)
;
F
5 'polydeoxyribonucleotide' (DA)(DA)(DT)(DC)(DT)(DG)(DG)(DC)(DC)(DT)(DG)(DT)(DC)(DT)(DT)(DA) I
6 'polydeoxyribonucleotide' (DT)(DA)(DT)(DC)(DT)(DG)(DG)(DC)(DC)(DT)(DG)(DT)(DC)(DT)(DT)(DA) J
7 'polydeoxyribonucleotide'
;(DG)(DG)(DT)(DT)(DT)(DT)(DT)(DG)(DT)(DC)(DT)(DG)(DG)(DC)(DT)(DT)(DC)(DA)(DC)(DA)
(DC)(DT)(DT)(DG)(DA)(DT)(DT)(DT)(DG)(DC)(DA)(DT)(DC)(DA)(DC)(DT)(DG)(DT)(DG)(DT)
(DA)(DA)(DG)(DA)(DC)(DA)(DG)(DG)(DC)(DC)(DA)(DG)(DA)(DT)
;
G
8 'polydeoxyribonucleotide'
;(DC)(DA)(DC)(DA)(DG)(DT)(DG)(DA)(DT)(DA)(DC)(DA)(DG)(DC)(DC)(DC)(DT)(DT)(DA)(DA)
(DC)(DA)(DA)(DA)(DA)(DA)(DC)(DC)(DC)(DG)
;
L
9 'polydeoxyribonucleotide'
;(DC)(DA)(DC)(DA)(DG)(DT)(DG)(DA)(DT)(DG)(DC)(DA)(DA)(DA)(DT)(DC)(DA)(DA)(DG)(DT)
(DG)(DT)(DG)(DA)(DA)(DG)(DC)(DC)(DA)(DG)(DA)(DC)(DA)(DA)(DA)(DA)(DA)(DC)(DC)
;
M
#
loop_
_chem_comp.id
_chem_comp.type
_chem_comp.name
_chem_comp.formula
DA DNA linking 2'-DEOXYADENOSINE-5'-MONOPHOSPHATE 'C10 H14 N5 O6 P'
DC DNA linking 2'-DEOXYCYTIDINE-5'-MONOPHOSPHATE 'C9 H14 N3 O7 P'
DG DNA linking 2'-DEOXYGUANOSINE-5'-MONOPHOSPHATE 'C10 H14 N5 O7 P'
DT DNA linking THYMIDINE-5'-MONOPHOSPHATE 'C10 H15 N2 O8 P'
EDO non-polymer 1,2-ETHANEDIOL 'C2 H6 O2'
K non-polymer 'POTASSIUM ION' 'K 1'
MN non-polymer 'MANGANESE (II) ION' 'Mn 2'
ZN non-polymer 'ZINC ION' 'Zn 2'
#
# COMPACT_ATOMS: atom_id res chain seq x y z
N ARG A 10 15.47 62.85 -16.52
CA ARG A 10 15.14 61.45 -16.75
C ARG A 10 16.21 60.56 -16.13
N PRO A 11 15.94 60.01 -14.94
CA PRO A 11 16.92 59.11 -14.31
C PRO A 11 17.31 57.99 -15.27
N ARG A 12 18.60 57.69 -15.30
CA ARG A 12 19.09 56.67 -16.21
C ARG A 12 18.44 55.33 -15.87
N GLN A 13 17.75 54.73 -16.85
CA GLN A 13 17.20 53.38 -16.70
C GLN A 13 18.32 52.38 -16.47
N HIS A 14 17.93 51.12 -16.19
CA HIS A 14 18.93 50.06 -16.14
C HIS A 14 19.27 49.63 -17.55
N LEU A 15 20.57 49.38 -17.76
CA LEU A 15 21.09 49.18 -19.11
C LEU A 15 20.39 48.02 -19.82
N LEU A 16 19.87 47.03 -19.08
CA LEU A 16 19.26 45.87 -19.71
C LEU A 16 17.87 46.15 -20.26
N SER A 17 17.19 47.19 -19.76
CA SER A 17 15.82 47.48 -20.18
C SER A 17 15.76 48.15 -21.54
N LEU A 18 16.76 48.95 -21.88
CA LEU A 18 16.71 49.80 -23.06
C LEU A 18 16.56 48.97 -24.33
N THR A 19 16.25 49.66 -25.43
CA THR A 19 16.28 48.98 -26.73
C THR A 19 17.71 48.91 -27.24
N ARG A 20 17.92 48.06 -28.24
CA ARG A 20 19.22 47.94 -28.88
C ARG A 20 19.81 49.32 -29.16
N ARG A 21 19.08 50.13 -29.95
CA ARG A 21 19.53 51.49 -30.23
C ARG A 21 19.91 52.22 -28.95
N ALA A 22 19.11 52.06 -27.90
CA ALA A 22 19.39 52.81 -26.68
C ALA A 22 20.67 52.33 -25.99
N GLN A 23 20.83 51.00 -25.85
CA GLN A 23 22.05 50.51 -25.22
C GLN A 23 23.27 50.86 -26.06
N LYS A 24 23.10 50.95 -27.38
CA LYS A 24 24.20 51.38 -28.24
C LYS A 24 24.72 52.74 -27.80
N HIS A 25 23.83 53.70 -27.60
CA HIS A 25 24.26 55.06 -27.25
C HIS A 25 24.96 55.11 -25.89
N ARG A 26 24.59 54.25 -24.95
CA ARG A 26 25.25 54.31 -23.64
C ARG A 26 26.62 53.67 -23.67
N LEU A 27 26.81 52.67 -24.51
CA LEU A 27 28.07 51.95 -24.60
C LEU A 27 28.92 52.38 -25.79
N ARG A 28 28.43 53.31 -26.62
CA ARG A 28 29.24 53.78 -27.75
C ARG A 28 30.59 54.31 -27.30
N GLU A 29 30.66 54.89 -26.09
CA GLU A 29 31.93 55.38 -25.55
C GLU A 29 32.88 54.24 -25.21
N LEU A 30 32.37 53.18 -24.58
CA LEU A 30 33.17 52.00 -24.28
C LEU A 30 33.31 51.08 -25.48
N LYS A 31 32.44 51.21 -26.47
CA LYS A 31 32.56 50.40 -27.67
C LYS A 31 33.78 50.82 -28.48
N ILE A 32 33.94 52.13 -28.70
CA ILE A 32 35.11 52.61 -29.43
C ILE A 32 36.38 52.30 -28.66
N GLN A 33 36.32 52.36 -27.32
CA GLN A 33 37.48 52.04 -26.51
C GLN A 33 37.85 50.56 -26.64
N VAL A 34 36.88 49.71 -26.99
CA VAL A 34 37.17 48.29 -27.14
C VAL A 34 37.74 47.99 -28.52
N LYS A 35 37.22 48.64 -29.56
CA LYS A 35 37.76 48.44 -30.92
C LYS A 35 39.26 48.78 -30.99
N GLU A 36 39.71 49.76 -30.20
CA GLU A 36 41.15 50.01 -30.10
C GLU A 36 41.87 48.78 -29.55
N PHE A 37 41.52 48.36 -28.33
CA PHE A 37 42.20 47.22 -27.71
C PHE A 37 42.33 46.05 -28.65
N ALA A 38 41.29 45.83 -29.47
CA ALA A 38 41.30 44.66 -30.35
C ALA A 38 42.30 44.82 -31.49
N ASP A 39 42.35 46.02 -32.08
CA ASP A 39 43.30 46.26 -33.16
C ASP A 39 44.73 46.34 -32.65
N LYS A 40 44.93 46.90 -31.45
CA LYS A 40 46.27 47.00 -30.89
C LYS A 40 46.78 45.65 -30.39
N GLU A 41 45.95 44.90 -29.68
CA GLU A 41 46.45 43.71 -28.98
C GLU A 41 46.00 42.40 -29.56
N GLU A 42 44.95 42.38 -30.40
CA GLU A 42 44.28 41.10 -30.67
C GLU A 42 43.91 40.87 -32.13
N GLY A 43 44.52 41.61 -33.05
CA GLY A 43 44.23 41.37 -34.45
C GLY A 43 42.84 41.77 -34.87
N GLY A 44 42.23 42.73 -34.18
CA GLY A 44 40.91 43.22 -34.54
C GLY A 44 39.77 42.24 -34.42
N ASP A 45 39.89 41.24 -33.54
CA ASP A 45 38.83 40.27 -33.28
C ASP A 45 38.00 40.80 -32.13
N VAL A 46 37.00 41.63 -32.46
CA VAL A 46 36.14 42.16 -31.41
C VAL A 46 35.22 41.04 -30.90
N LYS A 47 34.69 40.23 -31.81
CA LYS A 47 33.89 39.07 -31.42
C LYS A 47 34.60 38.25 -30.35
N ALA A 48 35.82 37.78 -30.65
CA ALA A 48 36.51 36.89 -29.73
C ALA A 48 37.03 37.61 -28.49
N VAL A 49 37.12 38.93 -28.50
CA VAL A 49 37.58 39.61 -27.30
C VAL A 49 36.41 39.90 -26.38
N CYS A 50 35.21 40.09 -26.92
CA CYS A 50 34.03 40.25 -26.08
C CYS A 50 33.52 38.91 -25.57
N LEU A 51 33.46 37.90 -26.45
CA LEU A 51 33.16 36.55 -26.00
C LEU A 51 34.00 36.17 -24.79
N THR A 52 35.29 36.48 -24.80
CA THR A 52 36.16 36.08 -23.71
C THR A 52 36.01 36.99 -22.50
N LEU A 53 35.73 38.26 -22.72
CA LEU A 53 35.56 39.16 -21.59
C LEU A 53 34.30 38.81 -20.82
N PHE A 54 33.23 38.45 -21.54
CA PHE A 54 31.97 38.05 -20.90
C PHE A 54 32.16 36.74 -20.11
N LEU A 55 32.48 35.64 -20.81
CA LEU A 55 32.76 34.36 -20.16
C LEU A 55 33.62 34.56 -18.91
N LEU A 56 34.62 35.42 -19.00
CA LEU A 56 35.47 35.62 -17.82
C LEU A 56 34.76 36.42 -16.75
N ALA A 57 33.90 37.34 -17.17
CA ALA A 57 33.11 38.08 -16.20
C ALA A 57 32.22 37.13 -15.41
N LEU A 58 31.63 36.15 -16.11
CA LEU A 58 30.73 35.18 -15.49
C LEU A 58 31.49 34.41 -14.41
N ARG A 59 32.46 33.59 -14.81
CA ARG A 59 33.20 32.77 -13.85
C ARG A 59 33.82 33.61 -12.74
N ALA A 60 33.99 34.91 -12.97
CA ALA A 60 34.41 35.81 -11.90
C ALA A 60 33.37 35.88 -10.80
N ARG A 61 32.09 35.79 -11.16
CA ARG A 61 30.98 35.89 -10.20
C ARG A 61 30.43 34.52 -9.79
N ASN A 62 31.28 33.49 -9.79
CA ASN A 62 30.89 32.11 -9.67
C ASN A 62 29.58 31.84 -10.42
N GLU A 63 29.61 32.12 -11.72
CA GLU A 63 28.47 31.82 -12.58
C GLU A 63 28.89 30.91 -13.73
N HIS A 64 29.54 29.79 -13.37
CA HIS A 64 30.10 28.87 -14.36
C HIS A 64 29.05 28.25 -15.27
N ARG A 65 27.82 28.06 -14.79
CA ARG A 65 26.84 27.36 -15.61
C ARG A 65 26.53 28.14 -16.88
N GLN A 66 26.24 29.43 -16.74
CA GLN A 66 25.93 30.24 -17.92
C GLN A 66 27.09 30.24 -18.88
N ALA A 67 28.30 30.51 -18.37
CA ALA A 67 29.52 30.47 -19.18
C ALA A 67 29.69 29.14 -19.90
N ASP A 68 29.52 28.04 -19.17
CA ASP A 68 29.64 26.71 -19.77
C ASP A 68 28.57 26.46 -20.82
N GLU A 69 27.38 27.05 -20.64
CA GLU A 69 26.35 26.89 -21.64
C GLU A 69 26.68 27.71 -22.88
N LEU A 70 27.02 28.99 -22.67
CA LEU A 70 27.43 29.84 -23.78
C LEU A 70 28.53 29.18 -24.59
N GLU A 71 29.51 28.58 -23.91
CA GLU A 71 30.53 27.81 -24.61
C GLU A 71 29.91 26.74 -25.51
N ALA A 72 28.97 25.97 -24.98
CA ALA A 72 28.39 24.90 -25.78
C ALA A 72 27.60 25.43 -26.97
N ILE A 73 27.10 26.66 -26.87
CA ILE A 73 26.30 27.24 -27.94
C ILE A 73 27.14 28.02 -28.96
N MET A 74 28.35 28.48 -28.58
CA MET A 74 29.33 28.92 -29.57
C MET A 74 29.91 27.73 -30.32
N GLN A 75 30.19 26.63 -29.62
CA GLN A 75 30.49 25.37 -30.30
C GLN A 75 29.27 24.87 -31.07
N GLY A 76 28.07 25.17 -30.57
CA GLY A 76 26.84 24.93 -31.29
C GLY A 76 26.37 23.50 -31.33
N ARG A 77 27.01 22.62 -30.55
CA ARG A 77 26.60 21.22 -30.54
C ARG A 77 25.19 21.06 -29.95
N GLY A 78 24.38 20.23 -30.62
CA GLY A 78 23.00 20.02 -30.17
C GLY A 78 22.90 19.04 -29.03
N SER A 79 21.95 19.30 -28.13
CA SER A 79 21.74 18.51 -26.92
C SER A 79 20.49 17.65 -27.08
N GLY A 80 20.66 16.34 -26.93
CA GLY A 80 19.56 15.41 -27.09
C GLY A 80 19.95 14.01 -26.67
N LEU A 81 19.06 13.35 -25.93
CA LEU A 81 19.33 12.02 -25.42
C LEU A 81 18.87 10.98 -26.40
N GLN A 82 19.66 9.94 -26.59
CA GLN A 82 19.21 8.87 -27.46
C GLN A 82 18.05 8.14 -26.82
N PRO A 83 17.07 7.65 -27.60
CA PRO A 83 15.92 6.97 -27.01
C PRO A 83 16.31 5.88 -26.01
N ALA A 84 17.25 5.00 -26.34
CA ALA A 84 17.61 3.95 -25.39
C ALA A 84 18.05 4.54 -24.06
N VAL A 85 18.71 5.69 -24.09
CA VAL A 85 19.14 6.34 -22.86
C VAL A 85 17.95 6.94 -22.12
N CYS A 86 16.96 7.46 -22.85
CA CYS A 86 15.73 7.88 -22.20
C CYS A 86 15.02 6.68 -21.56
N LEU A 87 14.97 5.57 -22.28
CA LEU A 87 14.37 4.36 -21.74
C LEU A 87 15.01 4.00 -20.39
N ALA A 88 16.33 3.92 -20.35
CA ALA A 88 17.01 3.59 -19.10
C ALA A 88 16.62 4.54 -17.97
N ILE A 89 16.50 5.83 -18.27
CA ILE A 89 16.12 6.79 -17.22
C ILE A 89 14.68 6.56 -16.77
N ARG A 90 13.76 6.35 -17.71
CA ARG A 90 12.42 5.89 -17.41
C ARG A 90 12.48 4.61 -16.57
N VAL A 91 12.99 3.52 -17.13
CA VAL A 91 12.92 2.23 -16.46
C VAL A 91 13.58 2.26 -15.10
N ASN A 92 14.70 2.97 -14.95
CA ASN A 92 15.47 2.80 -13.73
C ASN A 92 15.09 3.79 -12.63
N THR A 93 14.57 4.96 -12.99
CA THR A 93 14.10 5.88 -11.96
C THR A 93 12.66 5.61 -11.55
N PHE A 94 12.03 4.58 -12.13
CA PHE A 94 10.69 4.13 -11.81
C PHE A 94 9.59 5.00 -12.40
N LEU A 95 9.87 5.91 -13.33
CA LEU A 95 8.82 6.73 -13.91
C LEU A 95 7.87 5.89 -14.75
N SER A 96 6.57 6.18 -14.65
CA SER A 96 5.63 5.61 -15.59
C SER A 96 5.69 6.38 -16.90
N CYS A 97 5.36 5.71 -18.01
CA CYS A 97 5.15 6.41 -19.26
C CYS A 97 4.27 7.61 -19.04
N SER A 98 3.23 7.45 -18.23
CA SER A 98 2.28 8.54 -18.05
C SER A 98 2.91 9.73 -17.34
N GLN A 99 3.85 9.46 -16.43
CA GLN A 99 4.59 10.52 -15.74
C GLN A 99 5.73 11.05 -16.60
N TYR A 100 6.53 10.13 -17.15
CA TYR A 100 7.59 10.49 -18.08
C TYR A 100 7.08 11.36 -19.23
N HIS A 101 5.87 11.10 -19.72
CA HIS A 101 5.30 11.97 -20.74
C HIS A 101 5.12 13.39 -20.24
N LYS A 102 4.75 13.56 -18.97
CA LYS A 102 4.66 14.90 -18.40
C LYS A 102 6.01 15.58 -18.39
N MET A 103 7.05 14.82 -18.05
CA MET A 103 8.38 15.39 -17.98
C MET A 103 8.86 15.82 -19.36
N TYR A 104 8.91 14.86 -20.31
CA TYR A 104 9.18 15.15 -21.71
C TYR A 104 8.48 16.41 -22.17
N ARG A 105 7.15 16.37 -22.15
CA ARG A 105 6.34 17.47 -22.67
C ARG A 105 6.74 18.81 -22.05
N THR A 106 6.95 18.85 -20.73
CA THR A 106 7.22 20.12 -20.05
C THR A 106 8.65 20.61 -20.34
N VAL A 107 9.61 19.71 -20.53
CA VAL A 107 10.96 20.12 -20.91
C VAL A 107 10.94 20.74 -22.31
N LYS A 108 10.42 19.99 -23.29
CA LYS A 108 10.32 20.50 -24.66
C LYS A 108 9.57 21.83 -24.77
N ALA A 109 8.71 22.17 -23.82
CA ALA A 109 7.98 23.42 -23.93
C ALA A 109 8.73 24.61 -23.32
N ILE A 110 9.61 24.37 -22.36
CA ILE A 110 10.35 25.47 -21.74
C ILE A 110 11.68 25.67 -22.42
N THR A 111 12.46 24.61 -22.56
CA THR A 111 13.69 24.72 -23.32
C THR A 111 13.42 25.09 -24.79
N GLY A 112 12.29 24.69 -25.35
CA GLY A 112 12.18 24.76 -26.78
C GLY A 112 12.90 23.66 -27.52
N ARG A 113 13.61 22.78 -26.83
CA ARG A 113 14.31 21.68 -27.46
C ARG A 113 13.78 20.35 -26.93
N GLN A 114 13.90 19.31 -27.75
CA GLN A 114 13.35 18.00 -27.43
C GLN A 114 14.47 17.13 -26.86
N ILE A 115 14.91 17.50 -25.65
CA ILE A 115 15.95 16.77 -24.93
C ILE A 115 15.58 15.30 -24.81
N PHE A 116 14.46 15.03 -24.10
CA PHE A 116 13.91 13.69 -23.99
C PHE A 116 13.12 13.34 -25.24
N GLN A 117 13.16 12.06 -25.60
CA GLN A 117 12.40 11.57 -26.75
C GLN A 117 10.94 11.27 -26.39
N PRO A 118 10.04 11.34 -27.36
CA PRO A 118 8.65 10.99 -27.10
C PRO A 118 8.49 9.48 -26.98
N LEU A 119 7.33 9.09 -26.46
CA LEU A 119 7.15 7.73 -25.97
C LEU A 119 7.20 6.70 -27.09
N HIS A 120 6.79 7.06 -28.31
CA HIS A 120 6.74 6.07 -29.37
C HIS A 120 8.13 5.53 -29.70
N ALA A 121 9.16 6.36 -29.49
CA ALA A 121 10.54 5.97 -29.77
C ALA A 121 11.11 5.10 -28.65
N LEU A 122 10.93 5.51 -27.39
CA LEU A 122 11.27 4.65 -26.26
C LEU A 122 10.57 3.31 -26.40
N ARG A 123 9.33 3.31 -26.88
CA ARG A 123 8.65 2.04 -27.08
C ARG A 123 9.32 1.24 -28.18
N ASN A 124 9.90 1.92 -29.18
CA ASN A 124 10.69 1.20 -30.19
C ASN A 124 12.05 0.76 -29.65
N ALA A 125 12.70 1.62 -28.86
CA ALA A 125 13.94 1.23 -28.19
C ALA A 125 13.79 -0.06 -27.40
N GLU A 126 12.60 -0.28 -26.80
CA GLU A 126 12.35 -1.46 -25.98
C GLU A 126 12.51 -2.74 -26.78
N LYS A 127 12.22 -2.70 -28.08
CA LYS A 127 12.04 -3.93 -28.84
C LYS A 127 13.31 -4.78 -28.82
N VAL A 128 14.48 -4.15 -28.84
CA VAL A 128 15.74 -4.89 -28.85
C VAL A 128 15.93 -5.67 -27.54
N LEU A 129 15.46 -5.09 -26.44
CA LEU A 129 15.77 -5.62 -25.11
C LEU A 129 14.84 -6.72 -24.66
N LEU A 130 13.79 -7.05 -25.44
CA LEU A 130 12.77 -8.01 -25.03
C LEU A 130 12.87 -9.30 -25.86
N PRO A 131 12.42 -10.44 -25.31
CA PRO A 131 12.55 -11.70 -26.03
C PRO A 131 11.87 -11.66 -27.39
N GLY A 132 12.41 -12.48 -28.30
CA GLY A 132 11.89 -12.63 -29.63
C GLY A 132 12.51 -11.71 -30.68
N TYR A 133 13.57 -10.98 -30.36
CA TYR A 133 14.14 -10.04 -31.34
C TYR A 133 15.39 -10.57 -32.01
N HIS A 134 16.28 -11.12 -31.27
CA HIS A 134 17.49 -11.63 -31.91
C HIS A 134 17.27 -13.06 -32.40
N PRO A 135 17.93 -13.43 -33.50
CA PRO A 135 17.77 -14.78 -34.05
C PRO A 135 18.83 -15.72 -33.51
N PHE A 136 18.45 -16.99 -33.45
CA PHE A 136 19.30 -17.99 -32.83
C PHE A 136 18.92 -19.33 -33.44
N GLU A 137 19.66 -20.39 -33.07
CA GLU A 137 19.25 -21.73 -33.46
C GLU A 137 19.85 -22.75 -32.48
N TRP A 138 19.21 -23.92 -32.42
CA TRP A 138 19.53 -25.00 -31.50
C TRP A 138 19.97 -26.22 -32.29
N GLN A 139 21.18 -26.68 -32.02
CA GLN A 139 21.74 -27.85 -32.66
C GLN A 139 22.06 -28.84 -31.54
N PRO A 140 21.34 -29.95 -31.42
CA PRO A 140 20.19 -30.36 -32.23
C PRO A 140 18.97 -29.50 -31.94
N PRO A 141 17.94 -29.51 -32.80
CA PRO A 141 16.74 -28.74 -32.50
C PRO A 141 16.10 -29.22 -31.21
N LEU A 142 15.50 -28.28 -30.47
CA LEU A 142 14.86 -28.59 -29.20
C LEU A 142 13.64 -29.49 -29.40
N LYS A 143 13.57 -30.56 -28.62
CA LYS A 143 12.43 -31.46 -28.62
C LYS A 143 11.16 -30.76 -28.14
N ASN A 144 10.09 -30.88 -28.91
CA ASN A 144 8.76 -30.38 -28.57
C ASN A 144 8.68 -28.87 -28.44
N VAL A 145 9.71 -28.15 -28.85
CA VAL A 145 9.71 -26.68 -28.78
C VAL A 145 9.64 -26.13 -30.19
N SER A 146 9.01 -24.97 -30.35
CA SER A 146 8.98 -24.36 -31.67
C SER A 146 10.33 -23.73 -31.96
N SER A 147 10.67 -23.66 -33.25
CA SER A 147 11.90 -23.03 -33.68
C SER A 147 11.70 -21.60 -34.13
N ARG A 148 10.46 -21.09 -34.10
CA ARG A 148 10.26 -19.66 -34.30
C ARG A 148 11.16 -18.89 -33.34
N THR A 149 11.65 -17.74 -33.76
CA THR A 149 12.49 -16.97 -32.87
C THR A 149 11.93 -15.59 -32.52
N ASP A 150 10.76 -15.26 -33.06
CA ASP A 150 10.09 -13.99 -32.79
C ASP A 150 8.92 -14.17 -31.82
N VAL A 151 9.08 -15.06 -30.85
CA VAL A 151 8.06 -15.31 -29.83
C VAL A 151 8.37 -14.44 -28.63
N GLY A 152 7.46 -13.52 -28.34
CA GLY A 152 7.70 -12.57 -27.28
C GLY A 152 6.93 -13.07 -26.11
N ILE A 153 5.89 -12.33 -25.73
CA ILE A 153 5.07 -12.71 -24.60
C ILE A 153 4.00 -13.70 -25.07
N ILE A 154 3.92 -14.83 -24.38
CA ILE A 154 3.14 -15.98 -24.78
C ILE A 154 2.04 -16.13 -23.74
N ASP A 155 0.87 -16.62 -24.13
CA ASP A 155 -0.16 -16.82 -23.10
C ASP A 155 0.21 -17.95 -22.15
N GLY A 156 0.12 -17.67 -20.85
CA GLY A 156 0.66 -18.53 -19.81
C GLY A 156 -0.14 -19.78 -19.57
N LEU A 157 -1.37 -19.81 -20.06
CA LEU A 157 -2.19 -21.01 -19.98
C LEU A 157 -1.83 -22.04 -21.05
N SER A 158 -1.08 -21.62 -22.07
CA SER A 158 -0.52 -22.51 -23.08
C SER A 158 -1.61 -23.41 -23.65
N GLY A 159 -2.65 -22.77 -24.16
CA GLY A 159 -3.75 -23.49 -24.79
C GLY A 159 -4.51 -24.37 -23.83
N LEU A 160 -4.57 -23.98 -22.56
CA LEU A 160 -5.32 -24.75 -21.57
C LEU A 160 -6.81 -24.71 -21.91
N ALA A 161 -7.41 -25.89 -21.99
CA ALA A 161 -8.81 -26.00 -22.40
C ALA A 161 -9.75 -25.31 -21.41
N SER A 162 -10.65 -24.47 -21.92
CA SER A 162 -11.52 -23.64 -21.08
C SER A 162 -13.01 -23.80 -21.37
N SER A 163 -13.40 -24.78 -22.18
CA SER A 163 -14.82 -24.99 -22.42
C SER A 163 -15.52 -25.42 -21.13
N VAL A 164 -16.80 -25.05 -21.02
CA VAL A 164 -17.55 -25.23 -19.78
C VAL A 164 -17.62 -26.70 -19.33
N ASP A 165 -17.32 -27.64 -20.23
CA ASP A 165 -17.29 -29.02 -19.81
C ASP A 165 -16.02 -29.35 -19.04
N GLU A 166 -14.93 -28.65 -19.34
CA GLU A 166 -13.62 -28.99 -18.83
C GLU A 166 -13.51 -28.63 -17.34
N TYR A 167 -12.29 -28.70 -16.80
CA TYR A 167 -11.97 -28.26 -15.45
C TYR A 167 -11.86 -26.74 -15.43
N PRO A 168 -12.38 -26.09 -14.38
CA PRO A 168 -12.60 -24.65 -14.44
C PRO A 168 -11.29 -23.88 -14.31
N VAL A 169 -11.08 -22.95 -15.25
CA VAL A 169 -9.85 -22.18 -15.38
C VAL A 169 -10.01 -20.85 -14.66
N ASP A 170 -9.33 -20.71 -13.52
CA ASP A 170 -9.52 -19.57 -12.67
C ASP A 170 -8.26 -18.70 -12.53
N THR A 171 -7.33 -18.79 -13.48
CA THR A 171 -6.10 -18.00 -13.40
C THR A 171 -5.85 -17.25 -14.69
N ILE A 172 -5.06 -16.19 -14.58
CA ILE A 172 -4.52 -15.50 -15.74
C ILE A 172 -3.00 -15.52 -15.64
N ALA A 173 -2.34 -15.73 -16.78
CA ALA A 173 -0.91 -15.96 -16.71
C ALA A 173 -0.29 -15.59 -18.04
N LYS A 174 0.88 -14.98 -17.97
CA LYS A 174 1.70 -14.68 -19.13
C LYS A 174 3.14 -15.06 -18.84
N ARG A 175 3.91 -15.28 -19.89
CA ARG A 175 5.26 -15.80 -19.74
C ARG A 175 6.06 -15.56 -21.03
N PHE A 176 7.34 -15.85 -20.93
CA PHE A 176 8.26 -15.87 -22.05
C PHE A 176 8.59 -17.32 -22.37
N ARG A 177 9.00 -17.59 -23.62
CA ARG A 177 9.48 -18.91 -23.95
C ARG A 177 10.89 -19.06 -23.42
N TYR A 178 11.17 -20.16 -22.70
CA TYR A 178 12.39 -20.22 -21.88
C TYR A 178 13.63 -19.87 -22.68
N ASP A 179 13.89 -20.61 -23.78
CA ASP A 179 15.05 -20.29 -24.61
C ASP A 179 15.01 -18.83 -25.04
N SER A 180 13.97 -18.44 -25.78
CA SER A 180 13.84 -17.10 -26.35
C SER A 180 14.20 -16.04 -25.32
N ALA A 181 13.79 -16.33 -24.07
CA ALA A 181 14.15 -15.50 -22.94
C ALA A 181 15.66 -15.51 -22.66
N LEU A 182 16.24 -16.71 -22.57
CA LEU A 182 17.68 -16.84 -22.28
C LEU A 182 18.52 -16.07 -23.29
N VAL A 183 18.33 -16.37 -24.56
CA VAL A 183 18.89 -15.62 -25.68
C VAL A 183 18.87 -14.12 -25.38
N SER A 184 17.70 -13.60 -25.00
CA SER A 184 17.57 -12.16 -24.75
C SER A 184 18.42 -11.75 -23.56
N ALA A 185 18.58 -12.64 -22.58
CA ALA A 185 19.45 -12.32 -21.45
C ALA A 185 20.89 -12.23 -21.90
N LEU A 186 21.36 -13.27 -22.62
CA LEU A 186 22.73 -13.27 -23.12
C LEU A 186 23.02 -11.99 -23.91
N MET A 187 22.16 -11.66 -24.86
CA MET A 187 22.41 -10.47 -25.65
C MET A 187 22.39 -9.23 -24.78
N ASP A 188 21.67 -9.26 -23.67
CA ASP A 188 21.76 -8.15 -22.74
C ASP A 188 23.13 -8.09 -22.08
N MET A 189 23.75 -9.23 -21.87
CA MET A 189 25.04 -9.34 -21.19
C MET A 189 26.24 -9.26 -22.12
N GLU A 190 26.03 -9.09 -23.44
CA GLU A 190 27.14 -9.24 -24.38
C GLU A 190 28.35 -8.41 -23.94
N GLU A 191 28.18 -7.09 -23.80
CA GLU A 191 29.29 -6.24 -23.42
C GLU A 191 30.00 -6.73 -22.16
N ASP A 192 29.24 -7.20 -21.18
CA ASP A 192 29.86 -7.73 -19.97
C ASP A 192 30.57 -9.06 -20.24
N ILE A 193 30.12 -9.82 -21.25
CA ILE A 193 30.80 -11.06 -21.59
C ILE A 193 32.13 -10.78 -22.31
N LEU A 194 32.10 -9.84 -23.27
CA LEU A 194 33.31 -9.43 -23.97
C LEU A 194 34.32 -8.96 -22.96
N GLU A 195 34.06 -7.83 -22.31
CA GLU A 195 35.00 -7.25 -21.34
C GLU A 195 35.43 -8.27 -20.27
N GLY A 196 34.73 -9.37 -20.13
CA GLY A 196 35.11 -10.34 -19.14
C GLY A 196 36.15 -11.29 -19.68
N MET A 197 36.07 -11.57 -20.98
CA MET A 197 37.17 -12.25 -21.67
C MET A 197 38.42 -11.38 -21.67
N ARG A 198 38.29 -10.12 -22.09
CA ARG A 198 39.44 -9.22 -22.14
C ARG A 198 40.22 -9.19 -20.84
N SER A 199 39.53 -8.93 -19.73
CA SER A 199 40.25 -8.87 -18.47
C SER A 199 40.80 -10.23 -18.05
N GLN A 200 40.44 -11.30 -18.75
CA GLN A 200 41.07 -12.60 -18.57
C GLN A 200 42.17 -12.85 -19.59
N ASP A 201 42.49 -11.85 -20.41
CA ASP A 201 43.47 -11.95 -21.50
C ASP A 201 43.10 -13.11 -22.43
N LEU A 202 41.96 -12.92 -23.08
CA LEU A 202 41.43 -13.86 -24.06
C LEU A 202 41.02 -13.09 -25.31
N ASP A 203 40.68 -13.83 -26.36
CA ASP A 203 40.31 -13.21 -27.62
C ASP A 203 38.82 -12.88 -27.58
N ASP A 204 38.50 -11.57 -27.63
CA ASP A 204 37.16 -11.04 -27.86
C ASP A 204 36.35 -11.92 -28.79
N TYR A 205 36.93 -12.20 -29.96
CA TYR A 205 36.28 -12.94 -31.04
C TYR A 205 36.29 -14.43 -30.81
N LEU A 206 37.02 -14.90 -29.80
CA LEU A 206 37.02 -16.31 -29.46
C LEU A 206 35.59 -16.79 -29.21
N ASN A 207 35.25 -17.99 -29.68
CA ASN A 207 33.84 -18.36 -29.76
C ASN A 207 33.55 -19.75 -29.20
N GLY A 208 34.48 -20.33 -28.42
CA GLY A 208 34.42 -21.71 -28.02
C GLY A 208 33.15 -22.07 -27.27
N PRO A 209 33.06 -23.28 -26.73
CA PRO A 209 31.86 -23.63 -25.95
C PRO A 209 31.77 -22.94 -24.60
N PHE A 210 31.02 -21.83 -24.54
CA PHE A 210 30.68 -21.15 -23.29
C PHE A 210 29.78 -22.03 -22.44
N THR A 211 29.70 -21.74 -21.13
CA THR A 211 28.75 -22.45 -20.28
C THR A 211 28.04 -21.48 -19.34
N VAL A 212 26.71 -21.45 -19.41
CA VAL A 212 25.88 -20.51 -18.69
C VAL A 212 25.21 -21.25 -17.53
N VAL A 213 25.58 -20.88 -16.31
CA VAL A 213 24.91 -21.38 -15.13
C VAL A 213 23.81 -20.40 -14.75
N VAL A 214 22.60 -20.94 -14.58
CA VAL A 214 21.39 -20.15 -14.38
C VAL A 214 20.78 -20.55 -13.05
N LYS A 215 20.42 -19.56 -12.23
CA LYS A 215 19.71 -19.83 -10.99
C LYS A 215 18.21 -19.75 -11.24
N GLU A 216 17.49 -20.78 -10.84
CA GLU A 216 16.03 -20.81 -10.97
C GLU A 216 15.37 -20.59 -9.61
N SER A 217 14.37 -19.70 -9.60
CA SER A 217 13.62 -19.33 -8.40
C SER A 217 12.13 -19.34 -8.68
N CYS A 218 11.35 -19.79 -7.69
CA CYS A 218 9.90 -19.75 -7.76
C CYS A 218 9.29 -19.46 -6.38
N ASP A 219 8.26 -18.60 -6.36
CA ASP A 219 7.59 -18.26 -5.10
C ASP A 219 6.15 -17.91 -5.33
N GLY A 220 5.35 -18.07 -4.28
CA GLY A 220 3.99 -17.55 -4.24
C GLY A 220 3.90 -16.23 -3.49
N MET A 221 2.98 -15.39 -3.92
CA MET A 221 2.60 -14.25 -3.11
C MET A 221 1.15 -14.36 -2.62
N GLY A 222 0.90 -13.84 -1.44
CA GLY A 222 -0.44 -13.59 -1.01
C GLY A 222 -0.82 -12.14 -1.20
N ASP A 223 -2.10 -11.86 -1.05
CA ASP A 223 -2.62 -10.50 -0.90
C ASP A 223 -2.44 -9.70 -2.18
N VAL A 224 -2.66 -10.36 -3.30
CA VAL A 224 -2.69 -9.73 -4.60
C VAL A 224 -4.17 -9.44 -4.88
N SER A 225 -4.59 -8.20 -4.66
CA SER A 225 -6.00 -7.83 -4.80
C SER A 225 -6.52 -8.17 -6.19
N GLU A 226 -7.78 -8.55 -6.25
CA GLU A 226 -8.41 -8.79 -7.53
C GLU A 226 -9.06 -7.51 -8.05
N LYS A 227 -8.89 -7.27 -9.34
CA LYS A 227 -9.49 -6.11 -9.95
C LYS A 227 -10.99 -6.32 -10.13
N HIS A 228 -11.71 -5.19 -10.24
CA HIS A 228 -13.07 -5.27 -10.74
C HIS A 228 -12.98 -5.61 -12.23
N GLY A 229 -14.06 -5.49 -12.95
CA GLY A 229 -14.04 -5.76 -14.36
C GLY A 229 -14.29 -7.22 -14.70
N SER A 230 -14.74 -7.44 -15.93
CA SER A 230 -15.04 -8.78 -16.40
C SER A 230 -13.74 -9.54 -16.63
N GLY A 231 -13.83 -10.85 -16.47
CA GLY A 231 -12.68 -11.70 -16.57
C GLY A 231 -12.89 -12.93 -15.73
N PRO A 232 -11.92 -13.86 -15.79
CA PRO A 232 -11.84 -14.92 -14.79
C PRO A 232 -11.94 -14.36 -13.36
N ALA A 233 -12.65 -15.08 -12.49
CA ALA A 233 -12.68 -14.79 -11.07
C ALA A 233 -11.44 -15.44 -10.45
N VAL A 234 -10.32 -14.71 -10.51
CA VAL A 234 -8.99 -15.22 -10.19
C VAL A 234 -8.77 -15.21 -8.68
N PRO A 235 -7.86 -16.02 -8.15
CA PRO A 235 -7.61 -15.99 -6.71
C PRO A 235 -6.74 -14.80 -6.35
N GLU A 236 -6.70 -14.50 -5.05
CA GLU A 236 -6.01 -13.28 -4.64
C GLU A 236 -4.56 -13.52 -4.31
N LYS A 237 -3.91 -14.40 -5.10
CA LYS A 237 -2.52 -14.80 -4.91
C LYS A 237 -1.83 -14.83 -6.28
N ALA A 238 -0.49 -14.65 -6.28
CA ALA A 238 0.32 -14.79 -7.49
C ALA A 238 1.39 -15.85 -7.29
N VAL A 239 1.98 -16.29 -8.41
CA VAL A 239 3.18 -17.12 -8.44
C VAL A 239 4.13 -16.54 -9.46
N ARG A 240 5.42 -16.53 -9.12
CA ARG A 240 6.46 -16.04 -10.03
C ARG A 240 7.56 -17.10 -10.26
N PHE A 241 7.90 -17.33 -11.54
CA PHE A 241 9.10 -18.09 -11.92
C PHE A 241 10.15 -17.14 -12.49
N SER A 242 11.32 -17.09 -11.87
CA SER A 242 12.38 -16.22 -12.35
C SER A 242 13.67 -17.01 -12.53
N PHE A 243 14.61 -16.46 -13.31
CA PHE A 243 15.97 -16.98 -13.42
C PHE A 243 16.97 -15.85 -13.30
N THR A 244 18.13 -16.17 -12.72
CA THR A 244 19.28 -15.25 -12.68
C THR A 244 20.48 -15.91 -13.38
N VAL A 245 21.13 -15.18 -14.29
CA VAL A 245 22.37 -15.65 -14.90
C VAL A 245 23.49 -15.47 -13.89
N MET A 246 24.13 -16.58 -13.50
CA MET A 246 24.99 -16.66 -12.32
C MET A 246 26.48 -16.62 -12.63
N ARG A 247 26.95 -17.43 -13.59
CA ARG A 247 28.32 -17.34 -14.12
C ARG A 247 28.36 -17.93 -15.52
N ILE A 248 29.28 -17.42 -16.33
CA ILE A 248 29.61 -18.01 -17.64
C ILE A 248 31.11 -18.27 -17.71
N THR A 249 31.48 -19.54 -17.93
CA THR A 249 32.87 -19.93 -18.14
C THR A 249 33.06 -20.41 -19.58
N ILE A 250 34.25 -20.16 -20.11
CA ILE A 250 34.65 -20.61 -21.43
C ILE A 250 35.77 -21.63 -21.27
N GLU A 251 35.79 -22.60 -22.19
CA GLU A 251 36.77 -23.69 -22.16
C GLU A 251 37.92 -23.34 -23.13
N HIS A 252 39.07 -22.96 -22.58
CA HIS A 252 40.22 -22.49 -23.35
C HIS A 252 41.44 -23.30 -22.93
N GLY A 253 41.70 -24.37 -23.69
CA GLY A 253 42.68 -25.36 -23.26
C GLY A 253 42.03 -26.42 -22.38
N SER A 254 42.75 -26.82 -21.33
CA SER A 254 42.21 -27.67 -20.28
C SER A 254 41.97 -26.84 -19.03
N GLN A 255 41.38 -25.68 -19.23
CA GLN A 255 41.08 -24.72 -18.19
C GLN A 255 39.70 -24.13 -18.48
N ASN A 256 38.89 -23.90 -17.43
CA ASN A 256 37.60 -23.21 -17.49
C ASN A 256 37.75 -21.79 -16.95
N VAL A 257 37.57 -20.78 -17.82
CA VAL A 257 37.87 -19.38 -17.50
C VAL A 257 36.59 -18.64 -17.11
N LYS A 258 36.57 -18.11 -15.89
CA LYS A 258 35.41 -17.41 -15.39
C LYS A 258 35.29 -16.08 -16.14
N VAL A 259 34.63 -16.14 -17.29
CA VAL A 259 34.35 -14.95 -18.09
C VAL A 259 33.42 -14.00 -17.33
N PHE A 260 32.43 -14.54 -16.63
CA PHE A 260 31.44 -13.69 -15.96
C PHE A 260 30.95 -14.35 -14.68
N GLU A 261 30.80 -13.53 -13.63
CA GLU A 261 30.18 -13.95 -12.38
C GLU A 261 29.34 -12.79 -11.89
N GLU A 262 28.10 -13.06 -11.51
CA GLU A 262 27.19 -11.98 -11.08
C GLU A 262 27.67 -11.32 -9.79
N PRO A 263 27.97 -10.03 -9.80
CA PRO A 263 28.49 -9.38 -8.57
C PRO A 263 27.51 -9.42 -7.43
N LYS A 264 26.22 -9.28 -7.74
CA LYS A 264 25.16 -9.08 -6.78
C LYS A 264 24.12 -10.16 -7.04
N PRO A 265 24.38 -11.38 -6.57
CA PRO A 265 23.52 -12.52 -6.95
C PRO A 265 22.15 -12.50 -6.32
N ASN A 266 21.87 -11.62 -5.38
CA ASN A 266 20.55 -11.64 -4.77
C ASN A 266 19.82 -10.33 -4.98
N SER A 267 20.24 -9.55 -5.99
CA SER A 267 19.60 -8.28 -6.26
C SER A 267 18.38 -8.46 -7.14
N GLU A 268 17.33 -7.70 -6.83
CA GLU A 268 16.20 -7.58 -7.73
C GLU A 268 16.61 -7.19 -9.13
N LEU A 269 17.80 -6.59 -9.29
CA LEU A 269 18.23 -6.02 -10.56
C LEU A 269 18.57 -7.08 -11.58
N CYS A 270 18.82 -8.32 -11.16
CA CYS A 270 19.24 -9.33 -12.09
C CYS A 270 18.44 -10.60 -11.97
N CYS A 271 17.43 -10.61 -11.11
CA CYS A 271 16.47 -11.71 -11.05
C CYS A 271 15.48 -11.53 -12.19
N LYS A 272 15.59 -12.39 -13.22
CA LYS A 272 14.76 -11.93 -14.33
C LYS A 272 13.41 -12.64 -14.34
N PRO A 273 12.33 -11.93 -14.63
CA PRO A 273 11.01 -12.55 -14.61
C PRO A 273 10.80 -13.45 -15.81
N LEU A 274 10.15 -14.57 -15.59
CA LEU A 274 9.91 -15.45 -16.73
C LEU A 274 8.45 -15.91 -16.79
N CYS A 275 7.78 -15.99 -15.65
CA CYS A 275 6.37 -16.38 -15.66
C CYS A 275 5.60 -15.77 -14.49
N LEU A 276 4.58 -14.98 -14.80
CA LEU A 276 3.70 -14.41 -13.80
C LEU A 276 2.32 -15.03 -13.95
N MET A 277 1.75 -15.51 -12.85
CA MET A 277 0.39 -16.02 -12.88
C MET A 277 -0.34 -15.59 -11.61
N LEU A 278 -1.62 -15.29 -11.76
CA LEU A 278 -2.51 -15.12 -10.61
C LEU A 278 -3.08 -16.49 -10.32
N ALA A 279 -2.58 -17.12 -9.27
CA ALA A 279 -2.93 -18.48 -8.92
C ALA A 279 -2.33 -18.75 -7.55
N ASP A 280 -2.65 -19.90 -6.99
CA ASP A 280 -2.20 -20.22 -5.65
C ASP A 280 -1.22 -21.39 -5.73
N GLU A 281 0.01 -21.18 -5.23
CA GLU A 281 1.01 -22.23 -5.24
C GLU A 281 0.47 -23.54 -4.66
N SER A 282 -0.46 -23.45 -3.71
CA SER A 282 -0.98 -24.64 -3.07
C SER A 282 -2.00 -25.39 -3.93
N ASP A 283 -2.44 -24.78 -5.03
CA ASP A 283 -3.41 -25.41 -5.93
C ASP A 283 -2.61 -26.17 -6.98
N HIS A 284 -2.29 -27.43 -6.67
CA HIS A 284 -1.35 -28.19 -7.49
C HIS A 284 -1.84 -28.29 -8.93
N GLU A 285 -3.14 -28.49 -9.13
CA GLU A 285 -3.68 -28.69 -10.46
C GLU A 285 -3.39 -27.49 -11.36
N THR A 286 -3.65 -26.29 -10.87
CA THR A 286 -3.32 -25.16 -11.72
C THR A 286 -1.81 -24.90 -11.78
N LEU A 287 -1.07 -25.19 -10.70
CA LEU A 287 0.35 -24.91 -10.73
C LEU A 287 1.05 -25.71 -11.83
N THR A 288 0.80 -27.02 -11.87
CA THR A 288 1.45 -27.85 -12.89
C THR A 288 0.95 -27.50 -14.27
N ALA A 289 -0.36 -27.28 -14.40
CA ALA A 289 -0.92 -26.83 -15.68
C ALA A 289 -0.09 -25.71 -16.29
N ILE A 290 0.30 -24.73 -15.50
CA ILE A 290 0.95 -23.52 -16.02
C ILE A 290 2.46 -23.69 -16.17
N LEU A 291 3.12 -24.36 -15.23
CA LEU A 291 4.57 -24.46 -15.21
C LEU A 291 5.09 -25.63 -16.03
N SER A 292 4.30 -26.69 -16.20
CA SER A 292 4.77 -27.82 -16.99
C SER A 292 5.29 -27.44 -18.37
N PRO A 293 4.64 -26.56 -19.14
CA PRO A 293 5.26 -26.11 -20.40
C PRO A 293 6.60 -25.45 -20.19
N LEU A 294 6.84 -24.85 -19.03
CA LEU A 294 8.11 -24.18 -18.80
C LEU A 294 9.20 -25.20 -18.52
N ILE A 295 8.87 -26.24 -17.76
CA ILE A 295 9.81 -27.30 -17.44
C ILE A 295 10.11 -28.12 -18.68
N ALA A 296 9.15 -28.26 -19.59
CA ALA A 296 9.43 -28.97 -20.83
C ALA A 296 10.46 -28.21 -21.64
N GLU A 297 10.23 -26.93 -21.89
CA GLU A 297 11.21 -26.11 -22.58
C GLU A 297 12.58 -26.22 -21.93
N ARG A 298 12.63 -26.29 -20.60
CA ARG A 298 13.89 -26.32 -19.90
C ARG A 298 14.56 -27.68 -20.06
N GLU A 299 13.80 -28.77 -19.91
CA GLU A 299 14.32 -30.11 -20.17
C GLU A 299 14.96 -30.19 -21.54
N ALA A 300 14.30 -29.63 -22.54
CA ALA A 300 14.82 -29.66 -23.89
C ALA A 300 16.20 -29.00 -23.98
N MET A 301 16.38 -27.88 -23.29
CA MET A 301 17.64 -27.17 -23.47
C MET A 301 18.81 -27.87 -22.82
N LYS A 302 18.56 -28.91 -22.01
CA LYS A 302 19.67 -29.61 -21.37
C LYS A 302 20.49 -30.39 -22.38
N SER A 303 19.88 -30.75 -23.52
CA SER A 303 20.49 -31.61 -24.53
C SER A 303 20.68 -30.88 -25.86
N SER A 304 21.10 -29.63 -25.83
CA SER A 304 21.40 -28.91 -27.05
C SER A 304 22.38 -27.79 -26.72
N GLU A 305 22.96 -27.23 -27.77
CA GLU A 305 23.90 -26.14 -27.65
C GLU A 305 23.35 -24.99 -28.47
N LEU A 306 23.30 -23.82 -27.86
CA LEU A 306 22.66 -22.67 -28.48
C LEU A 306 23.73 -21.92 -29.25
N THR A 307 23.62 -21.91 -30.56
CA THR A 307 24.52 -21.07 -31.35
C THR A 307 23.82 -19.74 -31.56
N LEU A 308 24.55 -18.65 -31.30
CA LEU A 308 23.98 -17.31 -31.28
C LEU A 308 25.09 -16.31 -31.58
N GLU A 309 24.72 -15.22 -32.28
CA GLU A 309 25.68 -14.33 -32.92
C GLU A 309 25.90 -13.09 -32.05
N MET A 310 27.08 -13.03 -31.45
CA MET A 310 27.49 -11.97 -30.53
C MET A 310 28.64 -11.19 -31.18
N GLY A 311 28.39 -9.92 -31.48
CA GLY A 311 29.42 -9.04 -32.03
C GLY A 311 29.97 -9.40 -33.40
N GLY A 312 29.19 -10.11 -34.23
CA GLY A 312 29.64 -10.61 -35.52
C GLY A 312 29.98 -12.09 -35.53
N ILE A 313 30.56 -12.59 -34.46
CA ILE A 313 31.12 -13.94 -34.41
C ILE A 313 30.09 -14.86 -33.75
N PRO A 314 29.62 -15.89 -34.42
CA PRO A 314 28.74 -16.87 -33.78
C PRO A 314 29.40 -17.54 -32.59
N ARG A 315 28.69 -17.59 -31.47
CA ARG A 315 29.17 -18.23 -30.26
C ARG A 315 28.25 -19.39 -29.90
N THR A 316 28.76 -20.35 -29.15
CA THR A 316 27.93 -21.44 -28.68
C THR A 316 27.91 -21.45 -27.16
N PHE A 317 26.70 -21.69 -26.62
CA PHE A 317 26.43 -21.70 -25.19
C PHE A 317 25.77 -23.02 -24.79
N LYS A 318 26.28 -23.64 -23.74
CA LYS A 318 25.64 -24.76 -23.07
C LYS A 318 25.07 -24.24 -21.76
N PHE A 319 24.00 -24.87 -21.26
CA PHE A 319 23.29 -24.35 -20.10
C PHE A 319 23.22 -25.37 -18.96
N ILE A 320 23.53 -24.91 -17.75
CA ILE A 320 23.29 -25.67 -16.53
C ILE A 320 22.26 -24.95 -15.68
N PHE A 321 21.20 -25.67 -15.33
CA PHE A 321 20.08 -25.10 -14.60
C PHE A 321 20.13 -25.55 -13.14
N ARG A 322 20.14 -24.59 -12.23
CA ARG A 322 20.12 -24.85 -10.79
C ARG A 322 18.88 -24.23 -10.13
N GLY A 323 17.89 -25.06 -9.82
CA GLY A 323 16.75 -24.60 -9.09
C GLY A 323 16.99 -24.55 -7.59
N THR A 324 17.33 -23.35 -7.10
CA THR A 324 17.65 -23.16 -5.70
C THR A 324 16.89 -22.05 -5.02
N GLY A 325 16.28 -21.13 -5.77
CA GLY A 325 15.48 -20.09 -5.11
C GLY A 325 14.08 -20.57 -4.78
N TYR A 326 13.96 -21.64 -4.00
CA TYR A 326 12.69 -22.20 -3.58
C TYR A 326 12.68 -22.28 -2.06
N ASP A 327 11.57 -21.91 -1.46
CA ASP A 327 11.48 -22.15 -0.03
C ASP A 327 11.15 -23.62 0.20
N GLU A 328 11.36 -24.09 1.43
CA GLU A 328 11.17 -25.52 1.68
C GLU A 328 9.73 -25.92 1.40
N LYS A 329 8.79 -25.03 1.64
CA LYS A 329 7.40 -25.36 1.36
C LYS A 329 7.23 -25.74 -0.11
N LEU A 330 7.79 -24.91 -1.00
CA LEU A 330 7.60 -25.12 -2.43
C LEU A 330 8.43 -26.27 -2.94
N VAL A 331 9.65 -26.42 -2.42
CA VAL A 331 10.46 -27.58 -2.78
C VAL A 331 9.65 -28.85 -2.56
N ARG A 332 9.22 -29.08 -1.32
CA ARG A 332 8.46 -30.27 -0.98
C ARG A 332 7.25 -30.43 -1.90
N GLU A 333 6.63 -29.33 -2.29
CA GLU A 333 5.43 -29.42 -3.10
C GLU A 333 5.75 -29.94 -4.49
N VAL A 334 6.81 -29.42 -5.10
CA VAL A 334 7.17 -29.76 -6.48
C VAL A 334 8.03 -31.01 -6.61
N GLU A 335 8.50 -31.58 -5.50
CA GLU A 335 9.30 -32.80 -5.55
C GLU A 335 8.60 -33.95 -4.85
N GLY A 336 7.28 -33.95 -4.84
CA GLY A 336 6.51 -35.03 -4.26
C GLY A 336 6.73 -35.36 -2.79
N LEU A 337 7.50 -34.55 -2.06
CA LEU A 337 7.72 -34.82 -0.64
C LEU A 337 6.53 -34.38 0.21
N GLU A 338 6.49 -34.91 1.42
CA GLU A 338 5.42 -34.58 2.34
C GLU A 338 5.60 -33.16 2.84
N ALA A 339 4.60 -32.68 3.58
CA ALA A 339 4.65 -31.30 4.08
C ALA A 339 5.57 -31.21 5.30
N SER A 340 5.93 -29.98 5.66
CA SER A 340 7.04 -29.80 6.59
C SER A 340 6.72 -30.27 7.99
N GLY A 341 5.46 -30.62 8.27
CA GLY A 341 5.15 -31.22 9.54
C GLY A 341 5.71 -32.61 9.71
N SER A 342 5.94 -33.32 8.61
CA SER A 342 6.13 -34.75 8.63
C SER A 342 7.33 -35.14 9.48
N VAL A 343 7.41 -36.43 9.82
CA VAL A 343 8.64 -36.97 10.39
C VAL A 343 9.82 -36.93 9.42
N TYR A 344 9.57 -36.83 8.12
CA TYR A 344 10.68 -36.84 7.17
C TYR A 344 11.11 -35.41 6.96
N ILE A 345 12.01 -34.94 7.82
CA ILE A 345 12.16 -33.50 8.00
C ILE A 345 13.10 -32.89 6.99
N CYS A 346 14.06 -33.65 6.47
CA CYS A 346 14.96 -33.12 5.47
C CYS A 346 14.38 -33.34 4.07
N THR A 347 14.63 -32.39 3.19
CA THR A 347 14.47 -32.58 1.75
C THR A 347 15.77 -32.96 1.09
N LEU A 348 16.83 -33.14 1.88
CA LEU A 348 18.13 -33.52 1.36
C LEU A 348 18.54 -34.92 1.80
N CYS A 349 17.89 -35.49 2.81
CA CYS A 349 18.25 -36.81 3.29
C CYS A 349 16.99 -37.55 3.76
N ASP A 350 17.14 -38.83 4.12
CA ASP A 350 16.04 -39.68 4.52
C ASP A 350 15.86 -39.71 6.01
N THR A 351 16.54 -38.83 6.73
CA THR A 351 16.47 -38.89 8.19
C THR A 351 15.06 -38.61 8.64
N THR A 352 14.80 -39.03 9.87
CA THR A 352 13.51 -38.79 10.50
C THR A 352 13.70 -37.79 11.65
N ARG A 353 12.60 -37.12 12.01
CA ARG A 353 12.66 -36.08 13.04
C ARG A 353 13.31 -36.59 14.31
N LEU A 354 12.89 -37.77 14.78
CA LEU A 354 13.52 -38.35 15.96
C LEU A 354 15.00 -38.63 15.72
N GLU A 355 15.35 -39.16 14.55
CA GLU A 355 16.76 -39.46 14.27
C GLU A 355 17.60 -38.19 14.29
N ALA A 356 17.11 -37.11 13.71
CA ALA A 356 17.90 -35.88 13.64
C ALA A 356 18.13 -35.28 15.03
N SER A 357 17.29 -35.65 15.99
CA SER A 357 17.44 -35.15 17.35
C SER A 357 18.53 -35.87 18.12
N GLN A 358 18.79 -37.14 17.78
CA GLN A 358 19.76 -37.99 18.46
C GLN A 358 21.15 -37.94 17.84
N ASN A 359 21.23 -37.88 16.52
CA ASN A 359 22.54 -37.86 15.89
C ASN A 359 23.00 -36.41 15.64
N LEU A 360 22.09 -35.59 15.10
CA LEU A 360 22.26 -34.15 14.90
C LEU A 360 23.14 -33.78 13.69
N VAL A 361 24.32 -34.40 13.53
CA VAL A 361 25.32 -33.83 12.63
C VAL A 361 25.74 -34.74 11.47
N PHE A 362 25.74 -36.07 11.67
CA PHE A 362 26.31 -36.99 10.68
C PHE A 362 25.22 -37.55 9.77
N HIS A 363 24.92 -36.79 8.72
CA HIS A 363 24.00 -37.18 7.66
C HIS A 363 24.53 -36.62 6.35
N SER A 364 24.35 -37.35 5.26
CA SER A 364 24.82 -36.87 3.97
C SER A 364 23.63 -36.72 3.04
N ILE A 365 23.85 -35.98 1.96
CA ILE A 365 22.78 -35.70 1.02
C ILE A 365 22.49 -36.96 0.21
N THR A 366 21.22 -37.39 0.20
CA THR A 366 20.83 -38.62 -0.48
C THR A 366 19.66 -38.40 -1.44
N ARG A 367 18.71 -37.52 -1.10
CA ARG A 367 17.59 -37.29 -2.00
C ARG A 367 18.03 -36.52 -3.25
N SER A 368 17.26 -36.70 -4.32
CA SER A 368 17.51 -36.08 -5.62
C SER A 368 16.24 -36.20 -6.42
N HIS A 369 16.04 -35.24 -7.33
CA HIS A 369 14.86 -35.29 -8.19
C HIS A 369 14.73 -36.65 -8.85
N ALA A 370 15.87 -37.24 -9.20
CA ALA A 370 15.86 -38.56 -9.83
C ALA A 370 15.37 -39.61 -8.84
N GLU A 371 15.97 -39.65 -7.65
CA GLU A 371 15.58 -40.63 -6.65
C GLU A 371 14.09 -40.53 -6.39
N ASN A 372 13.58 -39.31 -6.24
CA ASN A 372 12.19 -39.12 -5.84
C ASN A 372 11.26 -39.73 -6.88
N LEU A 373 11.50 -39.41 -8.15
CA LEU A 373 10.72 -39.98 -9.24
C LEU A 373 10.65 -41.50 -9.17
N GLN A 374 11.79 -42.17 -8.92
CA GLN A 374 11.75 -43.61 -8.67
C GLN A 374 10.76 -43.93 -7.57
N ARG A 375 10.91 -43.27 -6.42
CA ARG A 375 10.19 -43.67 -5.23
C ARG A 375 8.71 -43.44 -5.36
N TYR A 376 8.30 -42.38 -6.07
CA TYR A 376 6.88 -42.26 -6.34
C TYR A 376 6.41 -43.52 -7.02
N GLU A 377 7.06 -43.90 -8.13
CA GLU A 377 6.64 -45.08 -8.84
C GLU A 377 6.61 -46.29 -7.92
N VAL A 378 7.59 -46.40 -7.01
CA VAL A 378 7.56 -47.45 -6.00
C VAL A 378 6.31 -47.31 -5.14
N TRP A 379 6.02 -46.08 -4.70
CA TRP A 379 4.80 -45.85 -3.95
C TRP A 379 3.62 -46.38 -4.76
N ARG A 380 3.49 -45.88 -6.00
CA ARG A 380 2.26 -46.07 -6.76
C ARG A 380 2.01 -47.54 -7.04
N SER A 381 3.06 -48.29 -7.33
CA SER A 381 2.93 -49.67 -7.76
C SER A 381 2.98 -50.65 -6.59
N ASN A 382 3.64 -50.29 -5.51
CA ASN A 382 3.74 -51.13 -4.31
C ASN A 382 4.28 -52.52 -4.65
N PRO A 383 5.50 -52.62 -5.16
CA PRO A 383 5.95 -53.90 -5.71
C PRO A 383 6.15 -54.99 -4.68
N TYR A 384 6.31 -54.69 -3.41
CA TYR A 384 6.47 -55.72 -2.39
C TYR A 384 5.19 -55.96 -1.63
N HIS A 385 4.04 -55.63 -2.24
CA HIS A 385 2.71 -55.75 -1.65
C HIS A 385 2.76 -55.55 -0.14
N GLU A 386 3.13 -54.32 0.25
CA GLU A 386 3.40 -53.89 1.62
C GLU A 386 2.18 -53.18 2.20
N SER A 387 2.19 -53.02 3.53
CA SER A 387 1.22 -52.15 4.17
C SER A 387 1.63 -50.68 4.02
N VAL A 388 0.68 -49.78 4.29
CA VAL A 388 0.91 -48.38 3.95
C VAL A 388 1.97 -47.77 4.86
N GLU A 389 1.99 -48.15 6.12
CA GLU A 389 3.09 -47.76 7.00
C GLU A 389 4.42 -48.21 6.41
N GLU A 390 4.52 -49.51 6.10
CA GLU A 390 5.74 -50.06 5.51
C GLU A 390 6.03 -49.44 4.16
N LEU A 391 5.00 -49.25 3.33
CA LEU A 391 5.21 -48.66 2.02
C LEU A 391 5.80 -47.26 2.17
N ARG A 392 5.20 -46.45 3.05
CA ARG A 392 5.68 -45.08 3.30
C ARG A 392 7.08 -45.08 3.88
N ASP A 393 7.33 -45.96 4.84
CA ASP A 393 8.70 -46.15 5.32
C ASP A 393 9.65 -46.41 4.16
N ARG A 394 9.27 -47.31 3.25
CA ARG A 394 10.13 -47.74 2.16
C ARG A 394 10.46 -46.58 1.23
N VAL A 395 9.43 -45.83 0.82
CA VAL A 395 9.67 -44.69 -0.05
C VAL A 395 10.06 -43.42 0.72
N LYS A 396 10.21 -43.52 2.04
CA LYS A 396 10.70 -42.40 2.86
C LYS A 396 9.86 -41.13 2.68
N GLY A 397 8.53 -41.31 2.58
CA GLY A 397 7.63 -40.18 2.46
C GLY A 397 7.38 -39.69 1.05
N VAL A 398 8.03 -40.24 0.04
CA VAL A 398 7.83 -39.73 -1.30
C VAL A 398 6.57 -40.33 -1.88
N SER A 399 5.43 -39.71 -1.63
CA SER A 399 4.20 -40.35 -2.03
C SER A 399 3.41 -39.52 -3.05
N ALA A 400 4.07 -38.56 -3.73
CA ALA A 400 3.48 -37.91 -4.89
C ALA A 400 4.53 -37.78 -5.98
N LYS A 401 4.07 -37.59 -7.22
CA LYS A 401 4.99 -37.57 -8.37
C LYS A 401 5.61 -36.20 -8.54
N PRO A 402 6.92 -36.07 -8.45
CA PRO A 402 7.56 -34.77 -8.67
C PRO A 402 7.31 -34.26 -10.08
N PHE A 403 7.45 -32.96 -10.25
CA PHE A 403 7.37 -32.42 -11.59
C PHE A 403 8.35 -31.29 -11.83
N ILE A 404 9.20 -30.94 -10.87
CA ILE A 404 10.22 -29.91 -11.07
C ILE A 404 11.51 -30.37 -10.42
N GLU A 405 12.62 -30.21 -11.14
CA GLU A 405 13.92 -30.64 -10.67
C GLU A 405 14.56 -29.51 -9.88
N THR A 406 14.77 -29.73 -8.58
CA THR A 406 15.50 -28.77 -7.77
C THR A 406 16.77 -29.41 -7.27
N VAL A 407 17.77 -28.56 -7.06
CA VAL A 407 19.00 -28.91 -6.35
C VAL A 407 18.66 -29.23 -4.90
N PRO A 408 19.30 -30.20 -4.29
CA PRO A 408 19.10 -30.39 -2.86
C PRO A 408 19.95 -29.44 -2.06
N SER A 409 19.44 -28.27 -1.73
CA SER A 409 20.27 -27.28 -1.04
C SER A 409 19.50 -26.67 0.12
N ILE A 410 20.00 -25.53 0.57
CA ILE A 410 19.42 -24.79 1.67
C ILE A 410 19.26 -23.37 1.18
N ASP A 411 18.09 -22.81 1.43
CA ASP A 411 17.87 -21.41 1.16
C ASP A 411 18.27 -20.59 2.38
N ALA A 412 19.19 -19.64 2.18
CA ALA A 412 19.72 -18.91 3.31
C ALA A 412 18.64 -18.02 3.94
N LEU A 413 17.90 -17.28 3.10
CA LEU A 413 16.94 -16.32 3.64
C LEU A 413 16.01 -16.99 4.62
N HIS A 414 15.32 -18.05 4.17
CA HIS A 414 14.40 -18.75 5.02
C HIS A 414 15.10 -19.50 6.12
N CYS A 415 16.29 -20.01 5.85
CA CYS A 415 17.08 -20.60 6.93
C CYS A 415 17.35 -19.58 8.03
N ASP A 416 17.90 -18.43 7.64
CA ASP A 416 18.15 -17.34 8.57
C ASP A 416 16.90 -16.99 9.36
N ILE A 417 15.76 -16.91 8.68
CA ILE A 417 14.49 -16.59 9.36
C ILE A 417 14.12 -17.68 10.34
N GLY A 418 13.93 -18.89 9.87
CA GLY A 418 13.51 -19.97 10.75
C GLY A 418 14.39 -20.10 11.97
N ASN A 419 15.68 -19.92 11.80
CA ASN A 419 16.57 -20.08 12.94
C ASN A 419 16.27 -19.03 14.00
N ALA A 420 16.23 -17.77 13.60
CA ALA A 420 15.95 -16.68 14.52
C ALA A 420 14.63 -16.89 15.23
N ALA A 421 13.62 -17.34 14.48
CA ALA A 421 12.32 -17.63 15.04
C ALA A 421 12.43 -18.67 16.16
N GLU A 422 13.28 -19.69 15.97
CA GLU A 422 13.56 -20.63 17.05
C GLU A 422 14.24 -19.96 18.22
N PHE A 423 15.28 -19.17 17.96
CA PHE A 423 15.93 -18.50 19.07
C PHE A 423 14.95 -17.64 19.84
N TYR A 424 14.12 -16.89 19.14
CA TYR A 424 13.06 -16.13 19.79
C TYR A 424 12.22 -17.01 20.70
N LYS A 425 12.03 -18.27 20.34
CA LYS A 425 11.31 -19.15 21.25
C LYS A 425 12.16 -19.55 22.45
N ILE A 426 13.42 -19.92 22.23
CA ILE A 426 14.28 -20.29 23.36
C ILE A 426 14.32 -19.16 24.39
N PHE A 427 14.47 -17.93 23.88
CA PHE A 427 14.52 -16.76 24.74
C PHE A 427 13.33 -16.71 25.69
N GLN A 428 12.12 -16.86 25.13
CA GLN A 428 10.90 -16.98 25.92
C GLN A 428 11.02 -18.08 26.97
N LEU A 429 11.36 -19.29 26.55
CA LEU A 429 11.42 -20.41 27.48
C LEU A 429 12.60 -20.32 28.43
N GLU A 430 13.54 -19.41 28.19
CA GLU A 430 14.58 -19.19 29.17
C GLU A 430 14.15 -18.17 30.21
N ILE A 431 13.29 -17.24 29.80
CA ILE A 431 12.65 -16.30 30.71
C ILE A 431 11.71 -17.00 31.67
N GLY A 432 10.90 -17.92 31.19
CA GLY A 432 10.04 -18.63 32.09
C GLY A 432 10.71 -19.73 32.88
N GLU A 433 12.03 -19.88 32.73
CA GLU A 433 12.79 -20.91 33.46
C GLU A 433 12.24 -22.32 33.21
N VAL A 434 11.80 -22.59 31.97
CA VAL A 434 11.27 -23.91 31.62
C VAL A 434 12.32 -25.00 31.80
N TYR A 435 13.61 -24.62 31.82
CA TYR A 435 14.64 -25.61 32.10
C TYR A 435 14.52 -26.21 33.50
N LYS A 436 13.68 -25.61 34.35
CA LYS A 436 13.51 -25.99 35.74
C LYS A 436 12.06 -26.28 36.13
N HIS A 437 11.09 -25.58 35.53
CA HIS A 437 9.66 -25.76 35.81
C HIS A 437 8.94 -26.24 34.55
N PRO A 438 8.60 -27.52 34.45
CA PRO A 438 8.16 -28.07 33.16
C PRO A 438 6.80 -27.58 32.68
N ASN A 439 5.82 -27.38 33.56
CA ASN A 439 4.45 -27.06 33.12
C ASN A 439 4.17 -25.58 33.30
N ALA A 440 3.38 -25.01 32.38
CA ALA A 440 3.07 -23.59 32.46
C ALA A 440 1.85 -23.27 31.63
N SER A 441 0.90 -22.54 32.23
CA SER A 441 -0.36 -22.23 31.57
C SER A 441 -0.16 -21.37 30.33
N LYS A 442 -1.12 -21.43 29.41
CA LYS A 442 -1.04 -20.57 28.24
C LYS A 442 -0.88 -19.11 28.66
N GLU A 443 -1.60 -18.70 29.71
CA GLU A 443 -1.50 -17.34 30.21
C GLU A 443 -0.10 -17.05 30.72
N GLU A 444 0.55 -18.04 31.34
CA GLU A 444 1.90 -17.84 31.87
C GLU A 444 2.92 -17.69 30.73
N ARG A 445 2.69 -18.36 29.61
CA ARG A 445 3.58 -18.25 28.46
C ARG A 445 3.35 -16.96 27.71
N LYS A 446 2.10 -16.51 27.61
CA LYS A 446 1.83 -15.23 26.95
C LYS A 446 2.68 -14.13 27.54
N ARG A 447 2.89 -14.17 28.85
CA ARG A 447 3.58 -13.06 29.50
C ARG A 447 5.10 -13.17 29.32
N TRP A 448 5.62 -14.38 29.25
CA TRP A 448 7.01 -14.54 28.85
C TRP A 448 7.28 -13.85 27.53
N GLN A 449 6.39 -14.02 26.55
CA GLN A 449 6.56 -13.34 25.27
C GLN A 449 6.40 -11.83 25.40
N ALA A 450 5.43 -11.36 26.19
CA ALA A 450 5.30 -9.92 26.39
C ALA A 450 6.53 -9.31 27.06
N THR A 451 7.09 -10.01 28.07
CA THR A 451 8.30 -9.55 28.71
C THR A 451 9.40 -9.34 27.69
N LEU A 452 9.72 -10.41 26.97
CA LEU A 452 10.77 -10.37 25.96
C LEU A 452 10.46 -9.33 24.91
N ASP A 453 9.19 -9.18 24.55
CA ASP A 453 8.85 -8.22 23.51
C ASP A 453 9.15 -6.80 23.96
N LYS A 454 8.64 -6.43 25.14
CA LYS A 454 8.95 -5.11 25.68
C LYS A 454 10.45 -4.87 25.71
N HIS A 455 11.22 -5.87 26.15
CA HIS A 455 12.64 -5.64 26.36
C HIS A 455 13.38 -5.42 25.04
N LEU A 456 13.09 -6.25 24.04
CA LEU A 456 13.71 -6.07 22.72
C LEU A 456 13.45 -4.66 22.19
N ARG A 457 12.30 -4.09 22.54
CA ARG A 457 12.03 -2.69 22.19
C ARG A 457 12.92 -1.73 22.98
N LYS A 458 13.11 -1.97 24.28
CA LYS A 458 13.88 -1.03 25.10
C LYS A 458 15.36 -1.09 24.76
N ARG A 459 15.90 -2.30 24.62
CA ARG A 459 17.33 -2.49 24.47
C ARG A 459 17.79 -2.55 23.03
N MET A 460 16.93 -2.98 22.10
CA MET A 460 17.32 -3.19 20.71
C MET A 460 16.48 -2.41 19.68
N ASN A 461 15.52 -1.61 20.12
CA ASN A 461 14.69 -0.82 19.21
C ASN A 461 13.92 -1.70 18.21
N LEU A 462 13.48 -2.88 18.65
CA LEU A 462 12.68 -3.75 17.81
C LEU A 462 11.22 -3.65 18.25
N LYS A 463 10.34 -3.23 17.34
CA LYS A 463 8.91 -3.39 17.61
C LYS A 463 8.50 -4.84 17.33
N PRO A 464 7.51 -5.35 18.04
CA PRO A 464 7.02 -6.70 17.72
C PRO A 464 6.43 -6.76 16.34
N ILE A 465 6.70 -7.88 15.64
CA ILE A 465 6.04 -8.13 14.36
C ILE A 465 5.32 -9.47 14.39
N MET A 466 4.33 -9.60 13.50
CA MET A 466 3.41 -10.72 13.56
C MET A 466 4.08 -12.01 13.12
N ARG A 467 4.74 -11.99 11.95
CA ARG A 467 5.52 -13.13 11.46
C ARG A 467 6.97 -12.68 11.23
N MET A 468 7.89 -13.62 11.41
CA MET A 468 9.33 -13.35 11.45
C MET A 468 9.89 -12.94 10.09
N ASN A 469 10.91 -12.11 10.16
CA ASN A 469 11.40 -11.14 9.19
C ASN A 469 12.86 -11.42 8.87
N GLY A 470 13.27 -11.15 7.65
CA GLY A 470 14.70 -11.13 7.40
C GLY A 470 15.50 -10.15 8.26
N ASN A 471 15.13 -8.87 8.26
CA ASN A 471 15.93 -7.93 9.03
C ASN A 471 15.78 -8.19 10.52
N PHE A 472 14.57 -8.50 10.98
CA PHE A 472 14.41 -8.82 12.40
C PHE A 472 15.39 -9.91 12.80
N ALA A 473 15.43 -11.00 12.02
CA ALA A 473 16.41 -12.05 12.26
C ALA A 473 17.82 -11.48 12.23
N ARG A 474 18.12 -10.67 11.20
CA ARG A 474 19.46 -10.11 11.07
C ARG A 474 19.88 -9.37 12.34
N LYS A 475 18.92 -8.69 12.99
CA LYS A 475 19.18 -7.86 14.15
C LYS A 475 19.00 -8.61 15.47
N LEU A 476 18.15 -9.63 15.51
CA LEU A 476 17.96 -10.38 16.74
C LEU A 476 19.14 -11.28 17.05
N MET A 477 19.65 -11.99 16.04
CA MET A 477 20.77 -12.92 16.21
C MET A 477 22.09 -12.19 16.35
N THR A 478 22.22 -11.34 17.37
CA THR A 478 23.50 -10.77 17.74
C THR A 478 23.77 -11.13 19.19
N GLN A 479 25.02 -10.93 19.59
CA GLN A 479 25.40 -11.19 20.98
C GLN A 479 24.95 -10.06 21.89
N GLU A 480 24.82 -8.85 21.33
CA GLU A 480 24.21 -7.75 22.06
C GLU A 480 22.80 -8.09 22.49
N THR A 481 22.05 -8.78 21.63
CA THR A 481 20.68 -9.17 21.98
C THR A 481 20.69 -10.20 23.09
N VAL A 482 21.71 -11.05 23.14
CA VAL A 482 21.77 -12.03 24.22
C VAL A 482 21.99 -11.32 25.55
N ASP A 483 22.87 -10.30 25.55
CA ASP A 483 23.01 -9.41 26.71
C ASP A 483 21.66 -8.88 27.16
N ALA A 484 20.93 -8.25 26.23
CA ALA A 484 19.59 -7.80 26.53
C ALA A 484 18.80 -8.92 27.20
N VAL A 485 18.81 -10.11 26.61
CA VAL A 485 17.96 -11.17 27.12
C VAL A 485 18.46 -11.70 28.45
N CYS A 486 19.74 -11.58 28.75
CA CYS A 486 20.19 -12.11 30.03
C CYS A 486 19.64 -11.28 31.19
N GLU A 487 19.42 -9.97 31.00
CA GLU A 487 18.81 -9.11 32.02
C GLU A 487 17.46 -9.63 32.52
N LEU A 488 16.91 -10.67 31.88
CA LEU A 488 15.60 -11.19 32.21
C LEU A 488 15.65 -12.62 32.75
N ILE A 489 16.80 -13.26 32.70
CA ILE A 489 17.01 -14.63 33.17
C ILE A 489 17.83 -14.57 34.45
N PRO A 490 17.38 -15.18 35.53
CA PRO A 490 18.09 -15.08 36.81
C PRO A 490 19.42 -15.83 36.84
N SER A 491 19.44 -17.07 36.36
CA SER A 491 20.58 -17.96 36.57
C SER A 491 21.68 -17.64 35.59
N GLU A 492 22.86 -17.27 36.10
CA GLU A 492 23.97 -17.02 35.19
C GLU A 492 24.61 -18.30 34.66
N GLU A 493 24.26 -19.47 35.23
CA GLU A 493 24.63 -20.72 34.57
C GLU A 493 24.00 -20.80 33.20
N ARG A 494 22.86 -20.15 33.00
CA ARG A 494 22.20 -20.16 31.71
C ARG A 494 22.50 -18.93 30.89
N HIS A 495 23.02 -17.87 31.50
CA HIS A 495 23.61 -16.84 30.67
C HIS A 495 24.76 -17.42 29.86
N GLU A 496 25.53 -18.31 30.50
CA GLU A 496 26.68 -18.93 29.84
C GLU A 496 26.23 -19.83 28.70
N ALA A 497 25.16 -20.60 28.91
CA ALA A 497 24.64 -21.47 27.87
C ALA A 497 24.16 -20.67 26.67
N LEU A 498 23.33 -19.64 26.90
CA LEU A 498 22.87 -18.79 25.80
C LEU A 498 24.04 -18.16 25.07
N ARG A 499 24.95 -17.50 25.82
CA ARG A 499 26.09 -16.84 25.19
C ARG A 499 26.87 -17.79 24.28
N GLU A 500 27.09 -19.04 24.73
CA GLU A 500 27.84 -19.99 23.90
C GLU A 500 27.03 -20.36 22.66
N LEU A 501 25.79 -20.82 22.87
CA LEU A 501 24.92 -21.18 21.75
C LEU A 501 24.92 -20.09 20.68
N MET A 502 24.88 -18.83 21.10
CA MET A 502 24.88 -17.77 20.11
C MET A 502 26.26 -17.56 19.50
N ASP A 503 27.32 -17.79 20.27
CA ASP A 503 28.66 -17.70 19.70
C ASP A 503 28.84 -18.72 18.57
N LEU A 504 28.52 -20.00 18.86
CA LEU A 504 28.60 -21.05 17.85
C LEU A 504 27.81 -20.69 16.60
N TYR A 505 26.57 -20.23 16.79
CA TYR A 505 25.74 -19.85 15.66
C TYR A 505 26.42 -18.75 14.83
N LEU A 506 26.99 -17.74 15.49
CA LEU A 506 27.57 -16.64 14.74
C LEU A 506 28.90 -17.02 14.11
N LYS A 507 29.58 -18.03 14.65
CA LYS A 507 30.69 -18.66 13.94
C LYS A 507 30.22 -19.37 12.68
N MET A 508 29.08 -20.10 12.78
CA MET A 508 28.53 -20.90 11.69
C MET A 508 27.90 -20.06 10.58
N LYS A 509 26.93 -19.20 10.91
CA LYS A 509 26.19 -18.41 9.92
C LYS A 509 27.02 -17.91 8.74
N PRO A 510 28.20 -17.27 8.93
CA PRO A 510 28.90 -16.75 7.73
C PRO A 510 29.20 -17.82 6.69
N VAL A 511 29.37 -19.08 7.09
CA VAL A 511 29.60 -20.12 6.10
C VAL A 511 28.44 -20.16 5.09
N TRP A 512 27.18 -20.21 5.57
CA TRP A 512 26.08 -20.42 4.63
C TRP A 512 25.41 -19.13 4.16
N ARG A 513 25.94 -17.95 4.50
CA ARG A 513 25.42 -16.70 3.96
C ARG A 513 26.36 -16.00 2.98
N SER A 514 27.68 -16.18 3.09
CA SER A 514 28.60 -15.43 2.23
C SER A 514 28.64 -15.99 0.81
N SER A 515 29.16 -15.16 -0.10
CA SER A 515 29.26 -15.57 -1.49
C SER A 515 30.41 -16.56 -1.71
N CYS A 516 31.55 -16.33 -1.08
CA CYS A 516 32.71 -17.23 -1.19
C CYS A 516 33.30 -17.47 0.17
N PRO A 517 32.71 -18.38 0.96
CA PRO A 517 33.27 -18.62 2.31
C PRO A 517 34.76 -18.97 2.29
N ALA A 518 35.20 -19.78 1.33
CA ALA A 518 36.61 -20.10 1.19
C ALA A 518 37.49 -18.87 1.28
N LYS A 519 37.10 -17.80 0.58
CA LYS A 519 37.82 -16.54 0.59
C LYS A 519 37.46 -15.61 1.75
N GLU A 520 36.25 -15.70 2.30
CA GLU A 520 35.71 -14.65 3.15
C GLU A 520 35.67 -14.98 4.62
N CYS A 521 35.61 -16.24 4.98
CA CYS A 521 35.71 -16.63 6.38
C CYS A 521 36.30 -18.04 6.44
N PRO A 522 37.49 -18.23 5.89
CA PRO A 522 38.02 -19.59 5.81
C PRO A 522 38.08 -20.30 7.13
N GLU A 523 38.32 -19.59 8.23
CA GLU A 523 38.40 -20.31 9.50
C GLU A 523 37.02 -20.68 9.99
N SER A 524 36.00 -19.88 9.66
CA SER A 524 34.65 -20.32 9.94
C SER A 524 34.30 -21.55 9.13
N LEU A 525 34.70 -21.59 7.85
CA LEU A 525 34.42 -22.77 7.01
C LEU A 525 35.18 -23.99 7.52
N CYS A 526 36.43 -23.79 7.91
CA CYS A 526 37.26 -24.90 8.37
C CYS A 526 36.67 -25.57 9.62
N GLN A 527 36.16 -24.76 10.55
CA GLN A 527 35.71 -25.28 11.83
C GLN A 527 34.26 -25.74 11.84
N TYR A 528 33.55 -25.69 10.70
CA TYR A 528 32.10 -25.86 10.73
C TYR A 528 31.72 -27.21 11.33
N SER A 529 32.34 -28.28 10.87
CA SER A 529 32.01 -29.59 11.44
C SER A 529 32.29 -29.63 12.94
N PHE A 530 33.28 -28.87 13.41
CA PHE A 530 33.61 -28.86 14.84
C PHE A 530 32.62 -28.01 15.62
N ASN A 531 32.32 -26.80 15.14
CA ASN A 531 31.40 -25.93 15.85
C ASN A 531 30.00 -26.50 15.88
N SER A 532 29.57 -27.07 14.74
CA SER A 532 28.23 -27.64 14.70
C SER A 532 28.08 -28.85 15.60
N GLN A 533 29.18 -29.51 15.96
CA GLN A 533 29.06 -30.60 16.91
C GLN A 533 28.78 -30.08 18.31
N ARG A 534 29.45 -29.01 18.72
CA ARG A 534 29.28 -28.50 20.07
C ARG A 534 27.90 -27.87 20.24
N PHE A 535 27.44 -27.14 19.21
CA PHE A 535 26.08 -26.63 19.18
C PHE A 535 25.08 -27.76 19.39
N ALA A 536 25.22 -28.80 18.59
CA ALA A 536 24.35 -29.95 18.73
C ALA A 536 24.41 -30.50 20.14
N GLU A 537 25.60 -30.53 20.74
CA GLU A 537 25.72 -31.12 22.07
C GLU A 537 25.16 -30.20 23.13
N LEU A 538 25.30 -28.89 22.94
CA LEU A 538 24.67 -27.93 23.84
C LEU A 538 23.16 -28.11 23.85
N LEU A 539 22.56 -28.21 22.67
CA LEU A 539 21.11 -28.44 22.57
C LEU A 539 20.71 -29.74 23.27
N SER A 540 21.55 -30.77 23.18
CA SER A 540 21.19 -32.08 23.69
C SER A 540 21.37 -32.19 25.19
N THR A 541 22.15 -31.31 25.81
CA THR A 541 22.38 -31.35 27.25
C THR A 541 21.71 -30.17 27.96
N LYS A 542 22.18 -28.95 27.72
CA LYS A 542 21.67 -27.79 28.44
C LYS A 542 20.36 -27.30 27.87
N PHE A 543 19.82 -27.96 26.85
CA PHE A 543 18.53 -27.55 26.34
C PHE A 543 17.64 -28.77 26.11
N LYS A 544 17.80 -29.80 26.95
CA LYS A 544 16.97 -30.99 26.84
C LYS A 544 15.50 -30.65 26.70
N TYR A 545 15.02 -29.64 27.42
CA TYR A 545 13.57 -29.46 27.50
C TYR A 545 12.94 -29.22 26.14
N ARG A 546 13.69 -28.61 25.22
CA ARG A 546 13.15 -28.39 23.89
C ARG A 546 13.65 -29.39 22.86
N TYR A 547 14.88 -29.90 23.00
CA TYR A 547 15.50 -30.61 21.88
C TYR A 547 15.71 -32.10 22.14
N GLU A 548 15.04 -32.67 23.14
CA GLU A 548 15.05 -34.12 23.36
C GLU A 548 13.96 -34.72 22.49
N GLY A 549 14.35 -35.52 21.52
CA GLY A 549 13.41 -36.19 20.66
C GLY A 549 12.88 -35.34 19.53
N LYS A 550 13.24 -34.06 19.46
CA LYS A 550 12.81 -33.23 18.34
C LYS A 550 13.87 -32.19 18.02
N ILE A 551 13.76 -31.67 16.79
CA ILE A 551 14.63 -30.63 16.28
C ILE A 551 13.86 -30.01 15.13
N THR A 552 14.18 -28.79 14.79
CA THR A 552 13.46 -28.15 13.70
C THR A 552 14.11 -28.52 12.36
N ASN A 553 13.27 -28.56 11.31
CA ASN A 553 13.77 -28.79 9.96
C ASN A 553 15.05 -28.00 9.69
N TYR A 554 15.07 -26.71 10.01
CA TYR A 554 16.19 -25.89 9.59
C TYR A 554 17.40 -26.01 10.50
N PHE A 555 17.22 -26.34 11.78
CA PHE A 555 18.38 -26.65 12.60
C PHE A 555 19.12 -27.84 12.01
N HIS A 556 18.37 -28.88 11.64
CA HIS A 556 18.98 -30.03 10.99
C HIS A 556 19.75 -29.62 9.74
N LYS A 557 19.05 -29.05 8.76
CA LYS A 557 19.70 -28.58 7.54
C LYS A 557 20.95 -27.80 7.90
N THR A 558 20.87 -26.96 8.94
CA THR A 558 22.01 -26.08 9.24
C THR A 558 23.15 -26.83 9.90
N LEU A 559 22.84 -27.84 10.72
CA LEU A 559 23.87 -28.55 11.45
C LEU A 559 24.45 -29.75 10.70
N ALA A 560 23.74 -30.31 9.71
CA ALA A 560 24.10 -31.60 9.14
C ALA A 560 24.57 -31.53 7.68
N HIS A 561 24.15 -30.53 6.91
CA HIS A 561 24.38 -30.55 5.48
C HIS A 561 25.13 -29.33 4.96
N VAL A 562 25.52 -28.41 5.82
CA VAL A 562 26.14 -27.18 5.34
C VAL A 562 27.52 -27.43 4.71
N PRO A 563 28.41 -28.23 5.31
CA PRO A 563 29.74 -28.39 4.71
C PRO A 563 29.72 -29.14 3.39
N GLU A 564 28.96 -30.24 3.31
CA GLU A 564 28.84 -30.95 2.05
C GLU A 564 28.36 -30.02 0.95
N ILE A 565 27.30 -29.26 1.22
CA ILE A 565 26.78 -28.35 0.20
C ILE A 565 27.88 -27.41 -0.25
N ILE A 566 28.69 -26.92 0.70
CA ILE A 566 29.66 -25.88 0.38
C ILE A 566 30.76 -26.42 -0.50
N GLU A 567 31.14 -27.69 -0.33
CA GLU A 567 32.14 -28.27 -1.21
C GLU A 567 31.56 -28.70 -2.54
N ARG A 568 30.27 -28.99 -2.59
CA ARG A 568 29.68 -29.31 -3.89
C ARG A 568 29.55 -28.06 -4.76
N ASP A 569 29.24 -26.91 -4.17
CA ASP A 569 28.74 -25.78 -4.94
C ASP A 569 29.56 -24.50 -4.78
N GLY A 570 30.35 -24.37 -3.71
CA GLY A 570 31.14 -23.19 -3.46
C GLY A 570 30.46 -22.13 -2.61
N SER A 571 29.14 -22.02 -2.70
CA SER A 571 28.39 -21.06 -1.92
C SER A 571 27.05 -21.67 -1.56
N ILE A 572 26.44 -21.13 -0.50
CA ILE A 572 25.01 -21.26 -0.26
C ILE A 572 24.30 -19.92 -0.41
N GLY A 573 24.83 -18.89 0.22
CA GLY A 573 24.20 -17.60 0.28
C GLY A 573 23.84 -17.00 -1.07
N ALA A 574 24.51 -17.43 -2.15
CA ALA A 574 24.21 -16.82 -3.45
C ALA A 574 23.17 -17.61 -4.21
N TRP A 575 22.89 -18.83 -3.82
CA TRP A 575 21.82 -19.57 -4.47
C TRP A 575 20.52 -19.37 -3.73
N ALA A 576 20.48 -18.41 -2.82
CA ALA A 576 19.38 -18.25 -1.92
C ALA A 576 18.20 -17.62 -2.65
N SER A 577 17.00 -17.79 -2.07
CA SER A 577 15.82 -17.20 -2.67
C SER A 577 15.77 -15.67 -2.57
N GLU A 578 16.64 -15.05 -1.78
CA GLU A 578 16.35 -13.68 -1.38
C GLU A 578 16.30 -12.73 -2.58
N GLY A 579 17.04 -13.02 -3.64
CA GLY A 579 16.90 -12.22 -4.84
C GLY A 579 15.51 -12.26 -5.42
N ASN A 580 14.89 -13.43 -5.42
CA ASN A 580 13.55 -13.55 -5.99
C ASN A 580 12.51 -12.90 -5.09
N GLU A 581 12.60 -13.12 -3.77
CA GLU A 581 11.71 -12.46 -2.84
C GLU A 581 11.75 -10.96 -3.05
N SER A 582 12.95 -10.38 -3.15
CA SER A 582 13.09 -8.97 -3.53
C SER A 582 12.39 -8.64 -4.85
N GLY A 583 12.22 -9.63 -5.71
CA GLY A 583 11.50 -9.39 -6.95
C GLY A 583 10.03 -9.18 -6.73
N ASN A 584 9.44 -9.95 -5.80
CA ASN A 584 8.07 -9.73 -5.38
C ASN A 584 7.79 -8.24 -5.10
N LYS A 585 8.68 -7.57 -4.37
CA LYS A 585 8.53 -6.13 -4.12
C LYS A 585 8.38 -5.35 -5.43
N LEU A 586 9.10 -5.76 -6.48
CA LEU A 586 8.92 -5.12 -7.78
C LEU A 586 7.56 -5.46 -8.40
N PHE A 587 7.11 -6.70 -8.22
CA PHE A 587 5.77 -7.10 -8.66
C PHE A 587 4.70 -6.13 -8.15
N ARG A 588 4.65 -5.95 -6.83
CA ARG A 588 3.59 -5.12 -6.26
C ARG A 588 3.63 -3.71 -6.82
N ARG A 589 4.83 -3.14 -6.94
CA ARG A 589 4.99 -1.77 -7.43
C ARG A 589 4.59 -1.65 -8.89
N PHE A 590 5.02 -2.61 -9.72
CA PHE A 590 4.78 -2.51 -11.14
C PHE A 590 3.31 -2.73 -11.46
N ARG A 591 2.64 -3.59 -10.69
CA ARG A 591 1.20 -3.80 -10.87
C ARG A 591 0.41 -2.55 -10.57
N LYS A 592 0.84 -1.76 -9.57
CA LYS A 592 0.17 -0.51 -9.30
C LYS A 592 0.48 0.50 -10.39
N MET A 593 1.76 0.66 -10.73
CA MET A 593 2.21 1.93 -11.23
C MET A 593 2.94 1.88 -12.55
N ASN A 594 2.91 0.75 -13.26
CA ASN A 594 3.59 0.58 -14.54
C ASN A 594 2.80 -0.31 -15.48
N ALA A 595 1.51 -0.52 -15.23
CA ALA A 595 0.68 -1.44 -16.02
C ALA A 595 -0.68 -0.79 -16.33
N ARG A 596 -1.26 -1.26 -17.43
CA ARG A 596 -2.65 -0.95 -17.68
C ARG A 596 -3.48 -1.60 -16.59
N GLN A 597 -4.47 -0.89 -16.10
CA GLN A 597 -5.12 -1.28 -14.85
C GLN A 597 -6.41 -2.09 -15.11
N SER A 598 -6.21 -3.29 -15.64
CA SER A 598 -7.30 -4.10 -16.18
C SER A 598 -6.88 -5.57 -16.12
N LYS A 599 -7.87 -6.45 -16.03
CA LYS A 599 -7.55 -7.84 -15.76
C LYS A 599 -6.85 -8.54 -16.91
N CYS A 600 -7.02 -8.08 -18.15
CA CYS A 600 -6.47 -8.83 -19.27
C CYS A 600 -5.16 -8.25 -19.78
N TYR A 601 -4.62 -7.29 -19.08
CA TYR A 601 -3.34 -6.70 -19.45
C TYR A 601 -2.36 -6.62 -18.30
N GLU A 602 -2.82 -6.82 -17.06
CA GLU A 602 -1.94 -6.53 -15.92
C GLU A 602 -0.74 -7.45 -15.93
N MET A 603 -0.93 -8.72 -16.27
CA MET A 603 0.19 -9.64 -16.18
C MET A 603 1.28 -9.29 -17.20
N GLU A 604 0.91 -9.14 -18.47
CA GLU A 604 1.94 -8.94 -19.48
C GLU A 604 2.65 -7.60 -19.29
N ASP A 605 1.92 -6.50 -19.08
CA ASP A 605 2.59 -5.23 -18.85
C ASP A 605 3.60 -5.33 -17.72
N VAL A 606 3.26 -6.07 -16.68
CA VAL A 606 4.20 -6.20 -15.57
C VAL A 606 5.37 -7.09 -15.99
N LEU A 607 5.08 -8.23 -16.62
CA LEU A 607 6.14 -9.09 -17.15
C LEU A 607 7.14 -8.31 -18.00
N LYS A 608 6.66 -7.65 -19.06
CA LYS A 608 7.57 -6.88 -19.90
C LYS A 608 8.35 -5.84 -19.10
N HIS A 609 7.65 -4.89 -18.47
CA HIS A 609 8.38 -3.82 -17.79
C HIS A 609 9.24 -4.31 -16.65
N HIS A 610 8.93 -5.46 -16.07
CA HIS A 610 9.84 -6.04 -15.08
C HIS A 610 11.12 -6.55 -15.78
N TRP A 611 11.00 -7.04 -17.01
CA TRP A 611 12.19 -7.52 -17.70
C TRP A 611 13.15 -6.36 -18.00
N LEU A 612 12.64 -5.26 -18.57
CA LEU A 612 13.47 -4.09 -18.80
C LEU A 612 14.20 -3.67 -17.55
N TYR A 613 13.49 -3.61 -16.42
CA TYR A 613 14.15 -3.22 -15.19
C TYR A 613 15.31 -4.14 -14.85
N THR A 614 15.36 -5.33 -15.40
CA THR A 614 16.49 -6.19 -15.12
C THR A 614 17.60 -6.15 -16.19
N SER A 615 17.54 -5.23 -17.15
CA SER A 615 18.47 -5.22 -18.27
C SER A 615 19.77 -4.49 -17.93
N LYS A 616 20.87 -5.25 -17.96
CA LYS A 616 22.19 -4.69 -17.71
C LYS A 616 22.51 -3.58 -18.70
N TYR A 617 22.17 -3.77 -19.97
CA TYR A 617 22.38 -2.72 -20.97
C TYR A 617 21.73 -1.41 -20.55
N LEU A 618 20.50 -1.46 -20.05
CA LEU A 618 19.85 -0.27 -19.55
C LEU A 618 20.47 0.21 -18.25
N GLN A 619 20.87 -0.71 -17.37
CA GLN A 619 21.45 -0.30 -16.11
C GLN A 619 22.78 0.40 -16.32
N LYS A 620 23.53 0.02 -17.35
CA LYS A 620 24.85 0.58 -17.54
C LYS A 620 24.78 2.09 -17.69
N PHE A 621 23.85 2.60 -18.48
CA PHE A 621 23.74 4.05 -18.67
C PHE A 621 23.63 4.82 -17.35
N MET A 622 23.32 4.16 -16.25
CA MET A 622 23.14 4.93 -15.02
C MET A 622 24.41 5.00 -14.20
N ASN A 623 25.42 4.18 -14.52
CA ASN A 623 26.78 4.27 -13.97
C ASN A 623 27.75 5.03 -14.88
N ALA A 624 27.25 5.95 -15.71
CA ALA A 624 28.12 6.66 -16.64
C ALA A 624 28.88 7.78 -15.93
N HIS A 625 28.20 8.49 -15.01
CA HIS A 625 28.87 9.40 -14.09
C HIS A 625 30.13 8.77 -13.50
N ASN A 626 30.01 7.51 -13.06
CA ASN A 626 31.10 6.74 -12.47
C ASN A 626 31.81 5.97 -13.58
N ALA A 627 32.39 6.73 -14.50
CA ALA A 627 33.07 6.18 -15.67
C ALA A 627 33.99 5.02 -15.26
N VAL B 3 -38.91 -35.81 -8.31
CA VAL B 3 -37.50 -35.47 -8.08
C VAL B 3 -37.34 -34.27 -7.12
N SER B 4 -36.86 -34.51 -5.89
CA SER B 4 -36.77 -33.49 -4.83
C SER B 4 -35.33 -33.05 -4.57
N LEU B 5 -35.10 -31.74 -4.65
CA LEU B 5 -33.78 -31.12 -4.48
C LEU B 5 -33.54 -30.76 -3.02
N GLN B 6 -32.33 -31.03 -2.54
CA GLN B 6 -32.02 -30.85 -1.12
C GLN B 6 -30.64 -30.25 -0.94
N MET B 7 -30.53 -29.22 -0.09
CA MET B 7 -29.21 -28.69 0.21
C MET B 7 -28.43 -29.64 1.10
N VAL B 8 -27.11 -29.58 0.97
CA VAL B 8 -26.19 -30.43 1.72
C VAL B 8 -25.08 -29.58 2.31
N THR B 9 -24.77 -29.86 3.58
CA THR B 9 -23.65 -29.33 4.34
C THR B 9 -22.47 -30.30 4.27
N VAL B 10 -21.25 -29.80 4.49
CA VAL B 10 -20.05 -30.63 4.34
C VAL B 10 -19.08 -30.40 5.50
N GLY B 11 -18.27 -31.43 5.77
CA GLY B 11 -17.33 -31.43 6.88
C GLY B 11 -16.02 -30.72 6.58
N HIS B 12 -15.05 -30.97 7.47
CA HIS B 12 -13.82 -30.19 7.43
C HIS B 12 -13.05 -30.37 6.13
N ASN B 13 -13.14 -31.55 5.51
CA ASN B 13 -12.38 -31.80 4.28
C ASN B 13 -13.22 -31.63 3.02
N ILE B 14 -14.10 -30.62 3.04
CA ILE B 14 -14.92 -30.29 1.88
C ILE B 14 -14.08 -29.91 0.67
N ALA B 15 -12.84 -29.44 0.89
CA ALA B 15 -12.00 -28.94 -0.19
C ALA B 15 -11.64 -30.02 -1.21
N LEU B 16 -11.59 -31.30 -0.79
CA LEU B 16 -11.30 -32.41 -1.69
C LEU B 16 -12.24 -32.47 -2.91
N ILE B 17 -13.49 -32.08 -2.75
CA ILE B 17 -14.47 -32.33 -3.81
C ILE B 17 -14.27 -31.31 -4.92
N GLN B 18 -14.03 -31.80 -6.13
CA GLN B 18 -13.73 -30.95 -7.28
C GLN B 18 -14.43 -31.47 -8.52
N PRO B 19 -14.55 -30.64 -9.56
CA PRO B 19 -15.03 -31.15 -10.85
C PRO B 19 -14.11 -32.24 -11.37
N GLY B 20 -14.71 -33.30 -11.92
CA GLY B 20 -14.01 -34.49 -12.36
C GLY B 20 -13.95 -35.61 -11.34
N PHE B 21 -14.49 -35.42 -10.14
CA PHE B 21 -14.50 -36.46 -9.12
C PHE B 21 -15.47 -37.56 -9.50
N SER B 22 -15.36 -38.69 -8.77
CA SER B 22 -16.14 -39.88 -9.05
C SER B 22 -16.69 -40.46 -7.75
N LEU B 23 -17.86 -41.09 -7.87
CA LEU B 23 -18.46 -41.85 -6.77
C LEU B 23 -18.62 -43.29 -7.24
N MET B 24 -18.42 -44.24 -6.31
CA MET B 24 -18.60 -45.66 -6.61
C MET B 24 -19.50 -46.27 -5.55
N ASN B 25 -20.37 -47.18 -5.97
CA ASN B 25 -21.36 -47.78 -5.09
C ASN B 25 -21.06 -49.26 -4.87
N PHE B 26 -20.82 -49.63 -3.62
CA PHE B 26 -20.55 -51.01 -3.21
C PHE B 26 -21.53 -51.41 -2.11
N ASP B 27 -22.61 -52.09 -2.50
CA ASP B 27 -23.59 -52.63 -1.55
C ASP B 27 -24.31 -51.50 -0.81
N GLY B 28 -24.67 -50.45 -1.55
CA GLY B 28 -25.38 -49.34 -0.95
C GLY B 28 -24.51 -48.32 -0.24
N GLN B 29 -23.34 -48.72 0.24
CA GLN B 29 -22.37 -47.78 0.77
C GLN B 29 -21.66 -47.06 -0.36
N VAL B 30 -21.70 -45.70 -0.33
CA VAL B 30 -21.07 -44.89 -1.36
C VAL B 30 -19.65 -44.53 -0.96
N PHE B 31 -18.79 -44.43 -1.95
CA PHE B 31 -17.41 -44.03 -1.74
C PHE B 31 -17.02 -43.00 -2.78
N PHE B 32 -15.94 -42.28 -2.49
CA PHE B 32 -15.55 -41.10 -3.24
C PHE B 32 -14.10 -41.24 -3.67
N PHE B 33 -13.81 -40.82 -4.89
CA PHE B 33 -12.47 -40.92 -5.44
C PHE B 33 -12.22 -39.73 -6.35
N GLY B 34 -10.94 -39.34 -6.43
CA GLY B 34 -10.52 -38.21 -7.24
C GLY B 34 -10.36 -36.91 -6.48
N GLN B 35 -9.70 -36.96 -5.33
CA GLN B 35 -9.60 -35.77 -4.52
C GLN B 35 -8.75 -34.74 -5.21
N LYS B 36 -9.02 -33.47 -4.92
CA LYS B 36 -8.15 -32.41 -5.38
C LYS B 36 -6.81 -32.51 -4.67
N GLY B 37 -5.73 -32.30 -5.44
CA GLY B 37 -4.37 -32.46 -4.95
C GLY B 37 -3.97 -33.88 -4.60
N TRP B 38 -2.67 -34.13 -4.37
CA TRP B 38 -2.23 -35.46 -4.02
C TRP B 38 -2.72 -35.83 -2.62
N PRO B 39 -2.97 -37.11 -2.37
CA PRO B 39 -3.38 -37.54 -1.04
C PRO B 39 -2.40 -37.09 0.03
N LYS B 40 -2.97 -36.65 1.15
CA LYS B 40 -2.27 -36.14 2.31
C LYS B 40 -2.29 -37.21 3.41
N ARG B 41 -1.49 -36.98 4.44
CA ARG B 41 -1.33 -38.00 5.48
C ARG B 41 -2.64 -38.28 6.21
N SER B 42 -3.60 -37.36 6.16
CA SER B 42 -4.92 -37.61 6.73
C SER B 42 -5.62 -38.76 6.01
N CYS B 43 -5.41 -38.91 4.70
CA CYS B 43 -5.99 -40.02 3.94
C CYS B 43 -5.07 -40.38 2.76
N PRO B 44 -4.14 -41.34 2.96
CA PRO B 44 -3.15 -41.64 1.92
C PRO B 44 -3.69 -42.31 0.66
N THR B 45 -4.78 -43.04 0.72
CA THR B 45 -5.24 -43.67 -0.50
C THR B 45 -5.87 -42.67 -1.47
N GLY B 46 -6.42 -41.57 -0.96
CA GLY B 46 -7.27 -40.72 -1.77
C GLY B 46 -8.70 -41.24 -1.94
N VAL B 47 -9.09 -42.26 -1.19
CA VAL B 47 -10.44 -42.81 -1.29
C VAL B 47 -11.20 -42.64 0.01
N PHE B 48 -12.46 -42.21 -0.10
CA PHE B 48 -13.21 -41.83 1.08
C PHE B 48 -14.55 -42.50 1.10
N HIS B 49 -14.95 -42.94 2.30
CA HIS B 49 -16.32 -43.31 2.57
C HIS B 49 -17.19 -42.03 2.56
N PHE B 50 -18.12 -41.94 1.61
CA PHE B 50 -18.96 -40.77 1.27
C PHE B 50 -20.39 -41.00 1.73
N ASP B 51 -20.70 -40.67 2.97
CA ASP B 51 -22.04 -40.93 3.49
C ASP B 51 -22.73 -39.65 3.95
N ILE B 52 -23.93 -39.42 3.44
CA ILE B 52 -24.76 -38.26 3.78
C ILE B 52 -25.80 -38.74 4.79
N LYS B 53 -25.77 -38.17 6.00
CA LYS B 53 -26.75 -38.48 7.03
C LYS B 53 -27.47 -37.20 7.43
N GLN B 54 -28.79 -37.16 7.19
CA GLN B 54 -29.61 -35.99 7.47
C GLN B 54 -29.02 -34.73 6.83
N ASN B 55 -28.82 -34.83 5.53
CA ASN B 55 -28.36 -33.73 4.68
C ASN B 55 -27.00 -33.17 5.07
N HIS B 56 -26.23 -33.92 5.85
CA HIS B 56 -24.85 -33.57 6.13
C HIS B 56 -23.92 -34.68 5.64
N LEU B 57 -22.96 -34.31 4.80
CA LEU B 57 -22.00 -35.23 4.17
C LEU B 57 -20.69 -35.23 4.95
N LYS B 58 -20.28 -36.40 5.41
CA LYS B 58 -18.97 -36.58 6.00
C LYS B 58 -18.13 -37.46 5.08
N LEU B 59 -16.93 -36.98 4.73
CA LEU B 59 -15.98 -37.74 3.93
C LEU B 59 -14.94 -38.29 4.89
N LYS B 60 -14.88 -39.61 5.01
CA LYS B 60 -13.98 -40.31 5.92
C LYS B 60 -13.01 -41.19 5.15
N PRO B 61 -11.74 -41.21 5.54
CA PRO B 61 -10.75 -41.99 4.78
C PRO B 61 -11.02 -43.50 4.82
N ALA B 62 -10.77 -44.17 3.68
CA ALA B 62 -10.74 -45.62 3.56
C ALA B 62 -9.31 -46.08 3.26
N ILE B 63 -8.98 -47.31 3.68
CA ILE B 63 -7.64 -47.85 3.54
C ILE B 63 -7.60 -48.95 2.47
N PHE B 64 -6.39 -49.26 2.02
CA PHE B 64 -6.20 -50.26 0.98
C PHE B 64 -5.67 -51.57 1.54
N SER B 65 -5.75 -52.61 0.71
CA SER B 65 -5.22 -53.92 1.03
C SER B 65 -3.70 -53.92 0.84
N LYS B 66 -3.05 -54.94 1.39
CA LYS B 66 -1.60 -54.97 1.24
C LYS B 66 -1.20 -55.13 -0.22
N ASP B 67 -1.99 -55.83 -1.03
CA ASP B 67 -1.66 -56.09 -2.42
C ASP B 67 -2.17 -54.99 -3.36
N SER B 68 -2.47 -53.81 -2.84
CA SER B 68 -3.11 -52.80 -3.68
C SER B 68 -2.11 -51.85 -4.32
N CYS B 69 -2.44 -51.38 -5.52
CA CYS B 69 -1.81 -50.20 -6.08
C CYS B 69 -2.36 -48.94 -5.44
N TYR B 70 -1.53 -47.91 -5.36
CA TYR B 70 -1.97 -46.61 -4.85
C TYR B 70 -2.14 -45.66 -6.04
N LEU B 71 -3.30 -45.78 -6.65
CA LEU B 71 -3.57 -45.00 -7.84
C LEU B 71 -3.61 -43.52 -7.52
N PRO B 72 -3.19 -42.67 -8.47
CA PRO B 72 -3.28 -41.25 -8.27
C PRO B 72 -4.72 -40.79 -8.37
N PRO B 73 -5.07 -39.67 -7.76
CA PRO B 73 -6.40 -39.11 -7.97
C PRO B 73 -6.57 -38.77 -9.44
N LEU B 74 -7.74 -39.10 -9.97
CA LEU B 74 -8.01 -38.94 -11.39
C LEU B 74 -9.27 -38.12 -11.62
N ARG B 75 -9.16 -37.13 -12.49
CA ARG B 75 -10.27 -36.28 -12.87
C ARG B 75 -10.82 -36.74 -14.21
N TYR B 76 -12.13 -36.88 -14.32
CA TYR B 76 -12.76 -37.30 -15.58
C TYR B 76 -12.24 -38.63 -16.14
N PRO B 77 -12.06 -39.68 -15.35
CA PRO B 77 -11.78 -40.98 -15.95
C PRO B 77 -13.06 -41.60 -16.47
N ALA B 78 -12.89 -42.63 -17.28
CA ALA B 78 -14.01 -43.46 -17.68
C ALA B 78 -14.22 -44.50 -16.58
N THR B 79 -15.42 -44.53 -16.01
CA THR B 79 -15.72 -45.39 -14.88
C THR B 79 -16.83 -46.36 -15.30
N CYS B 80 -16.78 -47.57 -14.74
CA CYS B 80 -17.71 -48.62 -15.15
C CYS B 80 -17.89 -49.64 -14.05
N SER B 81 -19.08 -50.24 -13.99
CA SER B 81 -19.40 -51.24 -12.98
C SER B 81 -19.44 -52.64 -13.59
N TYR B 82 -18.79 -53.59 -12.93
CA TYR B 82 -18.60 -54.94 -13.46
C TYR B 82 -19.24 -55.96 -12.54
N LYS B 83 -20.00 -56.88 -13.12
CA LYS B 83 -20.56 -58.01 -12.35
C LYS B 83 -19.73 -59.27 -12.60
N LYS B 90 -18.98 -60.10 -5.88
CA LYS B 90 -18.24 -60.25 -7.14
C LYS B 90 -18.22 -58.92 -7.89
N HIS B 91 -18.67 -57.87 -7.21
CA HIS B 91 -18.87 -56.55 -7.79
C HIS B 91 -17.56 -55.77 -7.79
N GLN B 92 -17.22 -55.15 -8.92
CA GLN B 92 -15.98 -54.39 -9.01
C GLN B 92 -16.18 -53.22 -9.97
N TYR B 93 -15.23 -52.28 -9.93
CA TYR B 93 -15.31 -51.03 -10.67
C TYR B 93 -14.08 -50.88 -11.55
N ILE B 94 -14.28 -50.36 -12.76
CA ILE B 94 -13.20 -50.14 -13.72
C ILE B 94 -12.92 -48.64 -13.81
N ILE B 95 -11.65 -48.25 -13.68
CA ILE B 95 -11.23 -46.88 -13.91
C ILE B 95 -10.23 -46.88 -15.05
N HIS B 96 -10.54 -46.16 -16.14
CA HIS B 96 -9.64 -46.04 -17.27
C HIS B 96 -9.45 -44.58 -17.62
N GLY B 97 -8.18 -44.18 -17.78
CA GLY B 97 -7.82 -42.84 -18.24
C GLY B 97 -7.88 -41.80 -17.13
N GLY B 98 -8.09 -40.54 -17.53
CA GLY B 98 -8.22 -39.44 -16.60
C GLY B 98 -6.94 -38.62 -16.46
N LYS B 99 -7.07 -37.47 -15.78
CA LYS B 99 -5.96 -36.57 -15.49
C LYS B 99 -5.51 -36.75 -14.05
N THR B 100 -4.18 -36.70 -13.85
CA THR B 100 -3.59 -36.75 -12.52
C THR B 100 -3.42 -35.34 -11.96
N PRO B 101 -3.21 -35.23 -10.68
CA PRO B 101 -2.93 -33.92 -10.10
C PRO B 101 -1.82 -33.16 -10.82
N ASN B 102 -0.94 -33.87 -11.53
CA ASN B 102 0.10 -33.20 -12.31
C ASN B 102 -0.34 -32.89 -13.74
N ASN B 103 -1.61 -33.05 -14.06
CA ASN B 103 -2.15 -32.79 -15.38
C ASN B 103 -1.70 -33.80 -16.44
N GLU B 104 -1.02 -34.88 -16.05
CA GLU B 104 -0.75 -35.96 -16.98
C GLU B 104 -1.98 -36.84 -17.14
N LEU B 105 -2.12 -37.43 -18.35
CA LEU B 105 -3.14 -38.44 -18.62
C LEU B 105 -2.56 -39.82 -18.36
N SER B 106 -3.30 -40.66 -17.65
CA SER B 106 -2.79 -42.00 -17.36
C SER B 106 -3.37 -42.97 -18.40
N ASP B 107 -2.49 -43.84 -18.89
CA ASP B 107 -2.92 -44.90 -19.79
C ASP B 107 -3.31 -46.16 -19.04
N LYS B 108 -3.06 -46.20 -17.73
CA LYS B 108 -3.30 -47.38 -16.93
C LYS B 108 -4.80 -47.61 -16.78
N ILE B 109 -5.14 -48.77 -16.25
CA ILE B 109 -6.48 -49.12 -15.85
C ILE B 109 -6.38 -49.74 -14.46
N TYR B 110 -7.31 -49.38 -13.58
CA TYR B 110 -7.30 -49.87 -12.21
C TYR B 110 -8.62 -50.58 -11.92
N ILE B 111 -8.57 -51.54 -11.01
CA ILE B 111 -9.75 -52.28 -10.59
C ILE B 111 -9.97 -52.06 -9.10
N MET B 112 -11.17 -51.59 -8.76
CA MET B 112 -11.54 -51.29 -7.38
C MET B 112 -12.55 -52.33 -6.93
N SER B 113 -12.24 -53.02 -5.85
CA SER B 113 -13.06 -54.11 -5.35
C SER B 113 -12.96 -54.12 -3.84
N VAL B 114 -14.01 -54.55 -3.19
CA VAL B 114 -14.01 -54.59 -1.74
C VAL B 114 -13.22 -55.81 -1.27
N ALA B 115 -12.15 -55.55 -0.52
CA ALA B 115 -11.34 -56.65 -0.01
C ALA B 115 -11.88 -57.20 1.29
N CYS B 116 -12.34 -56.34 2.20
CA CYS B 116 -12.79 -56.78 3.52
C CYS B 116 -13.86 -55.80 4.01
N LYS B 117 -14.80 -56.29 4.83
CA LYS B 117 -15.80 -55.40 5.42
C LYS B 117 -16.05 -55.80 6.89
N ASN B 118 -15.03 -55.67 7.73
CA ASN B 118 -15.14 -56.09 9.13
C ASN B 118 -15.55 -54.88 9.97
N ASN B 119 -16.66 -55.05 10.69
CA ASN B 119 -17.21 -54.01 11.55
C ASN B 119 -17.49 -52.73 10.76
N LYS B 120 -18.16 -52.92 9.60
CA LYS B 120 -18.67 -51.84 8.74
C LYS B 120 -17.58 -50.85 8.33
N LYS B 121 -16.31 -51.26 8.43
CA LYS B 121 -15.19 -50.54 7.86
C LYS B 121 -14.65 -51.36 6.68
N VAL B 122 -14.43 -50.70 5.55
CA VAL B 122 -14.17 -51.36 4.28
C VAL B 122 -12.70 -51.17 3.93
N THR B 123 -12.03 -52.27 3.56
CA THR B 123 -10.72 -52.24 2.92
C THR B 123 -10.90 -52.51 1.43
N PHE B 124 -10.24 -51.72 0.59
CA PHE B 124 -10.38 -51.87 -0.85
C PHE B 124 -9.16 -52.58 -1.42
N ARG B 125 -9.35 -53.21 -2.56
CA ARG B 125 -8.24 -53.73 -3.35
C ARG B 125 -8.15 -52.91 -4.63
N CYS B 126 -6.98 -52.30 -4.86
CA CYS B 126 -6.73 -51.57 -6.08
C CYS B 126 -5.61 -52.30 -6.82
N THR B 127 -5.99 -53.02 -7.88
CA THR B 127 -5.06 -53.77 -8.72
C THR B 127 -5.00 -53.16 -10.11
N GLU B 128 -3.80 -53.05 -10.64
CA GLU B 128 -3.60 -52.51 -11.97
C GLU B 128 -3.68 -53.65 -12.99
N LYS B 129 -4.47 -53.45 -14.03
CA LYS B 129 -4.64 -54.44 -15.09
C LYS B 129 -3.78 -54.03 -16.28
N ASP B 130 -2.85 -54.90 -16.68
CA ASP B 130 -2.06 -54.58 -17.85
C ASP B 130 -2.88 -54.88 -19.10
N LEU B 131 -2.59 -54.15 -20.17
CA LEU B 131 -3.44 -54.14 -21.36
C LEU B 131 -2.56 -54.14 -22.59
N VAL B 132 -2.75 -55.11 -23.50
CA VAL B 132 -1.92 -55.23 -24.70
C VAL B 132 -2.81 -55.38 -25.93
N GLY B 133 -2.23 -55.06 -27.09
CA GLY B 133 -2.99 -55.05 -28.32
C GLY B 133 -3.14 -53.65 -28.85
N ASP B 134 -4.37 -53.24 -29.15
CA ASP B 134 -4.64 -51.87 -29.57
C ASP B 134 -5.12 -51.11 -28.34
N VAL B 135 -4.18 -50.73 -27.48
CA VAL B 135 -4.57 -50.06 -26.24
C VAL B 135 -4.96 -48.62 -26.57
N PRO B 136 -6.06 -48.12 -26.02
CA PRO B 136 -6.45 -46.74 -26.31
C PRO B 136 -5.47 -45.76 -25.67
N GLU B 137 -5.13 -44.71 -26.41
CA GLU B 137 -4.21 -43.70 -25.92
C GLU B 137 -4.78 -43.09 -24.64
N PRO B 138 -3.93 -42.51 -23.79
CA PRO B 138 -4.45 -41.91 -22.55
C PRO B 138 -5.45 -40.79 -22.81
N ARG B 139 -6.54 -40.80 -22.04
CA ARG B 139 -7.75 -40.02 -22.33
C ARG B 139 -8.44 -39.62 -21.04
N TYR B 140 -9.33 -38.63 -21.18
CA TYR B 140 -10.33 -38.28 -20.18
C TYR B 140 -11.62 -37.98 -20.92
N GLY B 141 -12.70 -37.85 -20.15
CA GLY B 141 -13.98 -37.45 -20.71
C GLY B 141 -14.57 -38.47 -21.67
N HIS B 142 -14.33 -39.76 -21.41
CA HIS B 142 -14.68 -40.84 -22.31
C HIS B 142 -15.45 -41.89 -21.53
N SER B 143 -16.18 -42.71 -22.26
CA SER B 143 -17.07 -43.71 -21.69
C SER B 143 -16.47 -45.10 -21.77
N ILE B 144 -16.83 -45.94 -20.81
CA ILE B 144 -16.49 -47.35 -20.85
C ILE B 144 -17.64 -48.14 -20.23
N ASP B 145 -18.08 -49.20 -20.91
CA ASP B 145 -19.19 -50.01 -20.44
C ASP B 145 -18.93 -51.47 -20.78
N VAL B 146 -19.62 -52.35 -20.04
CA VAL B 146 -19.50 -53.79 -20.21
C VAL B 146 -20.79 -54.32 -20.86
N VAL B 147 -20.64 -55.07 -21.95
CA VAL B 147 -21.78 -55.64 -22.65
C VAL B 147 -21.77 -57.14 -22.43
N TYR B 148 -22.95 -57.73 -22.61
CA TYR B 148 -23.15 -59.17 -22.52
C TYR B 148 -23.81 -59.67 -23.80
N SER B 149 -23.15 -60.62 -24.47
CA SER B 149 -23.66 -61.22 -25.71
C SER B 149 -23.31 -62.70 -25.73
N ARG B 150 -24.32 -63.56 -25.80
CA ARG B 150 -24.14 -65.01 -25.94
C ARG B 150 -23.25 -65.58 -24.83
N GLY B 151 -23.57 -65.23 -23.59
CA GLY B 151 -22.85 -65.79 -22.45
C GLY B 151 -21.41 -65.35 -22.32
N LYS B 152 -21.06 -64.22 -22.92
CA LYS B 152 -19.71 -63.70 -22.96
C LYS B 152 -19.73 -62.26 -22.45
N SER B 153 -18.60 -61.82 -21.86
CA SER B 153 -18.45 -60.46 -21.34
C SER B 153 -17.42 -59.70 -22.16
N MET B 154 -17.72 -58.44 -22.50
CA MET B 154 -16.78 -57.62 -23.25
C MET B 154 -16.92 -56.14 -22.85
N GLY B 155 -15.79 -55.44 -22.80
CA GLY B 155 -15.77 -54.03 -22.42
C GLY B 155 -15.65 -53.14 -23.66
N VAL B 156 -16.44 -52.07 -23.67
CA VAL B 156 -16.49 -51.13 -24.78
C VAL B 156 -16.03 -49.77 -24.29
N LEU B 157 -15.29 -49.04 -25.12
CA LEU B 157 -14.69 -47.77 -24.73
C LEU B 157 -14.71 -46.83 -25.92
N PHE B 158 -15.33 -45.67 -25.75
CA PHE B 158 -15.50 -44.77 -26.87
C PHE B 158 -15.23 -43.32 -26.48
N GLY B 159 -14.60 -42.60 -27.40
CA GLY B 159 -14.55 -41.15 -27.33
C GLY B 159 -13.53 -40.60 -26.34
N GLY B 160 -13.51 -39.27 -26.25
CA GLY B 160 -12.76 -38.58 -25.22
C GLY B 160 -11.81 -37.54 -25.80
N ARG B 161 -10.77 -37.23 -25.00
CA ARG B 161 -9.79 -36.22 -25.35
C ARG B 161 -8.42 -36.64 -24.86
N SER B 162 -7.40 -36.05 -25.48
CA SER B 162 -6.01 -36.21 -25.05
C SER B 162 -5.25 -34.97 -25.52
N TYR B 163 -3.95 -34.92 -25.17
CA TYR B 163 -3.12 -33.86 -25.70
C TYR B 163 -2.66 -34.24 -27.10
N MET B 164 -2.10 -33.28 -27.83
CA MET B 164 -1.52 -33.57 -29.13
C MET B 164 -0.50 -34.70 -29.03
N PRO B 165 -0.23 -35.43 -30.11
CA PRO B 165 0.81 -36.45 -30.08
C PRO B 165 2.22 -35.86 -30.12
N SER B 166 3.16 -36.62 -29.55
CA SER B 166 4.51 -36.12 -29.30
C SER B 166 5.16 -35.49 -30.52
N THR B 167 4.73 -35.87 -31.71
CA THR B 167 5.35 -35.35 -32.92
C THR B 167 4.90 -33.91 -33.20
N GLN B 168 3.63 -33.60 -32.94
CA GLN B 168 3.10 -32.27 -33.22
C GLN B 168 2.96 -31.38 -31.99
N ARG B 169 3.01 -31.95 -30.79
CA ARG B 169 2.81 -31.16 -29.57
C ARG B 169 3.94 -30.16 -29.38
N THR B 170 3.60 -28.91 -29.07
CA THR B 170 4.60 -27.87 -28.86
C THR B 170 4.33 -27.19 -27.53
N THR B 171 5.39 -26.75 -26.88
CA THR B 171 5.25 -26.20 -25.54
C THR B 171 4.35 -24.98 -25.52
N GLU B 172 4.38 -24.18 -26.58
CA GLU B 172 3.57 -22.97 -26.64
C GLU B 172 2.06 -23.27 -26.52
N LYS B 173 1.64 -24.46 -26.93
CA LYS B 173 0.26 -24.93 -26.75
C LYS B 173 0.27 -26.27 -26.02
N TRP B 174 1.19 -26.40 -25.06
CA TRP B 174 1.41 -27.66 -24.36
C TRP B 174 0.12 -28.29 -23.85
N ASN B 175 -0.86 -27.46 -23.50
CA ASN B 175 -2.09 -27.92 -22.88
C ASN B 175 -3.22 -28.14 -23.88
N SER B 176 -3.03 -27.81 -25.16
CA SER B 176 -4.06 -28.02 -26.17
C SER B 176 -4.51 -29.46 -26.16
N VAL B 177 -5.81 -29.66 -26.40
CA VAL B 177 -6.40 -30.99 -26.36
C VAL B 177 -7.13 -31.20 -27.67
N ALA B 178 -7.26 -32.46 -28.07
CA ALA B 178 -7.99 -32.79 -29.26
C ALA B 178 -8.78 -34.08 -29.01
N ASP B 179 -9.88 -34.23 -29.74
CA ASP B 179 -10.71 -35.41 -29.58
C ASP B 179 -9.97 -36.64 -30.09
N CYS B 180 -10.11 -37.74 -29.36
CA CYS B 180 -9.57 -39.00 -29.86
C CYS B 180 -10.29 -39.41 -31.14
N LEU B 181 -9.63 -40.27 -31.92
CA LEU B 181 -10.29 -40.85 -33.07
C LEU B 181 -11.46 -41.69 -32.59
N PRO B 182 -12.62 -41.59 -33.20
CA PRO B 182 -13.83 -42.21 -32.65
C PRO B 182 -13.90 -43.70 -32.97
N HIS B 183 -12.91 -44.44 -32.51
CA HIS B 183 -12.87 -45.88 -32.71
C HIS B 183 -13.47 -46.51 -31.48
N VAL B 184 -14.29 -47.49 -31.68
CA VAL B 184 -14.80 -48.28 -30.56
C VAL B 184 -13.74 -49.29 -30.17
N PHE B 185 -13.55 -49.48 -28.86
CA PHE B 185 -12.52 -50.38 -28.35
C PHE B 185 -13.20 -51.51 -27.61
N LEU B 186 -13.02 -52.73 -28.09
CA LEU B 186 -13.40 -53.90 -27.30
C LEU B 186 -12.21 -54.27 -26.43
N ILE B 187 -12.47 -54.48 -25.14
CA ILE B 187 -11.41 -54.67 -24.14
C ILE B 187 -11.83 -55.87 -23.30
N ASP B 188 -11.08 -56.96 -23.41
CA ASP B 188 -11.42 -58.15 -22.64
C ASP B 188 -10.62 -58.14 -21.35
N PHE B 189 -11.31 -58.04 -20.22
CA PHE B 189 -10.61 -57.94 -18.95
C PHE B 189 -10.03 -59.30 -18.55
N GLU B 190 -10.59 -60.38 -19.08
CA GLU B 190 -10.09 -61.70 -18.73
C GLU B 190 -8.68 -61.90 -19.24
N PHE B 191 -8.38 -61.40 -20.44
CA PHE B 191 -7.10 -61.66 -21.07
C PHE B 191 -6.15 -60.47 -21.10
N GLY B 192 -6.66 -59.25 -20.98
CA GLY B 192 -5.82 -58.07 -21.03
C GLY B 192 -5.50 -57.62 -22.45
N CYS B 193 -6.40 -57.87 -23.40
CA CYS B 193 -6.22 -57.44 -24.77
C CYS B 193 -7.34 -56.48 -25.18
N ALA B 194 -7.04 -55.67 -26.19
CA ALA B 194 -7.92 -54.61 -26.66
C ALA B 194 -7.96 -54.61 -28.19
N THR B 195 -9.16 -54.51 -28.76
CA THR B 195 -9.32 -54.53 -30.21
C THR B 195 -10.07 -53.28 -30.66
N SER B 196 -9.53 -52.62 -31.67
CA SER B 196 -10.05 -51.35 -32.16
C SER B 196 -10.86 -51.55 -33.44
N TYR B 197 -12.03 -50.91 -33.52
CA TYR B 197 -12.91 -51.02 -34.68
C TYR B 197 -13.25 -49.65 -35.25
N ILE B 198 -12.90 -49.42 -36.52
CA ILE B 198 -13.31 -48.19 -37.20
C ILE B 198 -14.66 -48.43 -37.89
N LEU B 199 -15.61 -47.53 -37.64
CA LEU B 199 -16.96 -47.62 -38.20
C LEU B 199 -17.28 -46.39 -39.04
N PRO B 200 -18.01 -46.57 -40.15
CA PRO B 200 -18.43 -45.41 -40.95
C PRO B 200 -19.40 -44.51 -40.20
N GLU B 201 -20.25 -45.09 -39.36
CA GLU B 201 -21.30 -44.32 -38.69
C GLU B 201 -20.73 -43.32 -37.69
N LEU B 202 -19.55 -43.60 -37.14
CA LEU B 202 -18.90 -42.77 -36.12
C LEU B 202 -17.78 -42.00 -36.82
N GLN B 203 -18.15 -40.84 -37.39
CA GLN B 203 -17.21 -40.03 -38.17
C GLN B 203 -16.46 -39.00 -37.33
N ASP B 204 -17.13 -38.38 -36.36
CA ASP B 204 -16.57 -37.29 -35.59
C ASP B 204 -16.13 -37.75 -34.21
N GLY B 205 -15.24 -36.96 -33.60
CA GLY B 205 -14.81 -37.21 -32.25
C GLY B 205 -15.80 -36.65 -31.24
N LEU B 206 -15.88 -37.31 -30.09
CA LEU B 206 -16.96 -37.02 -29.17
C LEU B 206 -16.48 -37.25 -27.75
N SER B 207 -16.75 -36.30 -26.86
CA SER B 207 -16.40 -36.45 -25.45
C SER B 207 -17.51 -35.87 -24.58
N PHE B 208 -17.48 -36.27 -23.31
CA PHE B 208 -18.43 -35.79 -22.30
C PHE B 208 -19.87 -36.17 -22.66
N HIS B 209 -20.03 -37.34 -23.29
CA HIS B 209 -21.32 -37.93 -23.62
C HIS B 209 -21.78 -38.87 -22.50
N VAL B 210 -23.03 -39.29 -22.61
CA VAL B 210 -23.60 -40.28 -21.69
C VAL B 210 -23.59 -41.64 -22.36
N SER B 211 -23.40 -42.69 -21.54
CA SER B 211 -23.36 -44.06 -22.02
C SER B 211 -24.32 -44.92 -21.20
N ILE B 212 -25.20 -45.65 -21.91
CA ILE B 212 -26.16 -46.53 -21.28
C ILE B 212 -25.97 -47.92 -21.87
N ALA B 213 -25.84 -48.92 -21.00
CA ALA B 213 -25.49 -50.27 -21.41
C ALA B 213 -26.61 -51.21 -20.99
N ARG B 214 -27.11 -51.96 -21.97
CA ARG B 214 -28.10 -53.01 -21.74
C ARG B 214 -27.77 -54.18 -22.65
N ASN B 215 -27.50 -55.33 -22.05
CA ASN B 215 -27.17 -56.56 -22.79
C ASN B 215 -26.02 -56.26 -23.76
N ASP B 216 -26.15 -56.56 -25.04
CA ASP B 216 -25.08 -56.46 -26.03
C ASP B 216 -24.99 -55.09 -26.69
N THR B 217 -25.65 -54.07 -26.15
CA THR B 217 -25.71 -52.75 -26.79
C THR B 217 -25.28 -51.66 -25.82
N VAL B 218 -24.71 -50.59 -26.38
CA VAL B 218 -24.41 -49.38 -25.63
C VAL B 218 -24.90 -48.18 -26.44
N TYR B 219 -25.71 -47.34 -25.80
CA TYR B 219 -26.20 -46.13 -26.44
C TYR B 219 -25.28 -44.96 -26.11
N ILE B 220 -25.02 -44.13 -27.11
CA ILE B 220 -24.16 -42.98 -26.97
C ILE B 220 -25.01 -41.74 -27.14
N LEU B 221 -25.02 -40.89 -26.12
CA LEU B 221 -25.92 -39.75 -26.04
C LEU B 221 -25.16 -38.44 -25.93
N GLY B 222 -25.60 -37.43 -26.67
CA GLY B 222 -25.06 -36.09 -26.54
C GLY B 222 -23.55 -36.04 -26.74
N GLY B 223 -22.87 -35.31 -25.85
CA GLY B 223 -21.46 -35.07 -26.00
C GLY B 223 -21.17 -33.80 -26.76
N HIS B 224 -19.86 -33.50 -26.86
CA HIS B 224 -19.33 -32.30 -27.50
C HIS B 224 -18.21 -32.73 -28.42
N SER B 225 -18.22 -32.22 -29.65
CA SER B 225 -17.19 -32.53 -30.64
C SER B 225 -16.35 -31.29 -30.81
N LEU B 226 -15.06 -31.41 -30.45
CA LEU B 226 -14.20 -30.24 -30.35
C LEU B 226 -14.00 -29.58 -31.72
N ALA B 227 -13.79 -30.38 -32.77
CA ALA B 227 -13.43 -29.78 -34.06
C ALA B 227 -14.57 -28.93 -34.60
N SER B 228 -15.79 -29.48 -34.60
CA SER B 228 -16.99 -28.75 -35.01
C SER B 228 -17.47 -27.75 -33.96
N ASN B 229 -17.16 -28.00 -32.69
CA ASN B 229 -17.67 -27.24 -31.53
C ASN B 229 -19.19 -27.28 -31.48
N ILE B 230 -19.76 -28.45 -31.69
CA ILE B 230 -21.21 -28.60 -31.70
C ILE B 230 -21.58 -29.64 -30.67
N ARG B 231 -22.73 -29.45 -30.07
CA ARG B 231 -23.26 -30.45 -29.17
C ARG B 231 -24.36 -31.18 -29.91
N PRO B 232 -24.04 -32.27 -30.61
CA PRO B 232 -25.01 -32.86 -31.55
C PRO B 232 -26.18 -33.50 -30.83
N ALA B 233 -27.34 -33.39 -31.45
CA ALA B 233 -28.56 -33.95 -30.88
C ALA B 233 -28.76 -35.38 -31.36
N ASN B 234 -27.68 -36.15 -31.40
CA ASN B 234 -27.71 -37.49 -31.95
C ASN B 234 -27.61 -38.56 -30.88
N LEU B 235 -28.15 -39.73 -31.23
CA LEU B 235 -28.12 -40.96 -30.45
C LEU B 235 -27.49 -42.03 -31.34
N TYR B 236 -26.55 -42.80 -30.80
CA TYR B 236 -25.91 -43.88 -31.52
C TYR B 236 -26.09 -45.19 -30.75
N ARG B 237 -26.61 -46.22 -31.41
CA ARG B 237 -26.62 -47.55 -30.83
C ARG B 237 -25.43 -48.35 -31.35
N ILE B 238 -24.77 -49.07 -30.46
CA ILE B 238 -23.61 -49.86 -30.80
C ILE B 238 -23.90 -51.25 -30.25
N ARG B 239 -24.02 -52.20 -31.15
CA ARG B 239 -24.26 -53.60 -30.83
C ARG B 239 -22.99 -54.39 -31.05
N VAL B 240 -22.69 -55.27 -30.10
CA VAL B 240 -21.49 -56.10 -30.15
C VAL B 240 -21.96 -57.55 -30.12
N ASP B 241 -21.43 -58.34 -31.05
CA ASP B 241 -21.75 -59.75 -31.17
C ASP B 241 -20.55 -60.56 -30.70
N LEU B 242 -20.80 -61.54 -29.85
CA LEU B 242 -19.76 -62.39 -29.27
C LEU B 242 -20.00 -63.84 -29.69
N PRO B 243 -19.68 -64.19 -30.96
CA PRO B 243 -19.72 -65.60 -31.37
C PRO B 243 -18.41 -66.28 -31.00
N LEU B 244 -18.23 -67.51 -31.47
CA LEU B 244 -16.99 -68.22 -31.21
C LEU B 244 -15.82 -67.59 -31.95
N GLY B 245 -16.06 -66.90 -33.06
CA GLY B 245 -15.02 -66.21 -33.78
C GLY B 245 -14.84 -64.78 -33.28
N THR B 246 -14.05 -64.02 -34.03
CA THR B 246 -13.80 -62.63 -33.69
C THR B 246 -15.12 -61.87 -33.62
N PRO B 247 -15.32 -61.03 -32.61
CA PRO B 247 -16.58 -60.30 -32.48
C PRO B 247 -16.73 -59.21 -33.55
N ALA B 248 -17.98 -58.87 -33.81
CA ALA B 248 -18.33 -57.84 -34.77
C ALA B 248 -19.12 -56.72 -34.10
N VAL B 249 -18.86 -55.49 -34.54
CA VAL B 249 -19.48 -54.31 -33.98
C VAL B 249 -20.28 -53.63 -35.09
N ASN B 250 -21.56 -53.38 -34.83
CA ASN B 250 -22.41 -52.69 -35.78
C ASN B 250 -23.02 -51.48 -35.09
N CYS B 251 -23.05 -50.35 -35.79
CA CYS B 251 -23.58 -49.11 -35.25
C CYS B 251 -24.80 -48.66 -36.05
N THR B 252 -25.75 -48.05 -35.37
CA THR B 252 -26.94 -47.50 -36.00
C THR B 252 -27.25 -46.14 -35.38
N VAL B 253 -27.43 -45.11 -36.21
CA VAL B 253 -27.95 -43.85 -35.71
C VAL B 253 -29.47 -43.98 -35.54
N LEU B 254 -30.00 -43.39 -34.48
CA LEU B 254 -31.44 -43.46 -34.20
C LEU B 254 -31.86 -42.02 -33.89
N PRO B 255 -32.71 -41.40 -34.70
CA PRO B 255 -33.08 -40.01 -34.43
C PRO B 255 -33.86 -39.86 -33.14
N GLY B 256 -33.98 -38.59 -32.72
CA GLY B 256 -34.60 -38.28 -31.45
C GLY B 256 -33.59 -38.33 -30.32
N GLY B 257 -32.38 -37.86 -30.62
CA GLY B 257 -31.29 -37.87 -29.67
C GLY B 257 -31.24 -36.56 -28.90
N ILE B 258 -30.87 -36.65 -27.62
CA ILE B 258 -30.68 -35.47 -26.80
C ILE B 258 -29.42 -34.74 -27.22
N SER B 259 -29.42 -33.43 -27.00
CA SER B 259 -28.23 -32.60 -27.15
C SER B 259 -27.78 -32.11 -25.78
N VAL B 260 -26.80 -32.80 -25.18
CA VAL B 260 -26.29 -32.41 -23.87
C VAL B 260 -24.87 -32.94 -23.73
N SER B 261 -23.99 -32.09 -23.23
CA SER B 261 -22.63 -32.47 -22.89
C SER B 261 -22.46 -32.46 -21.38
N SER B 262 -21.68 -33.42 -20.87
CA SER B 262 -21.36 -33.56 -19.44
C SER B 262 -22.58 -33.91 -18.60
N ALA B 263 -23.62 -34.52 -19.18
CA ALA B 263 -24.77 -34.85 -18.36
C ALA B 263 -24.44 -35.99 -17.40
N ILE B 264 -25.28 -36.11 -16.37
CA ILE B 264 -25.12 -37.14 -15.35
C ILE B 264 -26.26 -38.13 -15.53
N LEU B 265 -25.98 -39.40 -15.30
CA LEU B 265 -26.96 -40.44 -15.53
C LEU B 265 -27.14 -41.26 -14.26
N THR B 266 -28.38 -41.54 -13.91
CA THR B 266 -28.67 -42.41 -12.77
C THR B 266 -29.75 -43.41 -13.18
N GLN B 267 -29.81 -44.52 -12.45
CA GLN B 267 -30.74 -45.61 -12.72
C GLN B 267 -31.86 -45.52 -11.68
N THR B 268 -33.09 -45.24 -12.11
CA THR B 268 -34.19 -45.17 -11.15
C THR B 268 -34.78 -46.55 -10.85
N ASN B 269 -35.06 -47.32 -11.89
CA ASN B 269 -35.51 -48.70 -11.75
C ASN B 269 -34.78 -49.49 -12.83
N ASN B 270 -34.90 -50.81 -12.82
CA ASN B 270 -34.32 -51.57 -13.93
C ASN B 270 -35.00 -51.16 -15.23
N ASP B 271 -34.19 -50.91 -16.25
CA ASP B 271 -34.60 -50.56 -17.60
C ASP B 271 -35.12 -49.12 -17.74
N GLU B 272 -35.11 -48.29 -16.68
CA GLU B 272 -35.39 -46.87 -16.79
C GLU B 272 -34.30 -46.06 -16.10
N PHE B 273 -33.79 -45.04 -16.80
CA PHE B 273 -32.76 -44.16 -16.29
C PHE B 273 -33.19 -42.70 -16.48
N VAL B 274 -32.65 -41.80 -15.64
CA VAL B 274 -32.86 -40.35 -15.78
C VAL B 274 -31.53 -39.68 -16.14
N ILE B 275 -31.62 -38.68 -17.03
CA ILE B 275 -30.47 -37.91 -17.48
C ILE B 275 -30.72 -36.46 -17.08
N VAL B 276 -29.89 -35.91 -16.18
CA VAL B 276 -30.03 -34.55 -15.68
C VAL B 276 -28.71 -33.79 -15.78
N GLY B 277 -28.82 -32.47 -15.83
CA GLY B 277 -27.62 -31.67 -15.81
C GLY B 277 -26.90 -31.61 -17.13
N GLY B 278 -25.72 -31.00 -17.08
CA GLY B 278 -24.86 -30.87 -18.21
C GLY B 278 -25.17 -29.58 -18.93
N TYR B 279 -24.63 -29.45 -20.12
CA TYR B 279 -24.75 -28.20 -20.86
C TYR B 279 -25.35 -28.42 -22.23
N GLN B 280 -26.22 -27.49 -22.63
CA GLN B 280 -26.75 -27.45 -23.98
C GLN B 280 -25.95 -26.54 -24.87
N LEU B 281 -25.39 -25.49 -24.29
CA LEU B 281 -24.50 -24.59 -24.99
C LEU B 281 -23.40 -24.21 -24.00
N GLU B 282 -22.34 -23.57 -24.50
CA GLU B 282 -21.26 -23.19 -23.61
C GLU B 282 -21.78 -22.33 -22.45
N ASN B 283 -22.67 -21.38 -22.76
CA ASN B 283 -23.26 -20.51 -21.76
C ASN B 283 -24.65 -20.93 -21.30
N GLN B 284 -25.22 -21.99 -21.85
CA GLN B 284 -26.59 -22.41 -21.50
C GLN B 284 -26.63 -23.81 -20.89
N LYS B 285 -26.96 -23.89 -19.59
CA LYS B 285 -27.06 -25.17 -18.91
C LYS B 285 -28.35 -25.86 -19.28
N ARG B 286 -28.34 -27.19 -19.24
CA ARG B 286 -29.50 -27.99 -19.61
C ARG B 286 -30.33 -28.20 -18.34
N MET B 287 -31.39 -27.40 -18.20
CA MET B 287 -32.21 -27.45 -16.99
C MET B 287 -33.24 -28.56 -17.06
N VAL B 288 -33.64 -28.98 -18.27
CA VAL B 288 -34.63 -30.04 -18.41
C VAL B 288 -34.03 -31.38 -18.00
N CYS B 289 -34.91 -32.34 -17.79
CA CYS B 289 -34.50 -33.69 -17.47
C CYS B 289 -35.20 -34.68 -18.38
N SER B 290 -34.51 -35.77 -18.70
CA SER B 290 -35.01 -36.75 -19.65
C SER B 290 -35.07 -38.11 -19.00
N LEU B 291 -36.08 -38.88 -19.40
CA LEU B 291 -36.30 -40.24 -18.94
C LEU B 291 -36.05 -41.20 -20.09
N VAL B 292 -35.25 -42.23 -19.87
CA VAL B 292 -34.97 -43.22 -20.91
C VAL B 292 -35.58 -44.56 -20.50
N SER B 293 -36.39 -45.12 -21.40
CA SER B 293 -36.98 -46.43 -21.24
C SER B 293 -36.36 -47.32 -22.31
N LEU B 294 -35.89 -48.48 -21.90
CA LEU B 294 -35.19 -49.38 -22.80
C LEU B 294 -36.07 -50.56 -23.20
N GLY B 295 -35.98 -50.97 -24.45
CA GLY B 295 -36.66 -52.20 -24.83
C GLY B 295 -35.56 -53.12 -25.30
N ASP B 296 -35.78 -54.43 -25.32
CA ASP B 296 -34.73 -55.34 -25.78
C ASP B 296 -34.19 -54.87 -27.12
N ASN B 297 -35.05 -54.32 -27.98
CA ASN B 297 -34.63 -53.76 -29.26
C ASN B 297 -34.90 -52.27 -29.42
N THR B 298 -35.50 -51.60 -28.44
CA THR B 298 -35.90 -50.21 -28.59
C THR B 298 -35.45 -49.33 -27.41
N ILE B 299 -35.27 -48.03 -27.67
CA ILE B 299 -34.88 -47.04 -26.67
C ILE B 299 -35.82 -45.84 -26.76
N GLU B 300 -36.35 -45.40 -25.62
CA GLU B 300 -37.34 -44.32 -25.56
C GLU B 300 -36.84 -43.16 -24.70
N ILE B 301 -36.80 -41.96 -25.27
CA ILE B 301 -36.34 -40.76 -24.56
C ILE B 301 -37.53 -39.82 -24.39
N SER B 302 -37.89 -39.54 -23.13
CA SER B 302 -39.09 -38.77 -22.83
C SER B 302 -38.77 -37.56 -21.96
N GLU B 303 -39.32 -36.40 -22.32
CA GLU B 303 -39.23 -35.23 -21.45
C GLU B 303 -39.97 -35.53 -20.15
N MET B 304 -39.42 -35.11 -19.04
CA MET B 304 -40.08 -35.26 -17.76
C MET B 304 -40.13 -33.93 -17.06
N GLU B 305 -40.82 -33.91 -15.91
CA GLU B 305 -41.01 -32.68 -15.15
C GLU B 305 -39.68 -32.16 -14.61
N THR B 306 -39.38 -30.90 -14.92
CA THR B 306 -38.14 -30.30 -14.46
C THR B 306 -38.23 -30.11 -12.95
N PRO B 307 -37.11 -30.22 -12.24
CA PRO B 307 -37.13 -30.05 -10.79
C PRO B 307 -37.18 -28.58 -10.39
N ASP B 308 -37.42 -28.38 -9.09
CA ASP B 308 -37.61 -27.03 -8.53
C ASP B 308 -36.25 -26.41 -8.19
N TRP B 309 -35.53 -26.06 -9.26
CA TRP B 309 -34.19 -25.53 -9.09
C TRP B 309 -34.24 -24.20 -8.34
N THR B 310 -33.22 -23.97 -7.50
CA THR B 310 -33.11 -22.70 -6.81
C THR B 310 -32.44 -21.66 -7.71
N SER B 311 -32.49 -20.40 -7.30
CA SER B 311 -31.97 -19.34 -8.15
C SER B 311 -30.46 -19.44 -8.31
N ASP B 312 -29.76 -20.02 -7.32
CA ASP B 312 -28.32 -20.27 -7.46
C ASP B 312 -28.05 -21.17 -8.66
N ILE B 313 -28.72 -22.33 -8.70
CA ILE B 313 -28.51 -23.25 -9.80
C ILE B 313 -28.82 -22.57 -11.11
N LYS B 314 -29.93 -21.83 -11.14
CA LYS B 314 -30.40 -21.28 -12.42
C LYS B 314 -29.37 -20.35 -13.04
N HIS B 315 -28.71 -19.53 -12.22
CA HIS B 315 -27.79 -18.51 -12.73
C HIS B 315 -26.33 -18.90 -12.65
N SER B 316 -26.02 -20.07 -12.10
CA SER B 316 -24.65 -20.53 -12.10
C SER B 316 -24.20 -20.76 -13.54
N LYS B 317 -22.95 -20.41 -13.84
CA LYS B 317 -22.44 -20.76 -15.16
C LYS B 317 -22.11 -22.23 -15.24
N ILE B 318 -21.56 -22.79 -14.17
CA ILE B 318 -21.09 -24.17 -14.22
C ILE B 318 -21.75 -24.95 -13.11
N TRP B 319 -21.99 -26.23 -13.39
CA TRP B 319 -22.30 -27.20 -12.37
C TRP B 319 -21.64 -28.52 -12.73
N PHE B 320 -21.50 -29.37 -11.73
CA PHE B 320 -20.85 -30.66 -11.85
C PHE B 320 -21.44 -31.59 -10.82
N GLY B 321 -21.29 -32.89 -11.07
CA GLY B 321 -21.78 -33.86 -10.13
C GLY B 321 -21.54 -35.26 -10.65
N SER B 322 -21.97 -36.23 -9.85
CA SER B 322 -21.92 -37.63 -10.23
C SER B 322 -23.14 -38.34 -9.65
N ASN B 323 -23.35 -39.58 -10.07
CA ASN B 323 -24.44 -40.39 -9.56
C ASN B 323 -24.04 -41.08 -8.24
N MET B 324 -24.89 -40.95 -7.21
CA MET B 324 -24.69 -41.66 -5.95
C MET B 324 -25.16 -43.10 -6.00
N GLY B 325 -26.08 -43.41 -6.91
CA GLY B 325 -26.49 -44.79 -7.17
C GLY B 325 -27.94 -45.16 -6.89
N ASN B 326 -28.45 -44.78 -5.72
CA ASN B 326 -29.83 -45.16 -5.42
C ASN B 326 -30.79 -44.16 -6.05
N GLY B 327 -30.60 -43.91 -7.35
CA GLY B 327 -31.39 -42.93 -8.07
C GLY B 327 -31.33 -41.54 -7.49
N THR B 328 -30.21 -41.18 -6.88
CA THR B 328 -30.01 -39.89 -6.22
C THR B 328 -28.68 -39.33 -6.72
N ILE B 329 -28.70 -38.07 -7.14
CA ILE B 329 -27.52 -37.38 -7.69
C ILE B 329 -26.95 -36.39 -6.68
N PHE B 330 -25.64 -36.23 -6.71
CA PHE B 330 -24.91 -35.30 -5.85
C PHE B 330 -24.42 -34.16 -6.71
N LEU B 331 -24.90 -32.94 -6.45
CA LEU B 331 -24.61 -31.83 -7.35
C LEU B 331 -23.72 -30.78 -6.71
N GLY B 332 -22.98 -30.08 -7.56
CA GLY B 332 -22.12 -29.03 -7.07
C GLY B 332 -22.14 -27.82 -7.98
N ILE B 333 -22.17 -26.63 -7.39
CA ILE B 333 -22.07 -25.35 -8.11
C ILE B 333 -21.02 -24.50 -7.43
N PRO B 334 -20.30 -23.66 -8.17
CA PRO B 334 -19.31 -22.80 -7.52
C PRO B 334 -20.00 -21.87 -6.54
N GLY B 335 -19.44 -21.79 -5.34
CA GLY B 335 -19.99 -20.99 -4.27
C GLY B 335 -19.32 -19.62 -4.13
N ASP B 336 -19.64 -18.96 -3.01
CA ASP B 336 -18.97 -17.70 -2.66
C ASP B 336 -17.52 -17.94 -2.25
N ASN B 337 -16.69 -16.94 -2.53
CA ASN B 337 -15.30 -16.96 -2.08
C ASN B 337 -15.09 -15.85 -1.06
N LYS B 338 -14.36 -16.17 0.01
CA LYS B 338 -13.97 -15.19 1.03
C LYS B 338 -13.02 -14.19 0.41
N SER B 342 -15.54 -18.00 2.27
CA SER B 342 -16.26 -19.18 2.71
C SER B 342 -15.81 -20.41 1.92
N GLU B 343 -16.73 -21.38 1.77
CA GLU B 343 -16.43 -22.62 1.10
C GLU B 343 -16.57 -22.44 -0.41
N ALA B 344 -15.73 -23.17 -1.16
CA ALA B 344 -15.66 -22.90 -2.60
C ALA B 344 -16.88 -23.37 -3.35
N PHE B 345 -17.52 -24.45 -2.92
CA PHE B 345 -18.63 -25.02 -3.67
C PHE B 345 -19.84 -25.24 -2.77
N TYR B 346 -21.02 -25.18 -3.39
CA TYR B 346 -22.31 -25.41 -2.75
C TYR B 346 -22.88 -26.72 -3.27
N PHE B 347 -23.26 -27.60 -2.35
CA PHE B 347 -23.67 -28.93 -2.76
C PHE B 347 -25.14 -29.17 -2.49
N TYR B 348 -25.75 -29.90 -3.41
CA TYR B 348 -27.12 -30.33 -3.34
C TYR B 348 -27.20 -31.82 -3.61
N THR B 349 -28.34 -32.41 -3.24
CA THR B 349 -28.72 -33.78 -3.57
C THR B 349 -30.09 -33.73 -4.22
N LEU B 350 -30.21 -34.32 -5.39
CA LEU B 350 -31.47 -34.47 -6.10
C LEU B 350 -31.84 -35.96 -6.13
N ARG B 351 -32.99 -36.31 -5.55
CA ARG B 351 -33.46 -37.71 -5.47
C ARG B 351 -34.53 -37.96 -6.52
N CYS B 352 -34.71 -39.25 -6.86
CA CYS B 352 -35.76 -39.64 -7.85
C CYS B 352 -36.53 -40.92 -7.46
N HIS C 4 66.90 48.51 -37.60
CA HIS C 4 66.02 48.13 -36.50
C HIS C 4 66.40 46.76 -35.99
N ILE C 5 66.36 46.57 -34.68
CA ILE C 5 66.76 45.32 -34.05
C ILE C 5 65.52 44.60 -33.56
N ASN C 6 65.39 43.33 -33.91
CA ASN C 6 64.32 42.47 -33.42
C ASN C 6 64.87 41.71 -32.22
N LYS C 7 64.32 41.99 -31.01
CA LYS C 7 64.73 41.34 -29.78
C LYS C 7 64.19 39.92 -29.63
N GLY C 8 63.22 39.51 -30.46
CA GLY C 8 62.59 38.21 -30.32
C GLY C 8 61.36 38.18 -29.42
N GLY C 9 61.19 37.06 -28.70
CA GLY C 9 60.02 36.88 -27.85
C GLY C 9 59.10 35.72 -28.22
N ARG C 10 58.52 35.09 -27.21
CA ARG C 10 57.62 33.97 -27.46
C ARG C 10 56.41 34.46 -28.26
N PRO C 11 56.08 33.83 -29.38
CA PRO C 11 54.93 34.29 -30.16
C PRO C 11 53.63 34.02 -29.40
N ARG C 12 52.69 34.96 -29.52
CA ARG C 12 51.37 34.84 -28.92
C ARG C 12 50.51 33.83 -29.67
N GLN C 13 49.61 33.16 -28.92
CA GLN C 13 48.57 32.30 -29.50
C GLN C 13 47.24 33.06 -29.53
N HIS C 14 46.26 32.51 -30.26
CA HIS C 14 45.00 33.24 -30.37
C HIS C 14 44.27 33.21 -29.02
N LEU C 15 43.59 34.33 -28.71
CA LEU C 15 42.96 34.52 -27.40
C LEU C 15 42.15 33.30 -27.01
N LEU C 16 41.43 32.72 -27.97
CA LEU C 16 40.45 31.68 -27.66
C LEU C 16 41.08 30.32 -27.39
N SER C 17 42.26 30.04 -27.95
CA SER C 17 42.99 28.80 -27.64
C SER C 17 43.78 28.86 -26.34
N LEU C 18 43.74 29.98 -25.61
CA LEU C 18 44.45 30.13 -24.34
C LEU C 18 43.74 29.43 -23.19
N THR C 19 44.47 29.21 -22.12
CA THR C 19 43.82 28.82 -20.88
C THR C 19 43.20 30.03 -20.19
N ARG C 20 42.35 29.75 -19.20
CA ARG C 20 41.69 30.80 -18.45
C ARG C 20 42.73 31.77 -17.86
N ARG C 21 43.77 31.25 -17.21
CA ARG C 21 44.75 32.12 -16.56
C ARG C 21 45.42 33.04 -17.58
N ALA C 22 45.85 32.47 -18.69
CA ALA C 22 46.48 33.25 -19.72
C ALA C 22 45.52 34.27 -20.30
N GLN C 23 44.28 33.85 -20.52
CA GLN C 23 43.29 34.74 -21.11
C GLN C 23 43.03 35.94 -20.24
N LYS C 24 42.96 35.73 -18.93
CA LYS C 24 42.71 36.82 -18.01
C LYS C 24 43.83 37.86 -18.08
N HIS C 25 45.06 37.37 -18.14
CA HIS C 25 46.22 38.25 -18.20
C HIS C 25 46.22 39.09 -19.46
N ARG C 26 45.88 38.47 -20.58
CA ARG C 26 45.86 39.15 -21.87
C ARG C 26 44.85 40.28 -21.92
N LEU C 27 43.68 40.04 -21.31
CA LEU C 27 42.62 41.05 -21.31
C LEU C 27 42.60 41.86 -20.04
N ARG C 28 43.65 41.71 -19.23
CA ARG C 28 43.71 42.38 -17.94
C ARG C 28 43.65 43.90 -18.04
N GLU C 29 44.34 44.47 -19.03
CA GLU C 29 44.32 45.92 -19.18
C GLU C 29 42.91 46.38 -19.51
N LEU C 30 42.24 45.62 -20.37
CA LEU C 30 40.88 45.93 -20.81
C LEU C 30 39.89 45.82 -19.67
N LYS C 31 40.09 44.82 -18.84
CA LYS C 31 39.24 44.56 -17.68
C LYS C 31 39.17 45.80 -16.77
N ILE C 32 40.32 46.44 -16.51
CA ILE C 32 40.33 47.62 -15.66
C ILE C 32 39.62 48.80 -16.31
N GLN C 33 39.54 48.84 -17.63
CA GLN C 33 38.79 49.93 -18.29
C GLN C 33 37.29 49.70 -18.18
N VAL C 34 36.85 48.47 -18.39
CA VAL C 34 35.43 48.16 -18.24
C VAL C 34 34.99 48.40 -16.80
N LYS C 35 35.71 47.81 -15.84
CA LYS C 35 35.29 47.93 -14.45
C LYS C 35 35.35 49.36 -13.96
N GLU C 36 36.28 50.17 -14.47
CA GLU C 36 36.27 51.58 -14.07
C GLU C 36 35.17 52.34 -14.82
N PHE C 37 34.95 52.01 -16.09
CA PHE C 37 33.83 52.59 -16.82
C PHE C 37 32.50 52.20 -16.19
N ALA C 38 32.41 51.00 -15.64
CA ALA C 38 31.17 50.49 -15.09
C ALA C 38 30.77 51.31 -13.87
N ASP C 39 31.53 51.20 -12.77
CA ASP C 39 31.06 51.74 -11.49
C ASP C 39 30.87 53.27 -11.53
N LYS C 40 31.70 53.98 -12.28
CA LYS C 40 31.53 55.43 -12.41
C LYS C 40 30.35 55.79 -13.30
N GLU C 41 29.95 54.89 -14.20
CA GLU C 41 28.81 55.14 -15.08
C GLU C 41 27.61 54.21 -14.86
N GLU C 42 27.82 52.94 -14.46
CA GLU C 42 26.71 52.02 -14.24
C GLU C 42 26.62 51.49 -12.81
N GLY C 43 27.29 52.11 -11.85
CA GLY C 43 27.21 51.68 -10.47
C GLY C 43 27.83 50.32 -10.17
N GLY C 44 28.69 49.81 -11.03
CA GLY C 44 29.48 48.63 -10.75
C GLY C 44 28.96 47.35 -11.38
N ASP C 45 27.85 47.43 -12.12
CA ASP C 45 27.27 46.26 -12.77
C ASP C 45 28.08 45.89 -14.01
N VAL C 46 29.28 45.34 -13.74
CA VAL C 46 30.16 44.92 -14.83
C VAL C 46 29.50 43.83 -15.66
N LYS C 47 28.82 42.87 -15.01
CA LYS C 47 28.24 41.73 -15.73
C LYS C 47 27.23 42.17 -16.75
N ALA C 48 26.46 43.21 -16.42
CA ALA C 48 25.50 43.76 -17.36
C ALA C 48 26.20 44.35 -18.57
N VAL C 49 27.27 45.11 -18.32
CA VAL C 49 27.93 45.87 -19.37
C VAL C 49 28.50 44.94 -20.42
N CYS C 50 29.19 43.88 -19.97
CA CYS C 50 29.85 42.95 -20.87
C CYS C 50 28.83 42.11 -21.62
N LEU C 51 27.78 41.67 -20.92
CA LEU C 51 26.69 40.97 -21.60
C LEU C 51 26.14 41.79 -22.76
N THR C 52 25.84 43.07 -22.49
CA THR C 52 25.36 43.94 -23.56
C THR C 52 26.41 44.11 -24.65
N LEU C 53 27.66 44.38 -24.25
CA LEU C 53 28.74 44.53 -25.23
C LEU C 53 28.76 43.34 -26.19
N PHE C 54 28.97 42.14 -25.65
CA PHE C 54 29.03 40.96 -26.50
C PHE C 54 27.79 40.83 -27.35
N LEU C 55 26.63 41.06 -26.73
CA LEU C 55 25.35 40.88 -27.41
C LEU C 55 25.24 41.83 -28.59
N LEU C 56 25.54 43.12 -28.35
CA LEU C 56 25.53 44.09 -29.43
C LEU C 56 26.55 43.74 -30.51
N ALA C 57 27.74 43.33 -30.08
CA ALA C 57 28.76 42.90 -31.03
C ALA C 57 28.26 41.76 -31.91
N LEU C 58 27.72 40.71 -31.31
CA LEU C 58 27.19 39.59 -32.08
C LEU C 58 26.19 40.06 -33.13
N ARG C 59 25.31 40.97 -32.74
CA ARG C 59 24.25 41.38 -33.65
C ARG C 59 24.79 42.28 -34.75
N ALA C 60 25.68 43.20 -34.39
CA ALA C 60 26.37 44.02 -35.39
C ALA C 60 27.01 43.17 -36.48
N ARG C 61 27.46 41.96 -36.17
CA ARG C 61 27.96 41.03 -37.17
C ARG C 61 26.86 40.27 -37.90
N ASN C 62 25.59 40.56 -37.61
CA ASN C 62 24.45 39.84 -38.18
C ASN C 62 24.36 38.39 -37.70
N GLU C 63 24.91 38.07 -36.54
CA GLU C 63 24.83 36.70 -36.02
C GLU C 63 23.69 36.59 -35.02
N HIS C 64 22.49 36.91 -35.52
CA HIS C 64 21.33 37.06 -34.63
C HIS C 64 20.95 35.74 -33.99
N ARG C 65 21.03 34.65 -34.75
CA ARG C 65 20.73 33.33 -34.22
C ARG C 65 21.48 33.09 -32.91
N GLN C 66 22.80 33.27 -32.94
CA GLN C 66 23.57 33.04 -31.74
C GLN C 66 23.23 34.05 -30.65
N ALA C 67 22.92 35.28 -31.01
CA ALA C 67 22.66 36.28 -29.97
C ALA C 67 21.35 35.99 -29.29
N ASP C 68 20.37 35.49 -30.05
CA ASP C 68 19.10 35.09 -29.46
C ASP C 68 19.34 34.05 -28.37
N GLU C 69 20.01 32.95 -28.73
CA GLU C 69 20.24 31.86 -27.79
C GLU C 69 20.98 32.35 -26.55
N LEU C 70 21.95 33.26 -26.73
CA LEU C 70 22.59 33.84 -25.56
C LEU C 70 21.54 34.50 -24.68
N GLU C 71 20.65 35.29 -25.28
CA GLU C 71 19.73 36.07 -24.47
C GLU C 71 18.73 35.16 -23.77
N ALA C 72 18.43 34.01 -24.39
CA ALA C 72 17.66 32.97 -23.74
C ALA C 72 18.37 32.46 -22.49
N ILE C 73 19.63 32.05 -22.62
CA ILE C 73 20.36 31.44 -21.51
C ILE C 73 20.41 32.38 -20.30
N MET C 74 20.41 33.69 -20.55
CA MET C 74 20.56 34.65 -19.46
C MET C 74 19.27 34.81 -18.67
N GLN C 75 18.12 34.61 -19.32
CA GLN C 75 16.82 34.68 -18.67
C GLN C 75 16.20 33.30 -18.43
N GLY C 76 17.01 32.24 -18.49
CA GLY C 76 16.58 30.90 -18.18
C GLY C 76 15.64 30.28 -19.18
N ARG C 77 15.63 30.78 -20.41
CA ARG C 77 14.73 30.31 -21.47
C ARG C 77 15.29 29.13 -22.28
N GLY C 78 16.54 28.70 -22.09
CA GLY C 78 17.02 27.71 -23.05
C GLY C 78 17.98 26.64 -22.56
N SER C 79 17.50 25.38 -22.49
CA SER C 79 18.34 24.19 -22.33
C SER C 79 18.96 24.04 -20.94
N GLY C 80 18.77 25.01 -20.05
CA GLY C 80 19.30 24.90 -18.73
C GLY C 80 18.23 25.20 -17.72
N LEU C 81 17.60 24.13 -17.23
CA LEU C 81 16.34 24.27 -16.49
C LEU C 81 16.57 25.02 -15.18
N GLN C 82 15.75 26.04 -14.94
CA GLN C 82 15.90 26.77 -13.71
C GLN C 82 15.59 25.85 -12.53
N PRO C 83 16.20 26.09 -11.37
CA PRO C 83 15.99 25.21 -10.23
C PRO C 83 14.52 25.02 -9.86
N ALA C 84 13.69 26.05 -9.99
CA ALA C 84 12.29 25.85 -9.68
C ALA C 84 11.63 24.89 -10.68
N VAL C 85 11.96 25.00 -11.97
CA VAL C 85 11.33 24.12 -12.95
C VAL C 85 11.70 22.66 -12.67
N CYS C 86 12.93 22.42 -12.27
CA CYS C 86 13.31 21.06 -11.89
C CYS C 86 12.66 20.64 -10.60
N LEU C 87 12.40 21.58 -9.69
CA LEU C 87 11.59 21.24 -8.53
C LEU C 87 10.22 20.77 -9.00
N ALA C 88 9.62 21.54 -9.91
CA ALA C 88 8.28 21.20 -10.38
C ALA C 88 8.25 19.81 -10.98
N ILE C 89 9.21 19.51 -11.85
CA ILE C 89 9.22 18.21 -12.51
C ILE C 89 9.35 17.12 -11.47
N ARG C 90 10.35 17.25 -10.59
CA ARG C 90 10.57 16.24 -9.56
C ARG C 90 9.31 16.06 -8.71
N VAL C 91 8.74 17.14 -8.20
CA VAL C 91 7.60 17.02 -7.31
C VAL C 91 6.41 16.35 -8.02
N ASN C 92 5.98 16.91 -9.15
CA ASN C 92 4.75 16.49 -9.82
C ASN C 92 4.87 15.18 -10.57
N THR C 93 6.01 14.48 -10.50
CA THR C 93 6.16 13.18 -11.15
C THR C 93 6.47 12.08 -10.15
N PHE C 94 6.39 12.40 -8.84
CA PHE C 94 6.72 11.49 -7.73
C PHE C 94 8.19 11.04 -7.80
N LEU C 95 9.07 11.96 -8.12
CA LEU C 95 10.48 11.60 -8.26
C LEU C 95 11.13 11.74 -6.89
N SER C 96 11.41 10.61 -6.25
CA SER C 96 12.29 10.58 -5.08
C SER C 96 13.45 11.55 -5.28
N CYS C 97 13.95 12.16 -4.18
CA CYS C 97 15.24 12.86 -4.31
C CYS C 97 16.30 11.94 -4.90
N SER C 98 16.43 10.73 -4.35
CA SER C 98 17.40 9.77 -4.86
C SER C 98 17.20 9.50 -6.33
N GLN C 99 15.96 9.34 -6.75
CA GLN C 99 15.78 9.00 -8.14
C GLN C 99 16.07 10.18 -9.03
N TYR C 100 15.69 11.38 -8.59
CA TYR C 100 16.01 12.58 -9.35
C TYR C 100 17.52 12.68 -9.47
N HIS C 101 18.20 12.42 -8.37
CA HIS C 101 19.66 12.53 -8.36
C HIS C 101 20.29 11.60 -9.39
N LYS C 102 19.77 10.38 -9.53
CA LYS C 102 20.29 9.48 -10.56
C LYS C 102 20.02 10.02 -11.96
N MET C 103 18.88 10.66 -12.16
CA MET C 103 18.56 11.19 -13.49
C MET C 103 19.36 12.44 -13.76
N TYR C 104 19.50 13.28 -12.75
CA TYR C 104 20.34 14.46 -12.86
C TYR C 104 21.74 14.10 -13.37
N ARG C 105 22.42 13.26 -12.62
CA ARG C 105 23.82 13.02 -12.90
C ARG C 105 24.01 12.21 -14.18
N THR C 106 23.11 11.27 -14.51
CA THR C 106 23.29 10.54 -15.78
C THR C 106 23.10 11.46 -16.99
N VAL C 107 22.10 12.34 -16.96
CA VAL C 107 21.95 13.32 -18.04
C VAL C 107 23.23 14.14 -18.18
N LYS C 108 23.73 14.69 -17.07
CA LYS C 108 24.93 15.52 -17.13
C LYS C 108 26.10 14.72 -17.69
N ALA C 109 26.34 13.54 -17.13
CA ALA C 109 27.45 12.71 -17.60
C ALA C 109 27.33 12.40 -19.08
N ILE C 110 26.12 12.10 -19.54
CA ILE C 110 25.97 11.69 -20.93
C ILE C 110 25.97 12.90 -21.87
N THR C 111 25.35 14.01 -21.46
CA THR C 111 25.36 15.18 -22.32
C THR C 111 26.50 16.15 -22.04
N GLY C 112 27.24 15.96 -20.95
CA GLY C 112 28.15 16.99 -20.47
C GLY C 112 27.51 18.29 -20.08
N ARG C 113 26.22 18.49 -20.35
CA ARG C 113 25.52 19.73 -20.07
C ARG C 113 24.62 19.56 -18.85
N GLN C 114 24.57 20.57 -17.99
CA GLN C 114 23.86 20.47 -16.71
C GLN C 114 22.42 20.96 -16.93
N ILE C 115 21.61 20.06 -17.49
CA ILE C 115 20.21 20.37 -17.82
C ILE C 115 19.37 20.49 -16.57
N PHE C 116 19.35 19.45 -15.74
CA PHE C 116 18.74 19.52 -14.43
C PHE C 116 19.78 19.99 -13.43
N GLN C 117 19.34 20.79 -12.44
CA GLN C 117 20.22 21.33 -11.42
C GLN C 117 20.37 20.36 -10.26
N PRO C 118 21.42 20.47 -9.48
CA PRO C 118 21.63 19.50 -8.40
C PRO C 118 20.68 19.75 -7.23
N LEU C 119 20.62 18.73 -6.36
CA LEU C 119 19.64 18.71 -5.28
C LEU C 119 19.79 19.94 -4.38
N HIS C 120 21.02 20.47 -4.22
CA HIS C 120 21.17 21.59 -3.30
C HIS C 120 20.45 22.81 -3.82
N ALA C 121 20.40 22.94 -5.17
CA ALA C 121 19.69 24.02 -5.84
C ALA C 121 18.19 23.88 -5.65
N LEU C 122 17.63 22.70 -5.98
CA LEU C 122 16.23 22.44 -5.69
C LEU C 122 15.90 22.77 -4.24
N ARG C 123 16.70 22.25 -3.29
CA ARG C 123 16.42 22.46 -1.88
C ARG C 123 16.35 23.93 -1.56
N ASN C 124 17.15 24.73 -2.23
CA ASN C 124 17.11 26.17 -1.97
C ASN C 124 15.84 26.79 -2.57
N ALA C 125 15.43 26.32 -3.76
CA ALA C 125 14.23 26.86 -4.39
C ALA C 125 13.01 26.61 -3.54
N GLU C 126 13.04 25.52 -2.77
CA GLU C 126 11.88 25.12 -1.98
C GLU C 126 11.52 26.19 -0.96
N LYS C 127 12.52 26.82 -0.33
CA LYS C 127 12.23 27.66 0.83
C LYS C 127 11.18 28.72 0.52
N VAL C 128 11.15 29.19 -0.72
CA VAL C 128 10.15 30.15 -1.16
C VAL C 128 8.75 29.56 -1.06
N LEU C 129 8.59 28.30 -1.45
CA LEU C 129 7.26 27.73 -1.50
C LEU C 129 6.78 27.24 -0.14
N LEU C 130 7.67 27.12 0.87
CA LEU C 130 7.27 26.59 2.16
C LEU C 130 6.79 27.69 3.09
N PRO C 131 5.96 27.33 4.06
CA PRO C 131 5.55 28.30 5.08
C PRO C 131 6.78 28.87 5.77
N GLY C 132 6.71 30.16 6.11
CA GLY C 132 7.73 30.84 6.89
C GLY C 132 8.70 31.75 6.13
N TYR C 133 8.43 32.07 4.87
CA TYR C 133 9.37 32.79 3.99
C TYR C 133 8.94 34.20 3.65
N HIS C 134 7.69 34.40 3.23
CA HIS C 134 7.22 35.77 3.07
C HIS C 134 6.83 36.39 4.42
N PRO C 135 6.97 37.71 4.55
CA PRO C 135 6.62 38.37 5.83
C PRO C 135 5.22 38.96 5.82
N PHE C 136 4.56 39.08 6.99
CA PHE C 136 3.14 39.40 7.00
C PHE C 136 2.77 40.04 8.33
N GLU C 137 1.66 40.76 8.34
CA GLU C 137 1.22 41.43 9.54
C GLU C 137 -0.27 41.21 9.78
N TRP C 138 -0.64 41.10 11.05
CA TRP C 138 -2.03 40.91 11.42
C TRP C 138 -2.47 42.12 12.22
N GLN C 139 -3.57 42.74 11.80
CA GLN C 139 -4.09 43.89 12.54
C GLN C 139 -5.50 43.53 12.95
N PRO C 140 -5.77 43.51 14.25
CA PRO C 140 -4.85 43.55 15.38
C PRO C 140 -4.05 42.27 15.52
N PRO C 141 -2.93 42.30 16.25
CA PRO C 141 -2.11 41.10 16.41
C PRO C 141 -2.90 39.97 17.01
N LEU C 142 -2.69 38.76 16.50
CA LEU C 142 -3.44 37.60 16.94
C LEU C 142 -3.24 37.25 18.41
N LYS C 143 -4.34 36.90 19.06
CA LYS C 143 -4.33 36.51 20.46
C LYS C 143 -3.59 35.19 20.63
N ASN C 144 -2.49 35.24 21.39
CA ASN C 144 -1.68 34.09 21.78
C ASN C 144 -0.93 33.46 20.61
N VAL C 145 -0.84 34.14 19.48
CA VAL C 145 -0.04 33.67 18.35
C VAL C 145 1.18 34.57 18.23
N SER C 146 2.36 33.97 18.14
CA SER C 146 3.56 34.76 17.91
C SER C 146 3.41 35.61 16.65
N SER C 147 4.11 36.76 16.66
CA SER C 147 4.12 37.61 15.48
C SER C 147 5.25 37.27 14.52
N ARG C 148 6.25 36.52 14.99
CA ARG C 148 7.40 36.18 14.14
C ARG C 148 6.90 35.49 12.89
N THR C 149 7.39 35.89 11.73
CA THR C 149 6.86 35.34 10.49
C THR C 149 7.82 34.34 9.84
N ASP C 150 8.97 34.06 10.46
CA ASP C 150 9.95 33.15 9.87
C ASP C 150 9.77 31.72 10.34
N VAL C 151 8.68 31.41 11.01
CA VAL C 151 8.46 30.08 11.55
C VAL C 151 7.89 29.17 10.45
N GLY C 152 8.35 27.91 10.43
CA GLY C 152 7.93 26.92 9.46
C GLY C 152 7.39 25.65 10.09
N ILE C 153 8.06 24.52 9.88
CA ILE C 153 7.59 23.26 10.44
C ILE C 153 7.96 23.24 11.91
N ILE C 154 6.98 22.96 12.77
CA ILE C 154 7.20 23.01 14.21
C ILE C 154 6.67 21.73 14.80
N ASP C 155 7.02 21.49 16.06
CA ASP C 155 6.70 20.20 16.66
C ASP C 155 5.23 20.14 17.05
N GLY C 156 4.55 19.10 16.57
CA GLY C 156 3.12 18.98 16.76
C GLY C 156 2.72 18.84 18.22
N LEU C 157 3.59 18.29 19.06
CA LEU C 157 3.22 18.20 20.47
C LEU C 157 3.00 19.56 21.09
N SER C 158 3.45 20.62 20.42
CA SER C 158 3.37 22.03 20.86
C SER C 158 3.72 22.17 22.34
N GLY C 159 4.85 21.57 22.70
CA GLY C 159 5.37 21.73 24.03
C GLY C 159 4.80 20.80 25.07
N LEU C 160 3.94 19.87 24.68
CA LEU C 160 3.34 18.88 25.57
C LEU C 160 4.39 18.25 26.47
N ALA C 161 4.06 18.12 27.76
CA ALA C 161 5.04 17.60 28.71
C ALA C 161 5.35 16.14 28.41
N SER C 162 6.63 15.80 28.36
CA SER C 162 7.10 14.45 28.06
C SER C 162 7.76 13.78 29.27
N SER C 163 7.69 14.40 30.45
CA SER C 163 8.26 13.87 31.68
C SER C 163 7.55 12.58 32.12
N VAL C 164 8.25 11.75 32.89
CA VAL C 164 7.71 10.46 33.29
C VAL C 164 6.52 10.62 34.21
N ASP C 165 6.46 11.73 34.93
CA ASP C 165 5.36 12.00 35.85
C ASP C 165 4.09 12.39 35.12
N GLU C 166 4.21 13.04 33.97
CA GLU C 166 3.08 13.49 33.17
C GLU C 166 2.40 12.31 32.47
N TYR C 167 1.23 12.61 31.86
CA TYR C 167 0.55 11.66 31.00
C TYR C 167 1.49 11.18 29.90
N PRO C 168 1.55 9.89 29.64
CA PRO C 168 2.51 9.38 28.65
C PRO C 168 2.22 9.88 27.25
N VAL C 169 3.29 10.17 26.52
CA VAL C 169 3.19 10.63 25.14
C VAL C 169 3.44 9.46 24.22
N ASP C 170 2.45 9.12 23.42
CA ASP C 170 2.58 8.00 22.50
C ASP C 170 2.69 8.46 21.07
N THR C 171 2.81 9.75 20.83
CA THR C 171 2.56 10.21 19.48
C THR C 171 3.76 10.98 18.99
N ILE C 172 3.89 11.05 17.68
CA ILE C 172 4.89 11.90 17.06
C ILE C 172 4.17 12.72 16.00
N ALA C 173 4.36 14.04 16.05
CA ALA C 173 3.53 14.93 15.24
C ALA C 173 4.33 16.16 14.79
N LYS C 174 3.90 16.74 13.67
CA LYS C 174 4.52 17.91 13.08
C LYS C 174 3.45 18.70 12.35
N ARG C 175 3.60 20.03 12.33
CA ARG C 175 2.60 20.88 11.69
C ARG C 175 3.27 22.17 11.24
N PHE C 176 2.53 22.95 10.47
CA PHE C 176 2.74 24.35 10.24
C PHE C 176 1.95 25.16 11.27
N ARG C 177 2.29 26.43 11.41
CA ARG C 177 1.41 27.39 12.06
C ARG C 177 0.31 27.81 11.07
N TYR C 178 -0.95 27.83 11.55
CA TYR C 178 -2.08 28.07 10.67
C TYR C 178 -1.91 29.33 9.84
N ASP C 179 -1.54 30.45 10.46
CA ASP C 179 -1.39 31.69 9.71
C ASP C 179 -0.26 31.59 8.68
N SER C 180 0.92 31.15 9.12
CA SER C 180 2.05 30.98 8.19
C SER C 180 1.63 30.23 6.95
N ALA C 181 0.94 29.09 7.14
CA ALA C 181 0.54 28.23 6.02
C ALA C 181 -0.46 28.93 5.12
N LEU C 182 -1.41 29.65 5.72
CA LEU C 182 -2.35 30.44 4.93
C LEU C 182 -1.58 31.48 4.13
N VAL C 183 -0.70 32.22 4.79
CA VAL C 183 0.12 33.25 4.13
C VAL C 183 0.93 32.63 3.00
N SER C 184 1.62 31.52 3.27
CA SER C 184 2.30 30.76 2.23
C SER C 184 1.36 30.38 1.10
N ALA C 185 0.24 29.75 1.43
CA ALA C 185 -0.68 29.30 0.41
C ALA C 185 -1.22 30.46 -0.39
N LEU C 186 -1.62 31.53 0.30
CA LEU C 186 -2.12 32.72 -0.38
C LEU C 186 -1.12 33.22 -1.41
N MET C 187 0.13 33.37 -1.00
CA MET C 187 1.14 33.78 -1.95
C MET C 187 1.30 32.80 -3.09
N ASP C 188 1.20 31.50 -2.81
CA ASP C 188 1.37 30.52 -3.87
C ASP C 188 0.44 30.78 -5.05
N MET C 189 -0.73 31.37 -4.82
CA MET C 189 -1.74 31.54 -5.86
C MET C 189 -1.96 32.99 -6.24
N GLU C 190 -1.01 33.86 -5.88
CA GLU C 190 -1.07 35.26 -6.27
C GLU C 190 -1.32 35.42 -7.78
N GLU C 191 -0.59 34.67 -8.61
CA GLU C 191 -0.79 34.77 -10.05
C GLU C 191 -2.24 34.49 -10.43
N ASP C 192 -2.90 33.57 -9.73
CA ASP C 192 -4.31 33.34 -10.01
C ASP C 192 -5.15 34.49 -9.50
N ILE C 193 -4.81 35.05 -8.32
CA ILE C 193 -5.61 36.12 -7.75
C ILE C 193 -5.56 37.36 -8.65
N LEU C 194 -4.36 37.72 -9.13
CA LEU C 194 -4.21 38.86 -10.02
C LEU C 194 -4.95 38.64 -11.34
N GLU C 195 -4.71 37.50 -12.00
CA GLU C 195 -5.39 37.23 -13.26
C GLU C 195 -6.89 37.14 -13.09
N GLY C 196 -7.35 36.74 -11.91
CA GLY C 196 -8.78 36.65 -11.70
C GLY C 196 -9.44 38.00 -11.69
N MET C 197 -8.82 38.98 -11.01
CA MET C 197 -9.32 40.35 -11.02
C MET C 197 -9.35 40.89 -12.44
N ARG C 198 -8.29 40.63 -13.21
CA ARG C 198 -8.28 41.02 -14.60
C ARG C 198 -9.47 40.45 -15.34
N SER C 199 -9.76 39.16 -15.13
CA SER C 199 -10.82 38.50 -15.86
C SER C 199 -12.19 39.09 -15.53
N GLN C 200 -12.31 39.80 -14.41
CA GLN C 200 -13.54 40.48 -14.03
C GLN C 200 -13.54 41.96 -14.42
N ASP C 201 -12.50 42.41 -15.14
CA ASP C 201 -12.27 43.77 -15.66
C ASP C 201 -11.83 44.77 -14.59
N LEU C 202 -11.41 44.31 -13.41
CA LEU C 202 -10.89 45.17 -12.36
C LEU C 202 -9.36 45.33 -12.48
N ASP C 203 -8.80 46.16 -11.61
CA ASP C 203 -7.40 46.56 -11.70
C ASP C 203 -6.54 45.72 -10.77
N ASP C 204 -5.33 45.36 -11.25
CA ASP C 204 -4.42 44.47 -10.51
C ASP C 204 -4.08 45.01 -9.13
N TYR C 205 -4.00 46.34 -8.98
CA TYR C 205 -3.42 46.96 -7.80
C TYR C 205 -4.44 47.17 -6.69
N LEU C 206 -5.71 46.83 -6.91
CA LEU C 206 -6.72 46.94 -5.88
C LEU C 206 -6.26 46.21 -4.61
N ASN C 207 -6.70 46.71 -3.45
CA ASN C 207 -6.32 46.08 -2.19
C ASN C 207 -7.47 45.95 -1.21
N GLY C 208 -8.66 46.51 -1.53
CA GLY C 208 -9.79 46.48 -0.63
C GLY C 208 -10.09 45.06 -0.20
N PRO C 209 -10.50 44.88 1.06
CA PRO C 209 -10.45 43.54 1.69
C PRO C 209 -10.94 42.39 0.84
N PHE C 210 -10.01 41.44 0.55
CA PHE C 210 -10.35 40.15 -0.02
C PHE C 210 -10.87 39.20 1.05
N THR C 211 -11.89 38.43 0.72
CA THR C 211 -12.38 37.42 1.64
C THR C 211 -12.02 36.03 1.10
N VAL C 212 -11.37 35.22 1.92
CA VAL C 212 -10.92 33.89 1.53
C VAL C 212 -11.75 32.86 2.28
N VAL C 213 -12.39 31.96 1.55
CA VAL C 213 -13.21 30.93 2.17
C VAL C 213 -12.42 29.62 2.18
N VAL C 214 -12.25 29.04 3.36
CA VAL C 214 -11.33 27.93 3.55
C VAL C 214 -12.11 26.67 3.96
N LYS C 215 -12.01 25.61 3.16
CA LYS C 215 -12.57 24.32 3.56
C LYS C 215 -11.59 23.62 4.48
N GLU C 216 -12.02 23.27 5.67
CA GLU C 216 -11.17 22.53 6.59
C GLU C 216 -11.56 21.05 6.54
N SER C 217 -10.57 20.18 6.33
CA SER C 217 -10.75 18.74 6.39
C SER C 217 -9.92 18.14 7.51
N CYS C 218 -10.38 17.03 8.05
CA CYS C 218 -9.57 16.30 9.01
C CYS C 218 -10.13 14.90 9.08
N ASP C 219 -9.27 13.90 9.27
CA ASP C 219 -9.66 12.50 9.12
C ASP C 219 -8.55 11.60 9.65
N GLY C 220 -8.91 10.40 10.08
CA GLY C 220 -7.94 9.45 10.62
C GLY C 220 -7.70 8.27 9.70
N MET C 221 -6.57 7.64 9.86
CA MET C 221 -6.29 6.44 9.07
C MET C 221 -5.77 5.38 10.02
N GLY C 222 -6.12 4.12 9.76
CA GLY C 222 -5.50 3.01 10.45
C GLY C 222 -4.60 2.28 9.47
N ASP C 223 -4.08 1.13 9.91
CA ASP C 223 -3.17 0.37 9.07
C ASP C 223 -2.03 1.24 8.55
N VAL C 224 -1.39 1.97 9.46
CA VAL C 224 -0.18 2.77 9.20
C VAL C 224 0.99 2.12 9.95
N SER C 225 1.77 1.26 9.31
CA SER C 225 2.64 0.42 10.12
C SER C 225 3.68 1.24 10.88
N GLU C 226 3.98 0.81 12.09
CA GLU C 226 4.99 1.46 12.91
C GLU C 226 6.39 1.05 12.45
N LYS C 227 7.30 2.01 12.40
CA LYS C 227 8.67 1.67 12.06
C LYS C 227 9.41 1.10 13.26
N HIS C 228 10.48 0.36 12.98
CA HIS C 228 11.40 -0.01 14.04
C HIS C 228 12.16 1.22 14.53
N GLY C 229 12.66 1.13 15.76
CA GLY C 229 13.55 2.18 16.17
C GLY C 229 13.37 2.68 17.59
N SER C 230 14.28 3.59 17.95
CA SER C 230 14.30 4.23 19.26
C SER C 230 13.20 5.27 19.34
N GLY C 231 12.36 5.15 20.36
CA GLY C 231 11.37 6.14 20.61
C GLY C 231 10.13 5.59 21.27
N PRO C 232 9.05 6.36 21.12
CA PRO C 232 7.82 6.01 21.84
C PRO C 232 7.09 4.89 21.12
N ALA C 233 6.59 3.93 21.89
CA ALA C 233 5.64 3.01 21.31
C ALA C 233 4.48 3.81 20.74
N VAL C 234 4.11 3.55 19.50
CA VAL C 234 3.31 4.49 18.73
C VAL C 234 2.15 3.74 18.08
N PRO C 235 0.95 4.28 18.06
CA PRO C 235 -0.16 3.53 17.47
C PRO C 235 0.04 3.43 15.97
N GLU C 236 -0.43 2.33 15.39
CA GLU C 236 -0.30 2.18 13.94
C GLU C 236 -1.44 2.87 13.19
N LYS C 237 -1.81 4.08 13.65
CA LYS C 237 -2.82 4.92 12.99
C LYS C 237 -2.30 6.35 12.81
N ALA C 238 -3.05 7.17 12.05
CA ALA C 238 -2.65 8.55 11.77
C ALA C 238 -3.86 9.45 11.77
N VAL C 239 -3.64 10.75 12.00
CA VAL C 239 -4.67 11.78 11.80
C VAL C 239 -4.04 12.90 11.00
N ARG C 240 -4.79 13.45 10.04
CA ARG C 240 -4.27 14.55 9.22
C ARG C 240 -5.31 15.66 9.20
N PHE C 241 -4.87 16.87 9.54
CA PHE C 241 -5.70 18.05 9.43
C PHE C 241 -5.27 18.80 8.18
N SER C 242 -6.21 19.40 7.47
CA SER C 242 -5.97 19.91 6.12
C SER C 242 -6.91 21.07 5.86
N PHE C 243 -6.52 21.91 4.88
CA PHE C 243 -7.39 22.98 4.42
C PHE C 243 -7.23 23.17 2.94
N THR C 244 -8.28 23.71 2.34
CA THR C 244 -8.36 23.99 0.92
C THR C 244 -8.85 25.42 0.81
N VAL C 245 -8.25 26.21 -0.09
CA VAL C 245 -8.77 27.54 -0.37
C VAL C 245 -9.83 27.40 -1.46
N MET C 246 -11.10 27.61 -1.07
CA MET C 246 -12.21 27.34 -1.99
C MET C 246 -12.52 28.53 -2.86
N ARG C 247 -12.52 29.74 -2.28
CA ARG C 247 -13.04 30.92 -2.96
C ARG C 247 -12.38 32.17 -2.39
N ILE C 248 -11.98 33.08 -3.28
CA ILE C 248 -11.48 34.40 -2.90
C ILE C 248 -12.38 35.46 -3.51
N THR C 249 -12.82 36.38 -2.68
CA THR C 249 -13.76 37.42 -3.08
C THR C 249 -13.16 38.79 -2.78
N ILE C 250 -13.26 39.72 -3.72
CA ILE C 250 -12.90 41.11 -3.46
C ILE C 250 -14.17 41.94 -3.39
N GLU C 251 -14.18 42.94 -2.52
CA GLU C 251 -15.36 43.78 -2.33
C GLU C 251 -15.26 45.03 -3.20
N HIS C 252 -16.27 45.24 -4.06
CA HIS C 252 -16.39 46.44 -4.89
C HIS C 252 -17.39 47.44 -4.31
N GLY C 253 -17.63 47.39 -3.01
CA GLY C 253 -18.59 48.29 -2.38
C GLY C 253 -20.03 47.88 -2.61
N SER C 254 -20.47 47.89 -3.88
CA SER C 254 -21.85 47.53 -4.19
C SER C 254 -22.12 46.04 -3.99
N GLN C 255 -21.19 45.20 -4.46
CA GLN C 255 -21.39 43.76 -4.35
C GLN C 255 -20.04 43.07 -4.21
N ASN C 256 -20.08 41.83 -3.73
CA ASN C 256 -18.92 40.96 -3.64
C ASN C 256 -18.73 40.26 -4.98
N VAL C 257 -17.60 40.50 -5.63
CA VAL C 257 -17.29 39.87 -6.90
C VAL C 257 -16.22 38.82 -6.67
N LYS C 258 -16.42 37.63 -7.24
CA LYS C 258 -15.49 36.52 -7.00
C LYS C 258 -14.31 36.62 -7.94
N VAL C 259 -13.11 36.61 -7.35
CA VAL C 259 -11.83 36.68 -8.07
C VAL C 259 -11.27 35.29 -8.37
N PHE C 260 -11.51 34.33 -7.48
CA PHE C 260 -11.00 32.99 -7.67
C PHE C 260 -11.90 31.99 -6.97
N GLU C 261 -12.10 30.84 -7.61
CA GLU C 261 -12.72 29.71 -6.93
C GLU C 261 -12.16 28.42 -7.52
N GLU C 262 -11.76 27.53 -6.63
CA GLU C 262 -11.02 26.34 -7.01
C GLU C 262 -11.83 25.50 -7.99
N PRO C 263 -11.31 25.22 -9.17
CA PRO C 263 -12.06 24.36 -10.10
C PRO C 263 -12.24 22.95 -9.59
N LYS C 264 -11.17 22.33 -9.11
CA LYS C 264 -11.25 20.96 -8.66
C LYS C 264 -11.20 20.86 -7.14
N PRO C 265 -12.31 21.04 -6.42
CA PRO C 265 -12.25 21.23 -4.97
C PRO C 265 -12.05 19.96 -4.15
N ASN C 266 -12.14 18.79 -4.78
CA ASN C 266 -11.87 17.51 -4.13
C ASN C 266 -10.69 16.81 -4.76
N SER C 267 -9.72 17.62 -5.22
CA SER C 267 -8.48 17.13 -5.79
C SER C 267 -7.44 17.08 -4.70
N GLU C 268 -6.63 16.02 -4.74
CA GLU C 268 -5.48 15.96 -3.84
C GLU C 268 -4.49 17.06 -4.15
N LEU C 269 -4.51 17.60 -5.37
CA LEU C 269 -3.61 18.70 -5.69
C LEU C 269 -3.84 19.85 -4.73
N CYS C 270 -5.07 20.22 -4.47
CA CYS C 270 -5.27 21.48 -3.75
C CYS C 270 -5.61 21.29 -2.27
N CYS C 271 -5.58 20.07 -1.76
CA CYS C 271 -5.87 19.83 -0.34
C CYS C 271 -4.59 19.98 0.47
N LYS C 272 -4.32 21.19 0.97
CA LYS C 272 -3.02 21.48 1.58
C LYS C 272 -2.88 20.82 2.95
N PRO C 273 -1.89 19.96 3.17
CA PRO C 273 -1.68 19.41 4.52
C PRO C 273 -1.27 20.50 5.50
N LEU C 274 -1.83 20.46 6.70
CA LEU C 274 -1.45 21.41 7.74
C LEU C 274 -0.88 20.74 8.98
N CYS C 275 -1.41 19.60 9.42
CA CYS C 275 -0.87 18.91 10.58
C CYS C 275 -0.95 17.39 10.42
N LEU C 276 0.08 16.67 10.85
CA LEU C 276 0.20 15.23 10.63
C LEU C 276 0.66 14.58 11.93
N MET C 277 -0.12 13.65 12.46
CA MET C 277 0.21 12.92 13.68
C MET C 277 0.12 11.43 13.44
N LEU C 278 0.78 10.70 14.29
CA LEU C 278 0.62 9.25 14.35
C LEU C 278 -0.12 9.09 15.66
N ALA C 279 -1.44 8.98 15.58
CA ALA C 279 -2.23 8.84 16.78
C ALA C 279 -3.60 8.33 16.43
N ASP C 280 -4.28 7.77 17.39
CA ASP C 280 -5.62 7.28 17.16
C ASP C 280 -6.60 8.44 17.23
N GLU C 281 -7.54 8.50 16.30
CA GLU C 281 -8.53 9.58 16.30
C GLU C 281 -9.40 9.52 17.54
N SER C 282 -9.73 8.31 17.96
CA SER C 282 -10.53 8.08 19.14
C SER C 282 -9.78 8.42 20.42
N ASP C 283 -8.47 8.60 20.37
CA ASP C 283 -7.75 8.86 21.63
C ASP C 283 -7.94 10.32 21.96
N HIS C 284 -9.12 10.63 22.49
CA HIS C 284 -9.52 12.02 22.63
C HIS C 284 -8.46 12.88 23.30
N GLU C 285 -7.89 12.39 24.40
CA GLU C 285 -6.86 13.13 25.13
C GLU C 285 -5.74 13.55 24.20
N THR C 286 -5.23 12.60 23.44
CA THR C 286 -4.17 12.91 22.51
C THR C 286 -4.66 13.82 21.40
N LEU C 287 -5.82 13.52 20.82
CA LEU C 287 -6.28 14.28 19.67
C LEU C 287 -6.44 15.75 20.00
N THR C 288 -7.00 16.05 21.17
CA THR C 288 -7.24 17.43 21.52
C THR C 288 -5.95 18.10 21.91
N ALA C 289 -5.09 17.39 22.65
CA ALA C 289 -3.73 17.88 22.87
C ALA C 289 -3.10 18.43 21.59
N ILE C 290 -3.16 17.69 20.50
CA ILE C 290 -2.43 18.05 19.30
C ILE C 290 -3.19 19.04 18.46
N LEU C 291 -4.49 18.92 18.40
CA LEU C 291 -5.19 19.80 17.49
C LEU C 291 -5.55 21.13 18.15
N SER C 292 -5.53 21.22 19.46
CA SER C 292 -6.09 22.44 20.03
C SER C 292 -5.23 23.66 19.70
N PRO C 293 -3.90 23.56 19.62
CA PRO C 293 -3.13 24.70 19.08
C PRO C 293 -3.60 25.19 17.71
N LEU C 294 -3.77 24.34 16.70
CA LEU C 294 -4.35 24.87 15.45
C LEU C 294 -5.70 25.53 15.70
N ILE C 295 -6.46 25.02 16.66
CA ILE C 295 -7.78 25.59 16.88
C ILE C 295 -7.67 26.98 17.47
N ALA C 296 -6.67 27.24 18.34
CA ALA C 296 -6.48 28.57 18.90
C ALA C 296 -5.98 29.54 17.84
N GLU C 297 -5.01 29.11 17.03
CA GLU C 297 -4.60 29.90 15.89
C GLU C 297 -5.81 30.29 15.04
N ARG C 298 -6.69 29.31 14.79
CA ARG C 298 -7.85 29.54 13.93
C ARG C 298 -8.83 30.50 14.58
N GLU C 299 -9.01 30.38 15.89
CA GLU C 299 -9.91 31.29 16.57
C GLU C 299 -9.40 32.71 16.47
N ALA C 300 -8.08 32.88 16.58
CA ALA C 300 -7.45 34.18 16.47
C ALA C 300 -7.73 34.82 15.12
N MET C 301 -7.42 34.13 14.04
CA MET C 301 -7.59 34.66 12.70
C MET C 301 -9.03 35.03 12.36
N LYS C 302 -10.02 34.61 13.16
CA LYS C 302 -11.42 34.92 12.86
C LYS C 302 -11.68 36.42 13.01
N SER C 303 -11.06 37.03 14.01
CA SER C 303 -11.33 38.41 14.42
C SER C 303 -10.17 39.34 14.06
N SER C 304 -9.50 39.11 12.94
CA SER C 304 -8.33 39.92 12.59
C SER C 304 -8.15 39.94 11.08
N GLU C 305 -7.32 40.87 10.59
CA GLU C 305 -7.14 41.05 9.16
C GLU C 305 -5.69 40.80 8.78
N LEU C 306 -5.50 40.28 7.58
CA LEU C 306 -4.17 39.87 7.12
C LEU C 306 -3.67 40.88 6.09
N THR C 307 -2.60 41.57 6.43
CA THR C 307 -1.91 42.44 5.47
C THR C 307 -0.71 41.70 4.88
N LEU C 308 -0.65 41.67 3.55
CA LEU C 308 0.28 40.83 2.80
C LEU C 308 0.59 41.47 1.46
N GLU C 309 1.85 41.49 1.08
CA GLU C 309 2.29 42.21 -0.12
C GLU C 309 2.31 41.28 -1.32
N MET C 310 1.54 41.62 -2.35
CA MET C 310 1.45 40.78 -3.54
C MET C 310 1.82 41.61 -4.77
N GLY C 311 2.83 41.15 -5.51
CA GLY C 311 3.29 41.86 -6.70
C GLY C 311 3.45 43.36 -6.48
N GLY C 312 4.13 43.73 -5.40
CA GLY C 312 4.39 45.12 -5.10
C GLY C 312 3.46 45.77 -4.09
N ILE C 313 2.18 45.88 -4.44
CA ILE C 313 1.18 46.53 -3.57
C ILE C 313 0.84 45.64 -2.37
N PRO C 314 0.62 46.23 -1.18
CA PRO C 314 0.01 45.47 -0.09
C PRO C 314 -1.44 45.15 -0.39
N ARG C 315 -1.93 44.05 0.18
CA ARG C 315 -3.31 43.61 0.05
C ARG C 315 -3.88 43.26 1.42
N THR C 316 -5.20 43.11 1.49
CA THR C 316 -5.85 42.83 2.77
C THR C 316 -6.84 41.70 2.61
N PHE C 317 -6.69 40.68 3.48
CA PHE C 317 -7.47 39.46 3.48
C PHE C 317 -8.14 39.22 4.81
N LYS C 318 -9.37 38.70 4.76
CA LYS C 318 -10.04 38.13 5.92
C LYS C 318 -10.57 36.76 5.52
N PHE C 319 -10.70 35.89 6.52
CA PHE C 319 -10.89 34.47 6.26
C PHE C 319 -12.20 33.99 6.87
N ILE C 320 -12.87 33.07 6.16
CA ILE C 320 -13.99 32.32 6.73
C ILE C 320 -13.62 30.85 6.69
N PHE C 321 -13.77 30.18 7.83
CA PHE C 321 -13.38 28.79 8.00
C PHE C 321 -14.61 27.88 8.04
N ARG C 322 -14.70 27.00 7.05
CA ARG C 322 -15.83 26.09 6.92
C ARG C 322 -15.30 24.67 7.13
N GLY C 323 -15.49 24.14 8.34
CA GLY C 323 -15.17 22.76 8.64
C GLY C 323 -16.21 21.77 8.12
N THR C 324 -16.04 21.36 6.88
CA THR C 324 -16.96 20.44 6.24
C THR C 324 -16.30 19.16 5.76
N GLY C 325 -15.01 19.00 5.89
CA GLY C 325 -14.41 17.80 5.37
C GLY C 325 -14.24 16.83 6.51
N TYR C 326 -15.38 16.40 7.07
CA TYR C 326 -15.41 15.41 8.13
C TYR C 326 -16.38 14.30 7.77
N ASP C 327 -16.06 13.09 8.21
CA ASP C 327 -17.02 11.99 8.25
C ASP C 327 -17.76 12.10 9.62
N GLU C 328 -19.01 11.58 9.66
CA GLU C 328 -19.89 11.78 10.82
C GLU C 328 -19.22 11.36 12.11
N LYS C 329 -18.52 10.22 12.09
CA LYS C 329 -17.93 9.70 13.33
C LYS C 329 -17.10 10.76 14.01
N LEU C 330 -16.24 11.47 13.24
CA LEU C 330 -15.42 12.52 13.80
C LEU C 330 -16.25 13.73 14.21
N VAL C 331 -17.12 14.21 13.31
CA VAL C 331 -18.02 15.29 13.70
C VAL C 331 -18.58 15.01 15.09
N ARG C 332 -19.07 13.79 15.30
CA ARG C 332 -19.68 13.50 16.60
C ARG C 332 -18.64 13.61 17.70
N GLU C 333 -17.39 13.22 17.40
CA GLU C 333 -16.37 13.12 18.44
C GLU C 333 -15.85 14.50 18.81
N VAL C 334 -15.64 15.38 17.80
CA VAL C 334 -15.15 16.74 18.08
C VAL C 334 -16.26 17.69 18.53
N GLU C 335 -17.55 17.31 18.39
CA GLU C 335 -18.66 18.18 18.78
C GLU C 335 -19.38 17.69 20.01
N GLY C 336 -18.84 16.69 20.71
CA GLY C 336 -19.41 16.23 21.95
C GLY C 336 -20.75 15.56 21.79
N LEU C 337 -21.08 15.15 20.58
CA LEU C 337 -22.30 14.39 20.33
C LEU C 337 -22.08 12.92 20.69
N GLU C 338 -23.16 12.23 21.07
CA GLU C 338 -23.08 10.79 21.28
C GLU C 338 -22.64 10.10 19.99
N ALA C 339 -22.19 8.83 20.10
CA ALA C 339 -21.71 8.07 18.94
C ALA C 339 -22.82 7.84 17.94
N SER C 340 -22.55 7.12 16.82
CA SER C 340 -23.53 7.05 15.72
C SER C 340 -24.71 6.13 15.97
N GLY C 341 -24.59 5.17 16.91
CA GLY C 341 -25.75 4.38 17.28
C GLY C 341 -26.87 5.09 18.01
N SER C 342 -26.67 6.34 18.44
CA SER C 342 -27.54 6.97 19.43
C SER C 342 -28.96 7.14 18.89
N VAL C 343 -29.93 7.09 19.80
CA VAL C 343 -31.28 7.45 19.39
C VAL C 343 -31.30 8.81 18.70
N TYR C 344 -30.39 9.71 19.08
CA TYR C 344 -30.28 11.01 18.42
C TYR C 344 -29.42 10.80 17.21
N ILE C 345 -30.06 10.75 16.04
CA ILE C 345 -29.40 10.16 14.88
C ILE C 345 -28.67 11.22 14.06
N CYS C 346 -28.78 12.48 14.44
CA CYS C 346 -28.49 13.56 13.53
C CYS C 346 -27.51 14.54 14.18
N THR C 347 -26.57 15.04 13.38
CA THR C 347 -25.65 16.07 13.81
C THR C 347 -26.16 17.45 13.47
N LEU C 348 -27.24 17.52 12.68
CA LEU C 348 -27.89 18.75 12.28
C LEU C 348 -29.17 19.05 13.05
N CYS C 349 -30.03 18.07 13.33
CA CYS C 349 -31.26 18.39 14.03
C CYS C 349 -31.38 17.52 15.30
N ASP C 350 -32.41 17.81 16.10
CA ASP C 350 -32.56 17.19 17.43
C ASP C 350 -33.37 15.91 17.38
N THR C 351 -33.79 15.48 16.19
CA THR C 351 -34.78 14.43 16.10
C THR C 351 -34.22 13.10 16.60
N THR C 352 -35.14 12.20 16.94
CA THR C 352 -34.84 10.83 17.32
C THR C 352 -34.91 9.94 16.09
N ARG C 353 -34.39 8.72 16.25
CA ARG C 353 -34.51 7.75 15.19
C ARG C 353 -35.97 7.46 14.89
N LEU C 354 -36.74 7.22 15.96
CA LEU C 354 -38.16 6.92 15.77
C LEU C 354 -38.86 8.05 15.04
N GLU C 355 -38.60 9.28 15.48
CA GLU C 355 -39.25 10.45 14.92
C GLU C 355 -38.86 10.63 13.45
N ALA C 356 -37.60 10.34 13.11
CA ALA C 356 -37.19 10.45 11.73
C ALA C 356 -37.79 9.35 10.87
N SER C 357 -38.12 8.22 11.46
CA SER C 357 -38.67 7.16 10.64
C SER C 357 -40.15 7.39 10.29
N GLN C 358 -40.76 8.48 10.79
CA GLN C 358 -42.15 8.86 10.57
C GLN C 358 -42.31 10.16 9.81
N ASN C 359 -41.83 11.29 10.38
CA ASN C 359 -41.79 12.54 9.61
C ASN C 359 -40.81 12.43 8.44
N LEU C 360 -39.60 11.90 8.70
CA LEU C 360 -38.60 11.57 7.67
C LEU C 360 -37.94 12.79 7.01
N VAL C 361 -38.73 13.81 6.62
CA VAL C 361 -38.33 14.89 5.70
C VAL C 361 -38.49 16.30 6.28
N PHE C 362 -39.47 16.50 7.16
CA PHE C 362 -39.83 17.87 7.60
C PHE C 362 -39.19 18.23 8.94
N HIS C 363 -37.86 18.15 8.96
CA HIS C 363 -37.07 18.72 10.03
C HIS C 363 -36.22 19.82 9.43
N SER C 364 -35.64 20.64 10.29
CA SER C 364 -34.78 21.71 9.81
C SER C 364 -33.54 21.77 10.68
N ILE C 365 -32.52 22.47 10.19
CA ILE C 365 -31.21 22.48 10.84
C ILE C 365 -31.26 23.29 12.13
N THR C 366 -30.85 22.67 13.23
CA THR C 366 -30.97 23.20 14.58
C THR C 366 -29.63 23.31 15.28
N ARG C 367 -28.81 22.27 15.23
CA ARG C 367 -27.61 22.23 16.05
C ARG C 367 -26.55 23.16 15.46
N SER C 368 -25.59 23.50 16.32
CA SER C 368 -24.49 24.36 15.94
C SER C 368 -23.42 24.16 16.99
N HIS C 369 -22.19 24.52 16.63
CA HIS C 369 -21.12 24.48 17.61
C HIS C 369 -21.49 25.31 18.83
N ALA C 370 -22.01 26.53 18.61
CA ALA C 370 -22.38 27.38 19.71
C ALA C 370 -23.38 26.69 20.62
N GLU C 371 -24.44 26.13 20.01
CA GLU C 371 -25.51 25.52 20.78
C GLU C 371 -25.01 24.31 21.53
N ASN C 372 -24.08 23.56 20.90
CA ASN C 372 -23.49 22.39 21.53
C ASN C 372 -22.70 22.78 22.75
N LEU C 373 -21.97 23.90 22.68
CA LEU C 373 -21.28 24.34 23.88
C LEU C 373 -22.27 24.67 24.98
N GLN C 374 -23.33 25.43 24.65
CA GLN C 374 -24.38 25.74 25.64
C GLN C 374 -24.92 24.47 26.28
N ARG C 375 -25.29 23.46 25.46
CA ARG C 375 -25.87 22.23 26.01
C ARG C 375 -24.91 21.52 26.94
N TYR C 376 -23.63 21.41 26.55
CA TYR C 376 -22.68 20.73 27.43
C TYR C 376 -22.70 21.37 28.81
N GLU C 377 -22.57 22.70 28.87
CA GLU C 377 -22.60 23.35 30.17
C GLU C 377 -23.87 22.98 30.91
N VAL C 378 -25.00 22.90 30.21
CA VAL C 378 -26.25 22.47 30.85
C VAL C 378 -26.09 21.07 31.39
N TRP C 379 -25.60 20.15 30.56
CA TRP C 379 -25.34 18.79 31.01
C TRP C 379 -24.47 18.80 32.26
N ARG C 380 -23.41 19.62 32.26
CA ARG C 380 -22.42 19.52 33.31
C ARG C 380 -22.96 20.05 34.61
N SER C 381 -23.66 21.18 34.53
CA SER C 381 -24.09 21.95 35.67
C SER C 381 -25.42 21.50 36.20
N ASN C 382 -26.25 20.95 35.31
CA ASN C 382 -27.55 20.36 35.65
C ASN C 382 -28.43 21.37 36.39
N PRO C 383 -28.85 22.46 35.75
CA PRO C 383 -29.49 23.53 36.52
C PRO C 383 -30.83 23.12 37.09
N TYR C 384 -31.64 22.42 36.32
CA TYR C 384 -32.97 22.06 36.76
C TYR C 384 -32.99 20.82 37.63
N HIS C 385 -31.84 20.41 38.17
CA HIS C 385 -31.73 19.27 39.10
C HIS C 385 -32.48 18.03 38.62
N GLU C 386 -32.37 17.71 37.32
CA GLU C 386 -33.10 16.62 36.67
C GLU C 386 -32.40 15.27 36.86
N SER C 387 -33.12 14.23 36.49
CA SER C 387 -32.55 12.91 36.41
C SER C 387 -31.79 12.77 35.10
N VAL C 388 -31.00 11.69 35.02
CA VAL C 388 -30.04 11.57 33.91
C VAL C 388 -30.76 11.37 32.58
N GLU C 389 -31.88 10.64 32.58
CA GLU C 389 -32.68 10.52 31.36
C GLU C 389 -33.36 11.84 31.03
N GLU C 390 -33.78 12.59 32.05
CA GLU C 390 -34.36 13.90 31.79
C GLU C 390 -33.28 14.84 31.25
N LEU C 391 -32.10 14.78 31.87
CA LEU C 391 -30.99 15.67 31.50
C LEU C 391 -30.60 15.47 30.07
N ARG C 392 -30.46 14.20 29.70
CA ARG C 392 -30.06 13.84 28.36
C ARG C 392 -31.06 14.33 27.34
N ASP C 393 -32.37 14.17 27.62
CA ASP C 393 -33.40 14.72 26.75
C ASP C 393 -33.27 16.25 26.62
N ARG C 394 -32.86 16.94 27.70
CA ARG C 394 -32.78 18.39 27.61
C ARG C 394 -31.66 18.80 26.68
N VAL C 395 -30.49 18.14 26.81
CA VAL C 395 -29.35 18.52 25.99
C VAL C 395 -29.35 17.82 24.64
N LYS C 396 -30.24 16.85 24.44
CA LYS C 396 -30.38 16.15 23.15
C LYS C 396 -29.09 15.45 22.75
N GLY C 397 -28.32 15.01 23.75
CA GLY C 397 -27.19 14.16 23.51
C GLY C 397 -25.85 14.79 23.71
N VAL C 398 -25.77 16.04 24.17
CA VAL C 398 -24.50 16.75 24.25
C VAL C 398 -23.98 16.58 25.67
N SER C 399 -23.24 15.48 25.92
CA SER C 399 -22.70 15.22 27.26
C SER C 399 -21.19 15.34 27.32
N ALA C 400 -20.60 15.88 26.27
CA ALA C 400 -19.18 16.08 26.16
C ALA C 400 -18.97 17.46 25.57
N LYS C 401 -17.90 18.13 26.02
CA LYS C 401 -17.64 19.51 25.62
C LYS C 401 -17.06 19.53 24.23
N PRO C 402 -17.70 20.20 23.27
CA PRO C 402 -17.09 20.34 21.95
C PRO C 402 -15.75 21.04 22.01
N PHE C 403 -14.97 20.83 20.98
CA PHE C 403 -13.66 21.45 20.88
C PHE C 403 -13.25 21.77 19.45
N ILE C 404 -14.07 21.48 18.46
CA ILE C 404 -13.81 22.03 17.14
C ILE C 404 -15.13 22.47 16.53
N GLU C 405 -15.20 23.72 16.12
CA GLU C 405 -16.35 24.24 15.42
C GLU C 405 -16.45 23.63 14.03
N THR C 406 -17.54 22.89 13.78
CA THR C 406 -17.83 22.39 12.44
C THR C 406 -19.09 23.02 11.87
N VAL C 407 -19.18 22.98 10.55
CA VAL C 407 -20.35 23.46 9.83
C VAL C 407 -21.37 22.33 9.75
N PRO C 408 -22.60 22.53 10.21
CA PRO C 408 -23.59 21.43 10.12
C PRO C 408 -23.89 21.07 8.68
N SER C 409 -23.34 19.96 8.19
CA SER C 409 -23.58 19.63 6.79
C SER C 409 -23.49 18.13 6.59
N ILE C 410 -23.39 17.74 5.33
CA ILE C 410 -23.33 16.36 4.90
C ILE C 410 -22.05 16.18 4.10
N ASP C 411 -21.36 15.03 4.29
CA ASP C 411 -20.16 14.71 3.52
C ASP C 411 -20.54 13.84 2.33
N ALA C 412 -20.64 14.46 1.17
CA ALA C 412 -21.13 13.75 -0.01
C ALA C 412 -20.44 12.41 -0.24
N LEU C 413 -19.18 12.29 0.14
CA LEU C 413 -18.55 10.98 -0.05
C LEU C 413 -19.21 9.94 0.85
N HIS C 414 -19.12 10.12 2.17
CA HIS C 414 -19.61 9.07 3.03
C HIS C 414 -21.12 8.91 2.97
N CYS C 415 -21.83 9.95 2.56
CA CYS C 415 -23.24 9.82 2.25
C CYS C 415 -23.43 8.91 1.05
N ASP C 416 -22.61 9.10 0.04
CA ASP C 416 -22.56 8.17 -1.10
C ASP C 416 -22.33 6.73 -0.63
N ILE C 417 -21.22 6.50 0.05
CA ILE C 417 -20.90 5.15 0.52
C ILE C 417 -22.03 4.62 1.39
N GLY C 418 -22.55 5.45 2.30
CA GLY C 418 -23.51 4.94 3.29
C GLY C 418 -24.82 4.48 2.69
N ASN C 419 -25.48 5.36 1.93
CA ASN C 419 -26.68 4.97 1.20
C ASN C 419 -26.47 3.70 0.40
N ALA C 420 -25.43 3.68 -0.43
CA ALA C 420 -25.22 2.52 -1.26
C ALA C 420 -25.16 1.26 -0.44
N ALA C 421 -24.62 1.32 0.77
CA ALA C 421 -24.52 0.10 1.55
C ALA C 421 -25.89 -0.33 2.04
N GLU C 422 -26.76 0.64 2.26
CA GLU C 422 -28.17 0.35 2.52
C GLU C 422 -28.79 -0.43 1.37
N PHE C 423 -28.83 0.16 0.17
CA PHE C 423 -29.37 -0.52 -0.99
C PHE C 423 -28.72 -1.87 -1.22
N TYR C 424 -27.44 -1.99 -0.88
CA TYR C 424 -26.83 -3.31 -0.96
C TYR C 424 -27.52 -4.25 0.01
N LYS C 425 -27.92 -3.75 1.18
CA LYS C 425 -28.63 -4.62 2.13
C LYS C 425 -30.02 -4.96 1.63
N ILE C 426 -30.80 -3.93 1.29
CA ILE C 426 -32.13 -4.13 0.73
C ILE C 426 -32.08 -5.14 -0.39
N PHE C 427 -31.18 -4.90 -1.35
CA PHE C 427 -31.04 -5.82 -2.47
C PHE C 427 -31.04 -7.25 -1.98
N GLN C 428 -30.25 -7.55 -0.95
CA GLN C 428 -30.17 -8.95 -0.58
C GLN C 428 -31.39 -9.39 0.24
N LEU C 429 -32.05 -8.43 0.90
CA LEU C 429 -33.25 -8.75 1.67
C LEU C 429 -34.43 -9.03 0.75
N GLU C 430 -34.55 -8.25 -0.33
CA GLU C 430 -35.54 -8.53 -1.35
C GLU C 430 -35.29 -9.88 -2.00
N ILE C 431 -34.04 -10.27 -2.16
CA ILE C 431 -33.76 -11.53 -2.81
C ILE C 431 -34.23 -12.69 -1.94
N GLY C 432 -33.89 -12.66 -0.66
CA GLY C 432 -34.37 -13.67 0.26
C GLY C 432 -35.80 -13.50 0.74
N GLU C 433 -36.49 -12.41 0.37
CA GLU C 433 -37.86 -12.10 0.82
C GLU C 433 -37.98 -12.24 2.33
N VAL C 434 -37.29 -11.35 3.04
CA VAL C 434 -37.09 -11.58 4.45
C VAL C 434 -38.38 -11.37 5.22
N TYR C 435 -39.32 -10.60 4.66
CA TYR C 435 -40.60 -10.39 5.32
C TYR C 435 -41.35 -11.71 5.48
N LYS C 436 -41.30 -12.57 4.47
CA LYS C 436 -41.79 -13.93 4.61
C LYS C 436 -40.91 -14.82 5.49
N HIS C 437 -39.80 -14.36 6.05
CA HIS C 437 -38.86 -15.27 6.73
C HIS C 437 -38.26 -14.58 7.94
N PRO C 438 -39.06 -14.42 8.99
CA PRO C 438 -38.58 -13.69 10.19
C PRO C 438 -37.45 -14.39 10.91
N ASN C 439 -37.49 -15.73 10.98
CA ASN C 439 -36.56 -16.54 11.74
C ASN C 439 -35.40 -17.06 10.89
N ALA C 440 -35.14 -16.42 9.75
CA ALA C 440 -34.06 -16.84 8.87
C ALA C 440 -32.75 -16.91 9.65
N SER C 441 -32.06 -18.03 9.46
CA SER C 441 -30.85 -18.27 10.22
C SER C 441 -29.71 -17.43 9.66
N LYS C 442 -28.65 -17.35 10.47
CA LYS C 442 -27.42 -16.69 10.02
C LYS C 442 -27.01 -17.24 8.67
N GLU C 443 -26.93 -18.58 8.57
CA GLU C 443 -26.39 -19.19 7.37
C GLU C 443 -27.29 -18.95 6.17
N GLU C 444 -28.60 -18.81 6.38
CA GLU C 444 -29.51 -18.56 5.25
C GLU C 444 -29.39 -17.15 4.72
N ARG C 445 -29.17 -16.17 5.60
CA ARG C 445 -28.93 -14.80 5.13
C ARG C 445 -27.61 -14.73 4.38
N LYS C 446 -26.58 -15.44 4.87
CA LYS C 446 -25.32 -15.42 4.18
C LYS C 446 -25.52 -15.76 2.70
N ARG C 447 -26.42 -16.71 2.42
CA ARG C 447 -26.55 -17.18 1.05
C ARG C 447 -27.28 -16.16 0.21
N TRP C 448 -28.07 -15.32 0.86
CA TRP C 448 -28.70 -14.24 0.14
C TRP C 448 -27.65 -13.27 -0.36
N GLN C 449 -26.65 -12.99 0.49
CA GLN C 449 -25.47 -12.20 0.07
C GLN C 449 -24.75 -12.89 -1.08
N ALA C 450 -24.36 -14.15 -0.88
CA ALA C 450 -23.65 -14.89 -1.90
C ALA C 450 -24.36 -14.85 -3.25
N THR C 451 -25.69 -14.93 -3.25
CA THR C 451 -26.40 -14.93 -4.51
C THR C 451 -26.23 -13.60 -5.24
N LEU C 452 -26.43 -12.51 -4.51
CA LEU C 452 -26.29 -11.17 -5.06
C LEU C 452 -24.84 -10.90 -5.48
N ASP C 453 -23.90 -11.19 -4.59
CA ASP C 453 -22.49 -11.17 -4.90
C ASP C 453 -22.22 -11.78 -6.27
N LYS C 454 -22.49 -13.08 -6.40
CA LYS C 454 -22.21 -13.79 -7.65
C LYS C 454 -22.86 -13.08 -8.82
N HIS C 455 -24.04 -12.53 -8.63
CA HIS C 455 -24.76 -11.98 -9.76
C HIS C 455 -24.20 -10.62 -10.15
N LEU C 456 -23.77 -9.80 -9.18
CA LEU C 456 -23.12 -8.53 -9.51
C LEU C 456 -21.84 -8.74 -10.27
N ARG C 457 -21.11 -9.81 -9.95
CA ARG C 457 -19.95 -10.12 -10.77
C ARG C 457 -20.40 -10.39 -12.21
N LYS C 458 -21.39 -11.27 -12.36
CA LYS C 458 -21.83 -11.75 -13.66
C LYS C 458 -22.35 -10.62 -14.53
N ARG C 459 -23.07 -9.69 -13.92
CA ARG C 459 -23.79 -8.71 -14.70
C ARG C 459 -23.17 -7.34 -14.64
N MET C 460 -22.60 -6.98 -13.49
CA MET C 460 -22.03 -5.65 -13.30
C MET C 460 -20.52 -5.62 -13.30
N ASN C 461 -19.84 -6.75 -13.54
CA ASN C 461 -18.37 -6.84 -13.46
C ASN C 461 -17.85 -6.29 -12.15
N LEU C 462 -18.56 -6.62 -11.06
CA LEU C 462 -18.25 -6.09 -9.74
C LEU C 462 -17.70 -7.21 -8.86
N LYS C 463 -16.43 -7.09 -8.51
CA LYS C 463 -15.83 -7.95 -7.50
C LYS C 463 -16.47 -7.70 -6.13
N PRO C 464 -16.58 -8.72 -5.28
CA PRO C 464 -17.12 -8.48 -3.94
C PRO C 464 -16.07 -7.88 -3.00
N ILE C 465 -16.37 -6.72 -2.41
CA ILE C 465 -15.45 -6.07 -1.48
C ILE C 465 -15.92 -6.23 -0.04
N MET C 466 -14.95 -6.15 0.88
CA MET C 466 -15.19 -6.44 2.29
C MET C 466 -15.72 -5.25 3.08
N ARG C 467 -15.64 -4.06 2.50
CA ARG C 467 -16.18 -2.84 3.10
C ARG C 467 -16.52 -1.91 1.96
N MET C 468 -17.64 -1.20 2.04
CA MET C 468 -18.08 -0.48 0.86
C MET C 468 -17.17 0.72 0.57
N ASN C 469 -17.04 1.06 -0.70
CA ASN C 469 -16.27 2.25 -1.04
C ASN C 469 -16.95 2.98 -2.18
N GLY C 470 -16.57 4.26 -2.36
CA GLY C 470 -17.20 5.11 -3.36
C GLY C 470 -17.30 4.53 -4.76
N ASN C 471 -16.25 3.88 -5.26
CA ASN C 471 -16.35 3.45 -6.65
C ASN C 471 -17.37 2.34 -6.82
N PHE C 472 -17.51 1.47 -5.82
CA PHE C 472 -18.56 0.46 -5.85
C PHE C 472 -19.92 1.14 -5.85
N ALA C 473 -20.15 1.99 -4.85
CA ALA C 473 -21.33 2.83 -4.74
C ALA C 473 -21.70 3.48 -6.07
N ARG C 474 -20.74 4.09 -6.76
CA ARG C 474 -21.05 4.68 -8.06
C ARG C 474 -21.55 3.64 -9.08
N LYS C 475 -21.04 2.40 -9.07
CA LYS C 475 -21.46 1.40 -10.06
C LYS C 475 -22.75 0.69 -9.61
N LEU C 476 -23.00 0.63 -8.30
CA LEU C 476 -24.17 -0.07 -7.76
C LEU C 476 -25.43 0.77 -7.86
N MET C 477 -25.37 2.07 -7.56
CA MET C 477 -26.53 2.93 -7.67
C MET C 477 -26.80 3.31 -9.13
N THR C 478 -27.09 2.27 -9.93
CA THR C 478 -27.48 2.45 -11.32
C THR C 478 -28.78 1.72 -11.58
N GLN C 479 -29.55 2.20 -12.55
CA GLN C 479 -30.77 1.49 -12.90
C GLN C 479 -30.46 0.09 -13.44
N GLU C 480 -29.36 -0.07 -14.20
CA GLU C 480 -29.00 -1.38 -14.75
C GLU C 480 -28.55 -2.37 -13.69
N THR C 481 -28.10 -1.89 -12.52
CA THR C 481 -27.82 -2.81 -11.43
C THR C 481 -29.11 -3.38 -10.92
N VAL C 482 -30.10 -2.51 -10.72
CA VAL C 482 -31.41 -2.93 -10.28
C VAL C 482 -31.97 -3.97 -11.23
N ASP C 483 -31.85 -3.71 -12.54
CA ASP C 483 -32.27 -4.71 -13.53
C ASP C 483 -31.65 -6.06 -13.21
N ALA C 484 -30.33 -6.10 -13.07
CA ALA C 484 -29.67 -7.35 -12.74
C ALA C 484 -30.21 -7.95 -11.45
N VAL C 485 -30.44 -7.09 -10.46
CA VAL C 485 -30.95 -7.51 -9.17
C VAL C 485 -32.35 -8.09 -9.26
N CYS C 486 -33.14 -7.51 -10.16
CA CYS C 486 -34.53 -7.93 -10.37
C CYS C 486 -34.67 -9.37 -10.80
N GLU C 487 -33.71 -9.86 -11.58
CA GLU C 487 -33.77 -11.22 -12.06
C GLU C 487 -33.77 -12.13 -10.86
N LEU C 488 -32.98 -11.77 -9.86
CA LEU C 488 -32.88 -12.52 -8.63
C LEU C 488 -34.19 -12.56 -7.83
N ILE C 489 -34.94 -11.47 -7.88
CA ILE C 489 -36.20 -11.37 -7.15
C ILE C 489 -37.36 -12.01 -7.90
N PRO C 490 -38.06 -12.93 -7.22
CA PRO C 490 -39.20 -13.70 -7.71
C PRO C 490 -40.47 -12.90 -8.02
N SER C 491 -40.81 -11.95 -7.17
CA SER C 491 -42.04 -11.20 -7.37
C SER C 491 -41.88 -9.93 -8.21
N GLU C 492 -42.66 -9.87 -9.29
CA GLU C 492 -42.64 -8.73 -10.19
C GLU C 492 -43.08 -7.45 -9.54
N GLU C 493 -44.04 -7.55 -8.61
CA GLU C 493 -44.54 -6.37 -7.96
C GLU C 493 -43.42 -5.65 -7.20
N ARG C 494 -42.52 -6.39 -6.57
CA ARG C 494 -41.45 -5.71 -5.87
C ARG C 494 -40.45 -5.10 -6.83
N HIS C 495 -40.27 -5.68 -8.02
CA HIS C 495 -39.53 -4.99 -9.07
C HIS C 495 -39.99 -3.55 -9.22
N GLU C 496 -41.30 -3.33 -9.26
CA GLU C 496 -41.83 -1.98 -9.45
C GLU C 496 -41.43 -1.05 -8.31
N ALA C 497 -41.37 -1.59 -7.09
CA ALA C 497 -40.97 -0.77 -5.95
C ALA C 497 -39.51 -0.38 -6.03
N LEU C 498 -38.62 -1.39 -6.15
CA LEU C 498 -37.19 -1.16 -6.34
C LEU C 498 -36.94 -0.13 -7.41
N ARG C 499 -37.35 -0.43 -8.65
CA ARG C 499 -37.02 0.46 -9.75
C ARG C 499 -37.49 1.88 -9.50
N GLU C 500 -38.54 2.07 -8.69
CA GLU C 500 -38.96 3.44 -8.37
C GLU C 500 -38.07 4.05 -7.31
N LEU C 501 -37.82 3.31 -6.22
CA LEU C 501 -36.88 3.76 -5.19
C LEU C 501 -35.53 4.20 -5.77
N MET C 502 -34.95 3.39 -6.65
CA MET C 502 -33.71 3.75 -7.31
C MET C 502 -33.91 4.96 -8.20
N ASP C 503 -35.02 4.99 -8.94
CA ASP C 503 -35.24 6.14 -9.81
C ASP C 503 -35.32 7.42 -9.00
N LEU C 504 -35.91 7.33 -7.80
CA LEU C 504 -36.01 8.50 -6.94
C LEU C 504 -34.64 8.91 -6.43
N TYR C 505 -33.89 7.94 -5.89
CA TYR C 505 -32.54 8.22 -5.47
C TYR C 505 -31.78 8.97 -6.57
N LEU C 506 -31.84 8.47 -7.80
CA LEU C 506 -30.99 9.06 -8.85
C LEU C 506 -31.44 10.44 -9.28
N LYS C 507 -32.64 10.88 -8.89
CA LYS C 507 -33.04 12.26 -9.11
C LYS C 507 -32.58 13.18 -8.00
N MET C 508 -32.31 12.63 -6.82
CA MET C 508 -31.84 13.46 -5.72
C MET C 508 -30.30 13.52 -5.67
N LYS C 509 -29.61 12.45 -6.07
CA LYS C 509 -28.16 12.44 -5.91
C LYS C 509 -27.48 13.62 -6.55
N PRO C 510 -27.79 14.03 -7.80
CA PRO C 510 -27.06 15.15 -8.40
C PRO C 510 -27.12 16.42 -7.57
N VAL C 511 -28.16 16.60 -6.77
CA VAL C 511 -28.27 17.84 -6.02
C VAL C 511 -27.19 17.92 -4.95
N TRP C 512 -26.85 16.80 -4.32
CA TRP C 512 -25.92 16.85 -3.21
C TRP C 512 -24.50 16.48 -3.61
N ARG C 513 -24.27 16.16 -4.90
CA ARG C 513 -22.93 15.84 -5.38
C ARG C 513 -22.40 16.71 -6.51
N SER C 514 -23.22 17.52 -7.16
CA SER C 514 -22.68 18.45 -8.12
C SER C 514 -22.15 19.70 -7.40
N SER C 515 -21.34 20.48 -8.13
CA SER C 515 -20.66 21.65 -7.59
C SER C 515 -21.53 22.91 -7.63
N CYS C 516 -22.47 22.97 -8.57
CA CYS C 516 -23.46 24.04 -8.59
C CYS C 516 -24.78 23.47 -9.08
N PRO C 517 -25.58 22.91 -8.17
CA PRO C 517 -26.79 22.23 -8.60
C PRO C 517 -27.78 23.18 -9.25
N ALA C 518 -27.82 24.45 -8.80
CA ALA C 518 -28.72 25.43 -9.39
C ALA C 518 -28.43 25.68 -10.86
N LYS C 519 -27.26 25.26 -11.35
CA LYS C 519 -26.91 25.34 -12.77
C LYS C 519 -26.80 23.99 -13.44
N GLU C 520 -26.19 22.98 -12.80
CA GLU C 520 -25.97 21.69 -13.46
C GLU C 520 -27.21 20.81 -13.48
N CYS C 521 -28.06 20.88 -12.45
CA CYS C 521 -29.26 20.04 -12.37
C CYS C 521 -30.43 20.83 -11.78
N PRO C 522 -30.80 21.95 -12.39
CA PRO C 522 -31.82 22.80 -11.78
C PRO C 522 -33.15 22.10 -11.57
N GLU C 523 -33.55 21.22 -12.50
CA GLU C 523 -34.79 20.48 -12.34
C GLU C 523 -34.78 19.69 -11.04
N SER C 524 -33.72 18.89 -10.83
CA SER C 524 -33.66 18.02 -9.66
C SER C 524 -33.62 18.83 -8.38
N LEU C 525 -33.04 20.04 -8.43
CA LEU C 525 -33.03 20.91 -7.27
C LEU C 525 -34.43 21.37 -6.92
N CYS C 526 -35.21 21.72 -7.94
CA CYS C 526 -36.57 22.19 -7.68
C CYS C 526 -37.41 21.08 -7.10
N GLN C 527 -37.38 19.92 -7.74
CA GLN C 527 -38.23 18.81 -7.39
C GLN C 527 -37.75 18.05 -6.16
N TYR C 528 -36.65 18.50 -5.54
CA TYR C 528 -36.01 17.69 -4.51
C TYR C 528 -36.99 17.42 -3.38
N SER C 529 -37.70 18.45 -2.91
CA SER C 529 -38.65 18.22 -1.84
C SER C 529 -39.70 17.18 -2.24
N PHE C 530 -40.23 17.30 -3.45
CA PHE C 530 -41.23 16.33 -3.88
C PHE C 530 -40.64 14.93 -3.85
N ASN C 531 -39.50 14.75 -4.53
CA ASN C 531 -38.92 13.43 -4.69
C ASN C 531 -38.52 12.83 -3.37
N SER C 532 -38.01 13.67 -2.45
CA SER C 532 -37.69 13.18 -1.11
C SER C 532 -38.92 12.60 -0.44
N GLN C 533 -40.06 13.31 -0.52
CA GLN C 533 -41.27 12.80 0.12
C GLN C 533 -41.68 11.46 -0.45
N ARG C 534 -41.77 11.38 -1.79
CA ARG C 534 -42.19 10.13 -2.43
C ARG C 534 -41.30 8.97 -1.99
N PHE C 535 -40.00 9.20 -2.02
CA PHE C 535 -39.02 8.20 -1.63
C PHE C 535 -39.23 7.83 -0.18
N ALA C 536 -39.47 8.83 0.65
CA ALA C 536 -39.70 8.59 2.07
C ALA C 536 -40.96 7.78 2.26
N GLU C 537 -42.00 8.13 1.50
CA GLU C 537 -43.28 7.44 1.57
C GLU C 537 -43.14 6.00 1.18
N LEU C 538 -42.34 5.75 0.15
CA LEU C 538 -42.13 4.41 -0.35
C LEU C 538 -41.49 3.52 0.70
N LEU C 539 -40.54 4.07 1.45
CA LEU C 539 -39.89 3.30 2.49
C LEU C 539 -40.91 2.92 3.51
N SER C 540 -41.78 3.85 3.89
CA SER C 540 -42.81 3.51 4.84
C SER C 540 -43.79 2.50 4.25
N THR C 541 -44.23 2.77 3.03
CA THR C 541 -45.19 1.91 2.34
C THR C 541 -44.84 0.52 1.82
N LYS C 542 -43.74 0.40 1.09
CA LYS C 542 -43.40 -0.89 0.48
C LYS C 542 -42.35 -1.71 1.20
N PHE C 543 -41.38 -1.00 1.75
CA PHE C 543 -40.29 -1.60 2.49
C PHE C 543 -40.51 -1.53 3.99
N LYS C 544 -41.77 -1.41 4.38
CA LYS C 544 -42.09 -1.24 5.78
C LYS C 544 -41.39 -2.29 6.63
N TYR C 545 -41.01 -3.42 6.04
CA TYR C 545 -40.47 -4.49 6.87
C TYR C 545 -39.19 -4.11 7.56
N ARG C 546 -38.47 -3.12 7.01
CA ARG C 546 -37.17 -2.64 7.46
C ARG C 546 -37.22 -1.23 8.04
N TYR C 547 -37.99 -0.32 7.45
CA TYR C 547 -37.98 1.09 7.84
C TYR C 547 -39.19 1.53 8.67
N GLU C 548 -39.82 0.60 9.38
CA GLU C 548 -40.86 0.95 10.33
C GLU C 548 -40.22 1.10 11.73
N GLY C 549 -40.25 2.32 12.27
CA GLY C 549 -39.67 2.62 13.57
C GLY C 549 -38.18 2.94 13.58
N LYS C 550 -37.51 2.83 12.44
CA LYS C 550 -36.07 3.03 12.37
C LYS C 550 -35.71 3.51 10.98
N ILE C 551 -34.53 4.15 10.91
CA ILE C 551 -34.00 4.65 9.66
C ILE C 551 -32.52 4.94 9.87
N THR C 552 -31.78 5.00 8.75
CA THR C 552 -30.34 5.19 8.79
C THR C 552 -30.03 6.66 8.89
N ASN C 553 -28.90 6.96 9.53
CA ASN C 553 -28.47 8.34 9.69
C ASN C 553 -28.34 9.01 8.34
N TYR C 554 -27.76 8.33 7.36
CA TYR C 554 -27.60 9.05 6.11
C TYR C 554 -28.89 9.14 5.32
N PHE C 555 -29.86 8.25 5.57
CA PHE C 555 -31.16 8.43 4.93
C PHE C 555 -31.89 9.64 5.49
N HIS C 556 -31.91 9.77 6.82
CA HIS C 556 -32.35 11.00 7.44
C HIS C 556 -31.80 12.25 6.73
N LYS C 557 -30.47 12.46 6.83
CA LYS C 557 -29.83 13.64 6.25
C LYS C 557 -30.19 13.85 4.79
N THR C 558 -29.97 12.82 3.96
CA THR C 558 -30.30 12.88 2.54
C THR C 558 -31.73 13.38 2.32
N LEU C 559 -32.72 12.84 3.05
CA LEU C 559 -34.13 13.19 2.84
C LEU C 559 -34.58 14.45 3.59
N ALA C 560 -34.04 14.71 4.79
CA ALA C 560 -34.48 15.82 5.63
C ALA C 560 -33.78 17.14 5.31
N HIS C 561 -32.45 17.14 5.11
CA HIS C 561 -31.69 18.37 5.23
C HIS C 561 -30.99 18.85 3.95
N VAL C 562 -31.01 18.09 2.85
CA VAL C 562 -30.28 18.52 1.66
C VAL C 562 -30.77 19.87 1.13
N PRO C 563 -32.09 20.11 0.97
CA PRO C 563 -32.53 21.41 0.43
C PRO C 563 -32.05 22.59 1.23
N GLU C 564 -32.26 22.58 2.56
CA GLU C 564 -31.82 23.69 3.38
C GLU C 564 -30.31 23.96 3.24
N ILE C 565 -29.51 22.94 2.96
CA ILE C 565 -28.08 23.18 2.81
C ILE C 565 -27.79 23.89 1.50
N ILE C 566 -28.33 23.40 0.38
CA ILE C 566 -28.08 24.08 -0.90
C ILE C 566 -28.67 25.50 -0.89
N GLU C 567 -29.76 25.71 -0.14
CA GLU C 567 -30.20 27.08 0.17
C GLU C 567 -29.05 27.89 0.77
N ARG C 568 -28.38 27.32 1.77
CA ARG C 568 -27.47 28.09 2.61
C ARG C 568 -26.13 28.28 1.94
N ASP C 569 -25.56 27.22 1.39
CA ASP C 569 -24.19 27.20 0.92
C ASP C 569 -24.05 27.01 -0.58
N GLY C 570 -25.13 26.74 -1.31
CA GLY C 570 -25.09 26.61 -2.74
C GLY C 570 -24.60 25.29 -3.26
N SER C 571 -23.81 24.56 -2.46
CA SER C 571 -23.24 23.30 -2.92
C SER C 571 -23.05 22.37 -1.72
N ILE C 572 -23.11 21.06 -1.98
CA ILE C 572 -22.73 20.07 -0.99
C ILE C 572 -21.50 19.29 -1.44
N GLY C 573 -21.47 18.93 -2.72
CA GLY C 573 -20.39 18.11 -3.25
C GLY C 573 -19.04 18.75 -3.16
N ALA C 574 -18.96 20.08 -3.28
CA ALA C 574 -17.67 20.75 -3.27
C ALA C 574 -17.04 20.73 -1.89
N TRP C 575 -17.84 20.65 -0.84
CA TRP C 575 -17.31 20.71 0.52
C TRP C 575 -17.06 19.33 1.12
N ALA C 576 -17.04 18.30 0.27
CA ALA C 576 -16.94 16.93 0.75
C ALA C 576 -15.53 16.65 1.26
N SER C 577 -15.38 15.54 1.98
CA SER C 577 -14.08 15.05 2.41
C SER C 577 -13.39 14.24 1.35
N GLU C 578 -13.89 14.27 0.12
CA GLU C 578 -13.25 13.45 -0.90
C GLU C 578 -11.83 13.94 -1.15
N GLY C 579 -11.59 15.25 -1.08
CA GLY C 579 -10.27 15.74 -1.42
C GLY C 579 -9.22 15.28 -0.44
N ASN C 580 -9.48 15.60 0.84
CA ASN C 580 -8.63 15.12 1.92
C ASN C 580 -8.45 13.60 1.89
N GLU C 581 -9.51 12.84 1.55
CA GLU C 581 -9.31 11.39 1.49
C GLU C 581 -8.33 11.06 0.37
N SER C 582 -8.37 11.75 -0.76
CA SER C 582 -7.33 11.52 -1.75
C SER C 582 -5.95 11.90 -1.20
N GLY C 583 -5.92 12.80 -0.23
CA GLY C 583 -4.69 13.11 0.46
C GLY C 583 -4.14 11.94 1.24
N ASN C 584 -5.01 11.09 1.78
CA ASN C 584 -4.46 9.92 2.44
C ASN C 584 -3.70 9.01 1.45
N LYS C 585 -4.14 8.90 0.19
CA LYS C 585 -3.42 8.09 -0.78
C LYS C 585 -2.00 8.60 -0.95
N LEU C 586 -1.86 9.93 -1.02
CA LEU C 586 -0.56 10.58 -1.07
C LEU C 586 0.22 10.32 0.20
N PHE C 587 -0.42 10.50 1.36
CA PHE C 587 0.31 10.33 2.61
C PHE C 587 1.00 8.98 2.66
N ARG C 588 0.37 7.96 2.10
CA ARG C 588 0.94 6.62 2.16
C ARG C 588 2.13 6.48 1.21
N ARG C 589 2.16 7.29 0.15
CA ARG C 589 3.21 7.21 -0.87
C ARG C 589 4.45 7.91 -0.40
N PHE C 590 4.28 9.20 -0.14
CA PHE C 590 5.35 10.01 0.40
C PHE C 590 5.96 9.40 1.64
N ARG C 591 5.18 8.71 2.47
CA ARG C 591 5.83 8.13 3.64
C ARG C 591 6.76 6.98 3.25
N LYS C 592 6.46 6.29 2.14
CA LYS C 592 7.34 5.23 1.69
C LYS C 592 8.46 5.71 0.76
N MET C 593 8.21 6.75 -0.08
CA MET C 593 9.08 7.09 -1.19
C MET C 593 9.54 8.54 -1.21
N ASN C 594 9.25 9.32 -0.21
CA ASN C 594 9.70 10.69 -0.21
C ASN C 594 9.97 11.12 1.20
N ALA C 595 10.44 10.21 2.05
CA ALA C 595 10.77 10.62 3.43
C ALA C 595 11.88 9.73 4.00
N ARG C 596 12.65 10.31 4.91
CA ARG C 596 13.62 9.51 5.62
C ARG C 596 12.91 8.42 6.41
N GLN C 597 13.49 7.24 6.45
CA GLN C 597 12.81 6.13 7.11
C GLN C 597 13.20 6.04 8.59
N SER C 598 12.91 7.09 9.34
CA SER C 598 13.17 7.11 10.78
C SER C 598 11.99 7.76 11.50
N LYS C 599 11.72 7.32 12.74
CA LYS C 599 10.66 7.98 13.52
C LYS C 599 10.94 9.47 13.70
N CYS C 600 12.22 9.82 13.75
CA CYS C 600 12.57 11.19 14.04
C CYS C 600 12.28 12.13 12.87
N TYR C 601 12.06 11.58 11.68
CA TYR C 601 11.92 12.46 10.52
C TYR C 601 10.71 12.19 9.65
N GLU C 602 9.92 11.15 9.94
CA GLU C 602 8.94 10.75 8.95
C GLU C 602 7.83 11.77 8.82
N MET C 603 7.42 12.41 9.91
CA MET C 603 6.34 13.36 9.71
C MET C 603 6.85 14.62 9.04
N GLU C 604 8.02 15.09 9.46
CA GLU C 604 8.54 16.37 8.97
C GLU C 604 8.76 16.32 7.48
N ASP C 605 9.27 15.20 7.00
CA ASP C 605 9.52 15.05 5.59
C ASP C 605 8.21 14.99 4.81
N VAL C 606 7.30 14.10 5.24
CA VAL C 606 6.01 14.00 4.56
C VAL C 606 5.32 15.36 4.51
N LEU C 607 5.24 16.05 5.64
CA LEU C 607 4.52 17.32 5.68
C LEU C 607 5.07 18.30 4.64
N LYS C 608 6.39 18.52 4.66
CA LYS C 608 7.06 19.36 3.68
C LYS C 608 6.81 18.90 2.23
N HIS C 609 7.14 17.65 1.90
CA HIS C 609 6.92 17.22 0.53
C HIS C 609 5.48 17.44 0.09
N HIS C 610 4.51 17.01 0.93
CA HIS C 610 3.10 17.08 0.57
C HIS C 610 2.69 18.52 0.28
N TRP C 611 3.11 19.44 1.14
CA TRP C 611 2.95 20.87 0.88
C TRP C 611 3.46 21.27 -0.50
N LEU C 612 4.64 20.78 -0.90
CA LEU C 612 5.17 21.08 -2.23
C LEU C 612 4.29 20.48 -3.33
N TYR C 613 3.73 19.28 -3.10
CA TYR C 613 2.83 18.65 -4.07
C TYR C 613 1.57 19.47 -4.26
N THR C 614 1.26 20.36 -3.33
CA THR C 614 0.04 21.14 -3.36
C THR C 614 0.22 22.55 -3.94
N SER C 615 1.44 22.98 -4.24
CA SER C 615 1.70 24.33 -4.78
C SER C 615 1.08 24.53 -6.17
N LYS C 616 0.28 25.59 -6.32
CA LYS C 616 -0.27 25.91 -7.64
C LYS C 616 0.82 26.44 -8.55
N TYR C 617 1.77 27.18 -7.96
CA TYR C 617 2.89 27.71 -8.71
C TYR C 617 3.71 26.60 -9.34
N LEU C 618 4.08 25.57 -8.58
CA LEU C 618 4.81 24.46 -9.16
C LEU C 618 3.97 23.77 -10.21
N GLN C 619 2.67 23.68 -9.98
CA GLN C 619 1.81 22.93 -10.89
C GLN C 619 1.63 23.65 -12.22
N LYS C 620 1.59 24.99 -12.20
CA LYS C 620 1.53 25.78 -13.43
C LYS C 620 2.61 25.36 -14.44
N PHE C 621 3.79 24.98 -13.95
CA PHE C 621 4.85 24.63 -14.89
C PHE C 621 4.51 23.39 -15.66
N MET C 622 3.83 22.43 -15.04
CA MET C 622 3.61 21.17 -15.74
C MET C 622 2.50 21.28 -16.79
N ASN C 623 1.82 22.42 -16.85
CA ASN C 623 0.98 22.80 -17.98
C ASN C 623 1.65 23.84 -18.87
N ALA C 624 2.99 23.78 -19.00
CA ALA C 624 3.71 24.75 -19.83
C ALA C 624 3.24 24.68 -21.28
N HIS C 625 3.05 23.46 -21.79
CA HIS C 625 2.52 23.17 -23.13
C HIS C 625 1.14 23.80 -23.38
N ASN C 626 0.53 24.37 -22.34
CA ASN C 626 -0.77 25.03 -22.45
C ASN C 626 -0.65 26.56 -22.26
N VAL D 3 4.34 -7.71 52.87
CA VAL D 3 3.90 -6.89 51.75
C VAL D 3 3.92 -7.69 50.44
N SER D 4 2.82 -8.40 50.14
CA SER D 4 2.75 -9.37 49.04
C SER D 4 2.06 -8.80 47.81
N LEU D 5 2.73 -8.89 46.66
CA LEU D 5 2.26 -8.38 45.38
C LEU D 5 1.39 -9.43 44.69
N GLN D 6 0.29 -8.98 44.09
CA GLN D 6 -0.72 -9.86 43.52
C GLN D 6 -1.14 -9.36 42.16
N MET D 7 -1.15 -10.25 41.15
CA MET D 7 -1.68 -9.87 39.84
C MET D 7 -3.20 -9.80 39.85
N VAL D 8 -3.74 -8.98 38.93
CA VAL D 8 -5.17 -8.72 38.84
C VAL D 8 -5.64 -8.86 37.40
N THR D 9 -6.80 -9.50 37.23
CA THR D 9 -7.50 -9.61 35.97
C THR D 9 -8.50 -8.46 35.86
N VAL D 10 -8.87 -8.11 34.64
CA VAL D 10 -9.79 -7.00 34.44
C VAL D 10 -10.82 -7.36 33.40
N GLY D 11 -11.99 -6.75 33.52
CA GLY D 11 -13.14 -7.01 32.68
C GLY D 11 -13.17 -6.27 31.37
N HIS D 12 -14.37 -6.26 30.78
CA HIS D 12 -14.60 -5.75 29.43
C HIS D 12 -14.24 -4.28 29.29
N ASN D 13 -14.38 -3.49 30.34
CA ASN D 13 -14.05 -2.06 30.22
C ASN D 13 -12.70 -1.73 30.84
N ILE D 14 -11.70 -2.62 30.71
CA ILE D 14 -10.40 -2.31 31.29
C ILE D 14 -9.88 -1.02 30.70
N ALA D 15 -10.34 -0.66 29.51
CA ALA D 15 -9.80 0.49 28.79
C ALA D 15 -10.00 1.81 29.52
N LEU D 16 -11.04 1.92 30.35
CA LEU D 16 -11.27 3.13 31.16
C LEU D 16 -10.06 3.53 31.99
N ILE D 17 -9.27 2.58 32.45
CA ILE D 17 -8.20 2.88 33.40
C ILE D 17 -7.04 3.53 32.66
N GLN D 18 -6.61 4.69 33.14
CA GLN D 18 -5.52 5.44 32.53
C GLN D 18 -4.67 6.06 33.63
N PRO D 19 -3.47 6.53 33.32
CA PRO D 19 -2.70 7.28 34.32
C PRO D 19 -3.41 8.58 34.71
N GLY D 20 -3.36 8.90 36.00
CA GLY D 20 -4.11 10.02 36.52
C GLY D 20 -5.49 9.69 37.08
N PHE D 21 -5.88 8.43 37.09
CA PHE D 21 -7.16 8.11 37.70
C PHE D 21 -7.04 8.22 39.21
N SER D 22 -8.21 8.21 39.87
CA SER D 22 -8.26 8.34 41.32
C SER D 22 -9.28 7.33 41.84
N LEU D 23 -9.02 6.86 43.05
CA LEU D 23 -9.91 5.92 43.76
C LEU D 23 -10.36 6.56 45.06
N MET D 24 -11.61 6.33 45.42
CA MET D 24 -12.15 6.84 46.67
C MET D 24 -12.83 5.73 47.44
N ASN D 25 -12.66 5.74 48.76
CA ASN D 25 -13.17 4.70 49.64
C ASN D 25 -14.32 5.27 50.48
N PHE D 26 -15.50 4.66 50.36
CA PHE D 26 -16.72 5.04 51.07
C PHE D 26 -17.20 3.78 51.78
N ASP D 27 -16.97 3.67 53.09
CA ASP D 27 -17.58 2.58 53.86
C ASP D 27 -17.06 1.23 53.39
N GLY D 28 -15.77 1.19 53.08
CA GLY D 28 -15.14 -0.02 52.60
C GLY D 28 -15.32 -0.28 51.11
N GLN D 29 -16.40 0.21 50.51
CA GLN D 29 -16.59 0.08 49.06
C GLN D 29 -15.71 1.08 48.32
N VAL D 30 -14.91 0.57 47.36
CA VAL D 30 -14.00 1.43 46.60
C VAL D 30 -14.69 1.90 45.33
N PHE D 31 -14.36 3.11 44.88
CA PHE D 31 -14.90 3.64 43.65
C PHE D 31 -13.78 4.26 42.81
N PHE D 32 -14.06 4.37 41.52
CA PHE D 32 -13.08 4.73 40.52
C PHE D 32 -13.60 5.91 39.73
N PHE D 33 -12.73 6.86 39.48
CA PHE D 33 -13.14 8.05 38.75
C PHE D 33 -11.96 8.52 37.90
N GLY D 34 -12.29 9.15 36.78
CA GLY D 34 -11.28 9.66 35.87
C GLY D 34 -10.95 8.77 34.69
N GLN D 35 -12.00 8.27 34.05
CA GLN D 35 -11.87 7.31 32.96
C GLN D 35 -11.26 7.99 31.74
N LYS D 36 -10.64 7.19 30.88
CA LYS D 36 -10.17 7.72 29.61
C LYS D 36 -11.36 8.12 28.76
N GLY D 37 -11.21 9.22 28.02
CA GLY D 37 -12.27 9.72 27.16
C GLY D 37 -13.53 10.19 27.88
N TRP D 38 -14.45 10.84 27.15
CA TRP D 38 -15.66 11.32 27.80
C TRP D 38 -16.58 10.16 28.15
N PRO D 39 -17.38 10.30 29.21
CA PRO D 39 -18.31 9.24 29.60
C PRO D 39 -19.22 8.85 28.45
N LYS D 40 -19.41 7.54 28.33
CA LYS D 40 -20.20 6.93 27.27
C LYS D 40 -21.52 6.40 27.83
N ARG D 41 -22.42 6.07 26.90
CA ARG D 41 -23.77 5.70 27.30
C ARG D 41 -23.81 4.47 28.19
N SER D 42 -22.79 3.62 28.14
CA SER D 42 -22.79 2.49 29.06
C SER D 42 -22.74 2.95 30.51
N CYS D 43 -22.04 4.13 30.79
CA CYS D 43 -21.99 4.75 32.12
C CYS D 43 -21.81 6.25 32.03
N PRO D 44 -22.89 7.03 32.06
CA PRO D 44 -22.75 8.47 31.80
C PRO D 44 -22.05 9.25 32.89
N THR D 45 -22.05 8.81 34.14
CA THR D 45 -21.43 9.61 35.18
C THR D 45 -19.92 9.60 35.06
N GLY D 46 -19.36 8.53 34.53
CA GLY D 46 -17.92 8.32 34.57
C GLY D 46 -17.38 7.83 35.88
N VAL D 47 -18.25 7.47 36.82
CA VAL D 47 -17.82 6.94 38.11
C VAL D 47 -18.27 5.50 38.22
N PHE D 48 -17.38 4.65 38.74
CA PHE D 48 -17.59 3.21 38.74
C PHE D 48 -17.33 2.61 40.10
N HIS D 49 -18.07 1.54 40.41
N HIS D 49 -18.12 1.58 40.44
CA HIS D 49 -17.72 0.70 41.54
CA HIS D 49 -17.72 0.67 41.51
C HIS D 49 -16.49 -0.13 41.19
C HIS D 49 -16.42 0.00 41.11
N PHE D 50 -15.48 -0.09 42.05
CA PHE D 50 -14.17 -0.70 41.78
C PHE D 50 -14.01 -1.92 42.69
N ASP D 51 -14.52 -3.07 42.23
CA ASP D 51 -14.65 -4.27 43.06
C ASP D 51 -13.67 -5.34 42.57
N ILE D 52 -12.76 -5.75 43.46
CA ILE D 52 -11.81 -6.81 43.19
C ILE D 52 -12.18 -8.03 44.02
N LYS D 53 -12.62 -9.09 43.35
CA LYS D 53 -12.97 -10.36 43.98
C LYS D 53 -12.14 -11.45 43.32
N GLN D 54 -11.41 -12.21 44.14
CA GLN D 54 -10.54 -13.29 43.67
C GLN D 54 -9.55 -12.77 42.61
N ASN D 55 -8.92 -11.65 42.92
CA ASN D 55 -7.92 -11.04 42.06
C ASN D 55 -8.47 -10.69 40.66
N HIS D 56 -9.79 -10.59 40.51
CA HIS D 56 -10.39 -10.12 39.27
C HIS D 56 -11.17 -8.83 39.55
N LEU D 57 -10.85 -7.79 38.79
CA LEU D 57 -11.45 -6.47 38.96
C LEU D 57 -12.58 -6.28 37.95
N LYS D 58 -13.77 -6.02 38.46
CA LYS D 58 -14.92 -5.65 37.63
C LYS D 58 -15.28 -4.20 37.94
N LEU D 59 -15.43 -3.37 36.89
CA LEU D 59 -15.87 -2.00 37.05
C LEU D 59 -17.35 -1.93 36.70
N LYS D 60 -18.18 -1.56 37.68
CA LYS D 60 -19.63 -1.49 37.49
C LYS D 60 -20.11 -0.04 37.57
N PRO D 61 -20.96 0.37 36.65
CA PRO D 61 -21.36 1.79 36.59
C PRO D 61 -22.04 2.23 37.87
N ALA D 62 -21.72 3.46 38.28
CA ALA D 62 -22.38 4.14 39.38
C ALA D 62 -23.27 5.24 38.84
N ILE D 63 -24.38 5.52 39.54
CA ILE D 63 -25.32 6.55 39.12
C ILE D 63 -25.30 7.70 40.12
N PHE D 64 -25.79 8.86 39.66
CA PHE D 64 -25.82 10.10 40.42
C PHE D 64 -27.22 10.43 40.91
N SER D 65 -27.28 11.40 41.83
CA SER D 65 -28.52 11.92 42.39
C SER D 65 -29.16 12.94 41.45
N LYS D 66 -30.41 13.29 41.75
CA LYS D 66 -31.10 14.23 40.86
C LYS D 66 -30.47 15.61 40.93
N ASP D 67 -29.93 16.00 42.08
CA ASP D 67 -29.33 17.30 42.29
C ASP D 67 -27.84 17.33 41.98
N SER D 68 -27.33 16.35 41.25
CA SER D 68 -25.89 16.27 41.06
C SER D 68 -25.44 17.00 39.81
N CYS D 69 -24.22 17.51 39.89
CA CYS D 69 -23.42 17.96 38.75
C CYS D 69 -22.84 16.75 38.04
N TYR D 70 -22.65 16.86 36.72
CA TYR D 70 -21.99 15.79 35.98
C TYR D 70 -20.55 16.20 35.66
N LEU D 71 -19.67 16.03 36.65
CA LEU D 71 -18.30 16.48 36.50
C LEU D 71 -17.60 15.71 35.40
N PRO D 72 -16.68 16.34 34.67
CA PRO D 72 -15.92 15.62 33.66
C PRO D 72 -14.88 14.73 34.30
N PRO D 73 -14.47 13.65 33.62
CA PRO D 73 -13.40 12.82 34.16
C PRO D 73 -12.15 13.67 34.27
N LEU D 74 -11.47 13.56 35.41
CA LEU D 74 -10.34 14.45 35.72
C LEU D 74 -9.09 13.64 36.01
N ARG D 75 -8.01 14.02 35.34
CA ARG D 75 -6.71 13.37 35.49
C ARG D 75 -5.85 14.19 36.43
N TYR D 76 -5.25 13.51 37.40
CA TYR D 76 -4.37 14.16 38.38
C TYR D 76 -5.04 15.32 39.11
N PRO D 77 -6.30 15.21 39.56
CA PRO D 77 -6.87 16.25 40.41
C PRO D 77 -6.35 16.05 41.82
N ALA D 78 -6.49 17.09 42.63
CA ALA D 78 -6.17 16.99 44.05
C ALA D 78 -7.38 16.48 44.78
N THR D 79 -7.22 15.37 45.49
CA THR D 79 -8.32 14.76 46.23
C THR D 79 -7.92 14.53 47.68
N CYS D 80 -8.91 14.63 48.57
CA CYS D 80 -8.73 14.32 49.98
C CYS D 80 -10.09 13.98 50.60
N SER D 81 -10.03 13.28 51.73
CA SER D 81 -11.20 12.78 52.43
C SER D 81 -11.56 13.73 53.58
N TYR D 82 -12.86 13.97 53.73
CA TYR D 82 -13.39 15.00 54.62
C TYR D 82 -14.29 14.31 55.64
N LYS D 83 -14.07 14.59 56.92
CA LYS D 83 -14.94 14.08 57.95
C LYS D 83 -15.96 15.16 58.31
N LYS D 90 -21.34 13.96 57.61
CA LYS D 90 -21.28 13.00 56.52
C LYS D 90 -19.87 12.94 55.89
N HIS D 91 -19.38 11.72 55.67
CA HIS D 91 -18.08 11.49 55.05
C HIS D 91 -18.12 11.82 53.56
N GLN D 92 -17.13 12.57 53.07
CA GLN D 92 -17.16 12.99 51.67
C GLN D 92 -15.75 13.16 51.10
N TYR D 93 -15.68 13.34 49.77
CA TYR D 93 -14.42 13.45 49.04
C TYR D 93 -14.37 14.76 48.29
N ILE D 94 -13.20 15.39 48.30
CA ILE D 94 -12.98 16.68 47.66
C ILE D 94 -12.16 16.45 46.40
N ILE D 95 -12.65 16.98 45.28
CA ILE D 95 -11.93 16.91 44.03
C ILE D 95 -11.60 18.34 43.66
N HIS D 96 -10.33 18.64 43.48
CA HIS D 96 -9.96 19.98 43.04
C HIS D 96 -9.06 19.87 41.83
N GLY D 97 -9.34 20.66 40.80
CA GLY D 97 -8.41 20.75 39.70
C GLY D 97 -8.50 19.57 38.73
N GLY D 98 -7.36 19.28 38.10
CA GLY D 98 -7.23 18.17 37.17
C GLY D 98 -7.33 18.58 35.70
N LYS D 99 -7.02 17.61 34.82
CA LYS D 99 -7.11 17.73 33.37
C LYS D 99 -8.34 17.03 32.84
N THR D 100 -9.03 17.63 31.90
CA THR D 100 -10.21 17.04 31.28
C THR D 100 -9.85 16.32 29.99
N PRO D 101 -10.74 15.49 29.49
CA PRO D 101 -10.53 14.87 28.18
C PRO D 101 -10.17 15.85 27.07
N ASN D 102 -10.53 17.12 27.21
CA ASN D 102 -10.16 18.11 26.21
C ASN D 102 -8.84 18.79 26.51
N ASN D 103 -8.12 18.31 27.52
CA ASN D 103 -6.83 18.85 27.96
C ASN D 103 -6.95 20.23 28.60
N GLU D 104 -8.16 20.72 28.84
CA GLU D 104 -8.35 21.90 29.66
C GLU D 104 -8.06 21.59 31.12
N LEU D 105 -7.55 22.58 31.85
CA LEU D 105 -7.40 22.45 33.30
C LEU D 105 -8.61 23.01 34.02
N SER D 106 -9.07 22.31 35.05
CA SER D 106 -10.22 22.76 35.83
C SER D 106 -9.72 23.46 37.09
N ASP D 107 -10.32 24.61 37.40
CA ASP D 107 -10.10 25.20 38.72
C ASP D 107 -11.24 24.95 39.69
N LYS D 108 -12.35 24.36 39.22
CA LYS D 108 -13.51 24.17 40.08
C LYS D 108 -13.24 23.10 41.12
N ILE D 109 -14.18 22.97 42.05
CA ILE D 109 -14.10 21.98 43.10
C ILE D 109 -15.40 21.19 43.02
N TYR D 110 -15.29 19.87 43.17
CA TYR D 110 -16.44 18.99 43.25
C TYR D 110 -16.37 18.26 44.59
N ILE D 111 -17.54 17.99 45.18
CA ILE D 111 -17.62 17.28 46.45
C ILE D 111 -18.45 16.02 46.24
N MET D 112 -17.88 14.88 46.63
CA MET D 112 -18.46 13.57 46.42
C MET D 112 -18.92 12.96 47.74
N SER D 113 -20.19 12.57 47.78
CA SER D 113 -20.79 12.02 48.99
C SER D 113 -21.82 10.97 48.61
N VAL D 114 -22.02 10.01 49.52
CA VAL D 114 -22.98 8.93 49.26
C VAL D 114 -24.37 9.50 49.45
N ALA D 115 -25.12 9.61 48.35
CA ALA D 115 -26.45 10.21 48.40
C ALA D 115 -27.51 9.23 48.89
N CYS D 116 -27.44 8.00 48.42
CA CYS D 116 -28.39 6.94 48.73
C CYS D 116 -27.66 5.61 48.63
N LYS D 117 -28.08 4.63 49.43
CA LYS D 117 -27.46 3.31 49.42
C LYS D 117 -28.50 2.21 49.42
N ASN D 118 -28.81 1.68 48.23
CA ASN D 118 -29.77 0.58 48.04
C ASN D 118 -29.03 -0.74 47.77
N ASN D 119 -29.13 -1.70 48.71
CA ASN D 119 -28.58 -3.05 48.52
C ASN D 119 -27.12 -3.02 48.05
N LYS D 120 -26.32 -2.20 48.74
CA LYS D 120 -24.86 -2.08 48.55
C LYS D 120 -24.45 -1.65 47.13
N LYS D 121 -25.36 -1.11 46.31
CA LYS D 121 -24.99 -0.29 45.16
C LYS D 121 -25.46 1.13 45.46
N VAL D 122 -24.56 2.09 45.35
CA VAL D 122 -24.77 3.42 45.90
C VAL D 122 -24.96 4.43 44.80
N THR D 123 -25.86 5.36 45.05
CA THR D 123 -26.06 6.58 44.27
C THR D 123 -25.18 7.66 44.89
N PHE D 124 -24.53 8.45 44.04
CA PHE D 124 -23.65 9.51 44.53
C PHE D 124 -24.29 10.88 44.38
N ARG D 125 -23.84 11.80 45.23
CA ARG D 125 -24.15 13.20 45.05
C ARG D 125 -22.86 13.89 44.63
N CYS D 126 -22.90 14.55 43.48
CA CYS D 126 -21.78 15.36 43.01
C CYS D 126 -22.27 16.81 42.95
N THR D 127 -21.88 17.60 43.96
CA THR D 127 -22.20 19.01 44.05
C THR D 127 -20.90 19.78 43.97
N GLU D 128 -20.89 20.83 43.15
CA GLU D 128 -19.72 21.67 43.00
C GLU D 128 -19.80 22.87 43.93
N LYS D 129 -18.71 23.12 44.65
CA LYS D 129 -18.63 24.23 45.59
C LYS D 129 -17.92 25.36 44.87
N ASP D 130 -18.58 26.52 44.83
CA ASP D 130 -18.06 27.69 44.14
C ASP D 130 -16.92 28.33 44.93
N LEU D 131 -16.07 29.07 44.22
CA LEU D 131 -14.82 29.51 44.80
C LEU D 131 -14.64 31.00 44.53
N VAL D 132 -14.47 31.76 45.60
CA VAL D 132 -14.24 33.20 45.53
C VAL D 132 -13.07 33.54 46.43
N GLY D 133 -12.46 34.68 46.17
CA GLY D 133 -11.33 35.09 46.97
C GLY D 133 -10.08 35.05 46.14
N ASP D 134 -9.05 34.37 46.66
CA ASP D 134 -7.82 34.11 45.91
C ASP D 134 -7.91 32.71 45.31
N VAL D 135 -8.68 32.57 44.23
CA VAL D 135 -8.87 31.20 43.75
C VAL D 135 -7.58 30.74 43.09
N PRO D 136 -7.12 29.52 43.37
CA PRO D 136 -5.87 29.06 42.77
C PRO D 136 -6.05 28.85 41.27
N GLU D 137 -5.03 29.24 40.51
CA GLU D 137 -5.13 29.08 39.08
C GLU D 137 -5.37 27.60 38.76
N PRO D 138 -6.08 27.29 37.68
CA PRO D 138 -6.31 25.89 37.35
C PRO D 138 -4.99 25.17 37.14
N ARG D 139 -4.89 23.99 37.75
CA ARG D 139 -3.62 23.31 37.93
C ARG D 139 -3.89 21.82 38.07
N TYR D 140 -2.84 21.02 37.92
CA TYR D 140 -2.93 19.60 38.23
C TYR D 140 -1.72 19.15 39.02
N GLY D 141 -1.84 17.94 39.57
CA GLY D 141 -0.69 17.32 40.20
C GLY D 141 -0.29 17.98 41.50
N HIS D 142 -1.28 18.41 42.28
CA HIS D 142 -1.13 19.23 43.45
C HIS D 142 -1.87 18.57 44.60
N SER D 143 -1.51 18.91 45.82
CA SER D 143 -2.11 18.25 46.98
C SER D 143 -3.16 19.15 47.63
N ILE D 144 -4.14 18.53 48.26
CA ILE D 144 -5.12 19.26 49.04
C ILE D 144 -5.47 18.38 50.24
N ASP D 145 -5.53 19.00 51.42
CA ASP D 145 -5.89 18.25 52.64
C ASP D 145 -6.65 19.18 53.57
N VAL D 146 -7.43 18.59 54.50
CA VAL D 146 -8.14 19.37 55.52
C VAL D 146 -7.44 19.19 56.86
N VAL D 147 -7.21 20.30 57.54
CA VAL D 147 -6.54 20.39 58.83
C VAL D 147 -7.56 20.74 59.90
N TYR D 148 -7.22 20.42 61.14
CA TYR D 148 -8.09 20.70 62.28
C TYR D 148 -7.32 21.44 63.36
N SER D 149 -7.84 22.62 63.74
CA SER D 149 -7.26 23.47 64.79
C SER D 149 -8.38 24.13 65.58
N ARG D 150 -8.41 23.91 66.89
CA ARG D 150 -9.35 24.57 67.81
C ARG D 150 -10.80 24.44 67.36
N GLY D 151 -11.19 23.22 67.00
CA GLY D 151 -12.57 22.94 66.64
C GLY D 151 -13.08 23.54 65.35
N LYS D 152 -12.20 23.92 64.42
CA LYS D 152 -12.60 24.44 63.13
C LYS D 152 -11.91 23.66 62.01
N SER D 153 -12.59 23.56 60.87
CA SER D 153 -12.10 22.82 59.71
C SER D 153 -11.71 23.80 58.61
N MET D 154 -10.54 23.57 58.03
CA MET D 154 -9.98 24.40 56.97
C MET D 154 -9.20 23.52 56.01
N GLY D 155 -9.31 23.81 54.71
CA GLY D 155 -8.65 23.02 53.68
C GLY D 155 -7.37 23.66 53.23
N VAL D 156 -6.33 22.85 53.07
CA VAL D 156 -5.01 23.32 52.67
C VAL D 156 -4.70 22.79 51.28
N LEU D 157 -4.09 23.63 50.45
CA LEU D 157 -3.81 23.28 49.06
C LEU D 157 -2.45 23.86 48.67
N PHE D 158 -1.57 23.02 48.19
CA PHE D 158 -0.23 23.47 47.88
C PHE D 158 0.01 23.09 46.44
N GLY D 159 0.64 23.99 45.69
CA GLY D 159 0.50 24.02 44.25
C GLY D 159 0.91 22.75 43.53
N GLY D 160 0.63 22.78 42.23
CA GLY D 160 0.97 21.76 41.26
C GLY D 160 1.55 22.50 40.08
N ARG D 161 1.07 22.22 38.86
CA ARG D 161 1.58 22.93 37.70
C ARG D 161 0.40 23.23 36.78
N SER D 162 0.61 24.18 35.87
CA SER D 162 -0.42 24.63 34.95
C SER D 162 0.21 25.14 33.67
N TYR D 163 -0.63 25.64 32.77
CA TYR D 163 -0.14 26.23 31.53
C TYR D 163 0.35 27.67 31.81
N MET D 164 1.00 28.24 30.80
CA MET D 164 1.41 29.64 30.88
C MET D 164 0.19 30.53 31.16
N PRO D 165 0.39 31.70 31.75
CA PRO D 165 -0.74 32.62 31.92
C PRO D 165 -1.12 33.19 30.56
N SER D 166 -2.39 33.59 30.44
CA SER D 166 -2.92 33.96 29.13
C SER D 166 -2.08 35.00 28.39
N THR D 167 -1.26 35.79 29.07
CA THR D 167 -0.44 36.79 28.38
C THR D 167 0.81 36.21 27.71
N GLN D 168 1.47 35.24 28.35
CA GLN D 168 2.69 34.67 27.77
C GLN D 168 2.43 33.38 27.00
N ARG D 169 1.28 32.75 27.18
CA ARG D 169 1.01 31.50 26.50
C ARG D 169 0.97 31.75 25.00
N THR D 170 1.69 30.90 24.25
CA THR D 170 1.76 31.01 22.79
C THR D 170 1.41 29.66 22.19
N THR D 171 0.71 29.69 21.06
CA THR D 171 0.24 28.46 20.45
C THR D 171 1.40 27.56 20.04
N GLU D 172 2.51 28.13 19.60
CA GLU D 172 3.66 27.31 19.22
C GLU D 172 4.14 26.45 20.39
N LYS D 173 3.95 26.89 21.61
CA LYS D 173 4.20 26.09 22.80
C LYS D 173 2.96 26.04 23.65
N TRP D 174 1.80 25.95 22.97
CA TRP D 174 0.51 26.01 23.64
C TRP D 174 0.42 25.10 24.84
N ASN D 175 1.04 23.93 24.76
CA ASN D 175 0.90 22.90 25.79
C ASN D 175 1.93 23.00 26.90
N SER D 176 2.85 23.97 26.78
CA SER D 176 3.89 24.17 27.78
C SER D 176 3.31 24.36 29.17
N VAL D 177 4.01 23.80 30.14
CA VAL D 177 3.55 23.77 31.51
C VAL D 177 4.64 24.30 32.43
N ALA D 178 4.24 24.94 33.51
CA ALA D 178 5.18 25.47 34.50
C ALA D 178 4.60 25.25 35.88
N ASP D 179 5.48 25.24 36.87
CA ASP D 179 5.03 25.09 38.26
C ASP D 179 4.26 26.31 38.75
N CYS D 180 3.18 26.07 39.49
CA CYS D 180 2.48 27.16 40.14
C CYS D 180 3.36 27.79 41.21
N LEU D 181 3.09 29.05 41.51
CA LEU D 181 3.78 29.72 42.61
C LEU D 181 3.42 29.04 43.93
N PRO D 182 4.39 28.74 44.79
CA PRO D 182 4.15 27.82 45.91
C PRO D 182 3.45 28.47 47.10
N HIS D 183 2.23 28.95 46.87
CA HIS D 183 1.46 29.60 47.91
C HIS D 183 0.60 28.54 48.55
N VAL D 184 0.54 28.54 49.86
CA VAL D 184 -0.38 27.66 50.55
C VAL D 184 -1.74 28.32 50.52
N PHE D 185 -2.80 27.54 50.29
CA PHE D 185 -4.14 28.09 50.15
C PHE D 185 -5.01 27.52 51.25
N LEU D 186 -5.50 28.37 52.14
CA LEU D 186 -6.57 27.95 53.03
C LEU D 186 -7.91 28.14 52.33
N ILE D 187 -8.74 27.09 52.36
CA ILE D 187 -9.96 27.02 51.57
C ILE D 187 -11.08 26.56 52.47
N ASP D 188 -12.06 27.43 52.70
CA ASP D 188 -13.20 27.08 53.54
C ASP D 188 -14.29 26.52 52.65
N PHE D 189 -14.60 25.25 52.85
CA PHE D 189 -15.49 24.55 51.94
C PHE D 189 -16.95 24.94 52.12
N GLU D 190 -17.35 25.43 53.29
CA GLU D 190 -18.74 25.83 53.47
C GLU D 190 -19.08 27.05 52.62
N PHE D 191 -18.17 28.02 52.52
CA PHE D 191 -18.46 29.27 51.82
C PHE D 191 -17.73 29.43 50.49
N GLY D 192 -16.63 28.73 50.26
CA GLY D 192 -15.95 28.90 49.01
C GLY D 192 -15.00 30.07 48.96
N CYS D 193 -14.38 30.39 50.07
CA CYS D 193 -13.44 31.48 50.03
C CYS D 193 -12.06 30.87 50.13
N ALA D 194 -11.08 31.57 49.55
CA ALA D 194 -9.72 31.08 49.44
C ALA D 194 -8.78 32.20 49.80
N THR D 195 -7.82 31.90 50.65
CA THR D 195 -6.86 32.90 51.09
C THR D 195 -5.47 32.34 50.82
N SER D 196 -4.62 33.12 50.16
CA SER D 196 -3.31 32.64 49.77
C SER D 196 -2.24 33.23 50.67
N TYR D 197 -1.31 32.38 51.13
CA TYR D 197 -0.26 32.82 52.03
C TYR D 197 1.10 32.59 51.41
N ILE D 198 1.88 33.65 51.24
CA ILE D 198 3.25 33.49 50.77
C ILE D 198 4.13 33.18 51.96
N LEU D 199 4.90 32.08 51.87
CA LEU D 199 5.69 31.70 53.02
C LEU D 199 7.16 31.77 52.65
N PRO D 200 8.02 32.20 53.58
CA PRO D 200 9.45 32.35 53.25
C PRO D 200 10.15 31.04 52.89
N GLU D 201 9.83 29.97 53.62
CA GLU D 201 10.50 28.67 53.50
C GLU D 201 10.18 27.94 52.20
N LEU D 202 9.07 28.29 51.52
CA LEU D 202 8.63 27.63 50.28
C LEU D 202 9.01 28.53 49.11
N GLN D 203 10.22 28.33 48.62
CA GLN D 203 10.86 29.15 47.59
C GLN D 203 10.48 28.73 46.19
N ASP D 204 10.58 27.44 45.89
CA ASP D 204 10.45 26.96 44.52
C ASP D 204 9.17 26.12 44.34
N GLY D 205 8.78 25.95 43.06
CA GLY D 205 7.57 25.22 42.73
C GLY D 205 7.70 23.71 42.79
N LEU D 206 6.56 23.05 43.06
CA LEU D 206 6.57 21.63 43.40
C LEU D 206 5.30 20.97 42.90
N SER D 207 5.47 19.80 42.26
CA SER D 207 4.35 19.02 41.73
C SER D 207 4.58 17.55 42.02
N PHE D 208 3.47 16.80 42.00
CA PHE D 208 3.50 15.35 42.13
C PHE D 208 4.14 14.93 43.44
N HIS D 209 3.94 15.73 44.47
CA HIS D 209 4.46 15.42 45.79
C HIS D 209 3.45 14.63 46.62
N VAL D 210 3.93 14.11 47.72
CA VAL D 210 3.08 13.44 48.69
C VAL D 210 2.77 14.45 49.79
N SER D 211 1.53 14.40 50.28
CA SER D 211 1.11 15.27 51.37
C SER D 211 0.43 14.41 52.41
N ILE D 212 0.85 14.52 53.65
CA ILE D 212 0.27 13.74 54.71
C ILE D 212 -0.15 14.67 55.85
N ALA D 213 -1.39 14.51 56.33
CA ALA D 213 -2.06 15.47 57.19
C ALA D 213 -2.44 14.84 58.52
N ARG D 214 -2.06 15.51 59.62
CA ARG D 214 -2.47 15.13 60.97
C ARG D 214 -2.71 16.37 61.80
N ASN D 215 -3.91 16.48 62.37
CA ASN D 215 -4.31 17.59 63.27
C ASN D 215 -4.08 18.93 62.56
N ASP D 216 -3.36 19.86 63.16
CA ASP D 216 -3.17 21.18 62.60
C ASP D 216 -2.00 21.24 61.64
N THR D 217 -1.48 20.10 61.20
CA THR D 217 -0.24 20.01 60.45
C THR D 217 -0.43 19.28 59.13
N VAL D 218 0.36 19.68 58.13
CA VAL D 218 0.42 19.00 56.84
C VAL D 218 1.89 18.89 56.44
N TYR D 219 2.35 17.67 56.23
CA TYR D 219 3.72 17.45 55.79
C TYR D 219 3.76 17.32 54.28
N ILE D 220 4.79 17.88 53.68
CA ILE D 220 4.96 17.83 52.23
C ILE D 220 6.26 17.09 51.90
N LEU D 221 6.14 16.01 51.12
CA LEU D 221 7.22 15.08 50.86
C LEU D 221 7.53 15.03 49.38
N GLY D 222 8.82 15.03 49.08
CA GLY D 222 9.26 14.80 47.73
C GLY D 222 8.64 15.76 46.75
N GLY D 223 8.22 15.23 45.60
CA GLY D 223 7.80 16.04 44.49
C GLY D 223 8.93 16.35 43.53
N HIS D 224 8.54 17.04 42.45
CA HIS D 224 9.40 17.37 41.33
C HIS D 224 9.24 18.86 41.02
N SER D 225 10.36 19.54 40.85
CA SER D 225 10.38 20.97 40.55
C SER D 225 10.86 21.17 39.12
N LEU D 226 9.99 21.72 38.28
CA LEU D 226 10.28 21.75 36.86
C LEU D 226 11.50 22.59 36.52
N ALA D 227 11.64 23.79 37.13
CA ALA D 227 12.64 24.77 36.68
C ALA D 227 14.07 24.30 36.93
N SER D 228 14.36 23.84 38.15
CA SER D 228 15.68 23.25 38.35
C SER D 228 15.76 21.87 37.70
N ASN D 229 14.60 21.22 37.51
CA ASN D 229 14.47 19.80 37.12
C ASN D 229 15.09 18.89 38.17
N ILE D 230 14.75 19.15 39.41
CA ILE D 230 15.26 18.42 40.56
C ILE D 230 14.07 17.77 41.25
N ARG D 231 14.30 16.60 41.82
CA ARG D 231 13.27 16.01 42.65
C ARG D 231 13.78 16.22 44.07
N PRO D 232 13.48 17.37 44.68
CA PRO D 232 14.20 17.77 45.89
C PRO D 232 13.94 16.85 47.07
N ALA D 233 15.00 16.65 47.85
CA ALA D 233 15.02 15.78 49.01
C ALA D 233 14.72 16.52 50.29
N ASN D 234 13.86 17.52 50.24
CA ASN D 234 13.48 18.29 51.41
C ASN D 234 12.05 17.89 51.76
N LEU D 235 11.73 17.99 53.04
CA LEU D 235 10.37 17.78 53.52
C LEU D 235 9.98 19.00 54.34
N TYR D 236 8.76 19.48 54.13
CA TYR D 236 8.29 20.70 54.77
C TYR D 236 7.10 20.38 55.66
N ARG D 237 7.15 20.86 56.90
CA ARG D 237 6.02 20.80 57.82
C ARG D 237 5.26 22.11 57.71
N ILE D 238 3.93 22.04 57.71
CA ILE D 238 3.08 23.23 57.60
C ILE D 238 2.04 23.16 58.72
N ARG D 239 2.12 24.11 59.66
CA ARG D 239 1.18 24.22 60.77
C ARG D 239 0.25 25.40 60.56
N VAL D 240 -1.04 25.19 60.83
CA VAL D 240 -2.05 26.23 60.71
C VAL D 240 -2.74 26.41 62.05
N ASP D 241 -2.94 27.67 62.44
CA ASP D 241 -3.74 28.02 63.61
C ASP D 241 -5.05 28.67 63.15
N LEU D 242 -6.16 28.27 63.77
CA LEU D 242 -7.49 28.76 63.47
C LEU D 242 -8.07 29.53 64.66
N PRO D 243 -7.70 30.80 64.81
CA PRO D 243 -8.32 31.65 65.82
C PRO D 243 -9.66 32.18 65.30
N LEU D 244 -10.25 33.13 66.03
CA LEU D 244 -11.44 33.81 65.53
C LEU D 244 -11.11 34.77 64.39
N GLY D 245 -9.90 35.32 64.36
CA GLY D 245 -9.46 36.22 63.32
C GLY D 245 -8.84 35.49 62.15
N THR D 246 -8.16 36.27 61.30
CA THR D 246 -7.49 35.70 60.14
C THR D 246 -6.58 34.56 60.59
N PRO D 247 -6.62 33.42 59.91
CA PRO D 247 -5.80 32.28 60.32
C PRO D 247 -4.31 32.51 60.06
N ALA D 248 -3.49 31.77 60.79
CA ALA D 248 -2.05 31.86 60.65
C ALA D 248 -1.51 30.51 60.20
N VAL D 249 -0.57 30.56 59.26
CA VAL D 249 0.05 29.37 58.70
C VAL D 249 1.56 29.49 58.88
N ASN D 250 2.17 28.49 59.52
CA ASN D 250 3.61 28.49 59.69
C ASN D 250 4.20 27.18 59.18
N CYS D 251 5.28 27.27 58.39
CA CYS D 251 5.96 26.11 57.87
C CYS D 251 7.43 26.14 58.31
N THR D 252 8.00 24.95 58.54
CA THR D 252 9.39 24.80 58.94
C THR D 252 10.04 23.67 58.13
N VAL D 253 11.22 23.96 57.56
CA VAL D 253 11.99 22.98 56.80
C VAL D 253 12.49 21.88 57.73
N LEU D 254 12.53 20.65 57.22
CA LEU D 254 12.88 19.49 58.05
C LEU D 254 13.96 18.61 57.44
N PRO D 255 14.94 18.22 58.23
CA PRO D 255 15.93 17.26 57.76
C PRO D 255 15.28 15.89 57.63
N GLY D 256 15.95 15.00 56.90
CA GLY D 256 15.41 13.68 56.70
C GLY D 256 14.34 13.58 55.63
N GLY D 257 14.49 14.31 54.52
CA GLY D 257 13.50 14.27 53.46
C GLY D 257 13.87 13.27 52.37
N ILE D 258 12.85 12.51 51.92
CA ILE D 258 13.02 11.60 50.79
C ILE D 258 12.99 12.39 49.48
N SER D 259 13.63 11.84 48.46
CA SER D 259 13.53 12.35 47.09
C SER D 259 12.68 11.35 46.30
N VAL D 260 11.40 11.68 46.12
CA VAL D 260 10.44 10.82 45.43
C VAL D 260 9.47 11.66 44.64
N SER D 261 9.24 11.28 43.39
CA SER D 261 8.24 11.95 42.59
C SER D 261 7.12 10.97 42.27
N SER D 262 5.89 11.46 42.28
CA SER D 262 4.72 10.67 41.93
C SER D 262 4.50 9.47 42.83
N ALA D 263 4.94 9.52 44.07
CA ALA D 263 4.72 8.37 44.94
C ALA D 263 3.24 8.25 45.36
N ILE D 264 2.89 7.08 45.85
CA ILE D 264 1.55 6.79 46.35
C ILE D 264 1.63 6.51 47.83
N LEU D 265 0.66 7.00 48.61
CA LEU D 265 0.70 6.89 50.06
C LEU D 265 -0.56 6.22 50.58
N THR D 266 -0.40 5.25 51.49
CA THR D 266 -1.52 4.55 52.08
C THR D 266 -1.34 4.43 53.59
N GLN D 267 -2.48 4.17 54.28
CA GLN D 267 -2.56 4.20 55.73
C GLN D 267 -2.47 2.83 56.36
N THR D 268 -1.35 2.59 57.05
CA THR D 268 -1.13 1.38 57.85
C THR D 268 -1.63 1.58 59.28
N ASN D 269 -2.24 0.55 59.85
CA ASN D 269 -2.61 0.59 61.26
C ASN D 269 -3.38 1.88 61.59
N ASN D 270 -2.78 2.70 62.44
CA ASN D 270 -3.27 4.05 62.72
C ASN D 270 -2.05 4.90 63.02
N ASP D 271 -2.01 6.09 62.44
CA ASP D 271 -0.94 7.06 62.67
C ASP D 271 0.38 6.59 62.05
N GLU D 272 0.35 5.50 61.26
CA GLU D 272 1.48 4.96 60.52
C GLU D 272 1.10 4.88 59.05
N PHE D 273 1.97 5.35 58.19
CA PHE D 273 1.72 5.26 56.77
C PHE D 273 2.94 4.64 56.10
N VAL D 274 2.71 4.02 54.94
CA VAL D 274 3.78 3.56 54.06
C VAL D 274 3.59 4.20 52.70
N ILE D 275 4.67 4.58 52.04
CA ILE D 275 4.57 5.14 50.70
C ILE D 275 5.37 4.27 49.71
N VAL D 276 4.63 3.66 48.74
CA VAL D 276 5.16 2.75 47.73
C VAL D 276 5.62 3.60 46.56
N GLY D 277 6.62 3.12 45.85
CA GLY D 277 7.44 4.01 45.05
C GLY D 277 6.75 4.80 43.97
N GLY D 278 7.54 5.67 43.36
CA GLY D 278 7.19 6.54 42.26
C GLY D 278 8.50 6.71 41.51
N TYR D 279 8.68 7.75 40.72
CA TYR D 279 9.91 7.85 39.96
C TYR D 279 10.91 8.61 40.83
N GLN D 280 12.14 8.11 40.85
CA GLN D 280 13.28 8.70 41.56
C GLN D 280 14.20 9.50 40.64
N LEU D 281 14.28 9.14 39.38
CA LEU D 281 14.93 9.95 38.36
C LEU D 281 14.14 9.73 37.07
N GLU D 282 14.45 10.50 36.04
CA GLU D 282 13.73 10.34 34.79
C GLU D 282 13.84 8.89 34.30
N ASN D 283 15.06 8.34 34.31
CA ASN D 283 15.32 7.00 33.81
C ASN D 283 15.33 5.93 34.89
N GLN D 284 15.30 6.32 36.16
CA GLN D 284 15.31 5.40 37.30
C GLN D 284 13.99 5.56 38.07
N LYS D 285 13.71 4.59 38.93
CA LYS D 285 12.40 4.53 39.54
C LYS D 285 12.54 4.09 40.99
N ARG D 286 11.67 4.54 41.86
CA ARG D 286 11.88 4.29 43.28
C ARG D 286 11.31 2.93 43.62
N MET D 287 12.18 1.93 43.66
CA MET D 287 11.75 0.55 43.90
C MET D 287 11.58 0.24 45.37
N VAL D 288 12.34 0.93 46.24
CA VAL D 288 12.24 0.76 47.68
C VAL D 288 10.96 1.38 48.20
N CYS D 289 10.61 1.04 49.43
CA CYS D 289 9.44 1.60 50.11
C CYS D 289 9.88 2.18 51.44
N SER D 290 9.13 3.19 51.88
CA SER D 290 9.46 3.94 53.08
C SER D 290 8.30 3.84 54.08
N LEU D 291 8.63 3.82 55.37
CA LEU D 291 7.68 3.78 56.47
C LEU D 291 7.71 5.12 57.19
N VAL D 292 6.56 5.76 57.37
CA VAL D 292 6.50 7.06 58.04
C VAL D 292 5.71 6.89 59.32
N SER D 293 6.29 7.38 60.41
CA SER D 293 5.75 7.38 61.76
C SER D 293 5.50 8.83 62.15
N LEU D 294 4.32 9.12 62.68
CA LEU D 294 3.93 10.48 62.99
C LEU D 294 4.00 10.75 64.48
N GLY D 295 4.65 11.86 64.81
CA GLY D 295 4.70 12.34 66.17
C GLY D 295 4.22 13.78 66.16
N ASP D 296 3.75 14.22 67.32
CA ASP D 296 3.15 15.55 67.43
C ASP D 296 4.07 16.66 66.94
N ASN D 297 5.38 16.53 67.19
CA ASN D 297 6.29 17.57 66.72
C ASN D 297 7.24 17.05 65.66
N THR D 298 7.35 15.73 65.46
CA THR D 298 8.31 15.22 64.50
C THR D 298 7.68 14.05 63.73
N ILE D 299 8.27 13.81 62.56
CA ILE D 299 7.93 12.69 61.70
C ILE D 299 9.21 11.94 61.39
N GLU D 300 9.12 10.63 61.46
CA GLU D 300 10.23 9.75 61.20
C GLU D 300 9.87 8.82 60.05
N ILE D 301 10.76 8.77 59.08
CA ILE D 301 10.62 7.94 57.90
C ILE D 301 11.67 6.86 58.01
N SER D 302 11.24 5.61 58.00
CA SER D 302 12.13 4.46 58.14
C SER D 302 11.97 3.63 56.88
N GLU D 303 13.10 3.32 56.25
CA GLU D 303 13.08 2.46 55.08
C GLU D 303 12.53 1.07 55.46
N MET D 304 11.88 0.41 54.51
CA MET D 304 11.41 -0.95 54.76
C MET D 304 12.02 -1.92 53.74
N GLU D 305 11.77 -3.20 54.00
CA GLU D 305 12.23 -4.24 53.09
C GLU D 305 11.46 -4.13 51.78
N THR D 306 12.18 -4.07 50.67
CA THR D 306 11.51 -3.89 49.41
C THR D 306 10.65 -5.12 49.11
N PRO D 307 9.49 -4.94 48.46
CA PRO D 307 8.61 -6.07 48.17
C PRO D 307 9.13 -6.92 47.00
N ASP D 308 8.43 -8.04 46.77
CA ASP D 308 8.88 -9.02 45.79
C ASP D 308 8.45 -8.58 44.39
N TRP D 309 9.16 -7.59 43.85
CA TRP D 309 8.82 -7.08 42.54
C TRP D 309 9.05 -8.13 41.45
N THR D 310 8.18 -8.14 40.45
CA THR D 310 8.33 -9.00 39.28
C THR D 310 9.23 -8.35 38.24
N SER D 311 9.70 -9.18 37.28
CA SER D 311 10.62 -8.65 36.27
C SER D 311 9.93 -7.67 35.34
N ASP D 312 8.63 -7.87 35.11
CA ASP D 312 7.87 -6.94 34.29
C ASP D 312 7.94 -5.56 34.90
N ILE D 313 7.58 -5.50 36.19
CA ILE D 313 7.53 -4.24 36.90
C ILE D 313 8.88 -3.56 36.88
N LYS D 314 9.94 -4.33 37.15
CA LYS D 314 11.24 -3.73 37.35
C LYS D 314 11.78 -3.00 36.11
N HIS D 315 11.46 -3.48 34.90
CA HIS D 315 12.06 -2.86 33.72
C HIS D 315 11.17 -1.85 33.01
N SER D 316 9.90 -1.72 33.39
CA SER D 316 9.08 -0.70 32.77
C SER D 316 9.58 0.67 33.17
N LYS D 317 9.56 1.58 32.20
CA LYS D 317 9.93 2.96 32.50
C LYS D 317 8.82 3.62 33.30
N ILE D 318 7.58 3.20 33.09
CA ILE D 318 6.42 3.88 33.62
C ILE D 318 5.73 2.95 34.60
N TRP D 319 5.25 3.48 35.71
CA TRP D 319 4.21 2.83 36.51
C TRP D 319 3.36 3.91 37.12
N PHE D 320 2.14 3.53 37.47
CA PHE D 320 1.21 4.47 38.03
C PHE D 320 0.22 3.68 38.85
N GLY D 321 -0.40 4.34 39.80
CA GLY D 321 -1.38 3.66 40.63
C GLY D 321 -2.00 4.63 41.61
N SER D 322 -2.91 4.11 42.42
CA SER D 322 -3.59 4.89 43.42
C SER D 322 -3.75 4.04 44.67
N ASN D 323 -4.14 4.68 45.75
CA ASN D 323 -4.41 4.00 47.01
C ASN D 323 -5.86 3.53 47.02
N MET D 324 -6.08 2.26 47.35
CA MET D 324 -7.42 1.71 47.48
C MET D 324 -8.05 2.04 48.83
N GLY D 325 -7.23 2.30 49.85
CA GLY D 325 -7.77 2.72 51.13
C GLY D 325 -7.50 1.73 52.25
N ASN D 326 -7.73 0.45 51.95
CA ASN D 326 -7.57 -0.58 52.95
C ASN D 326 -6.11 -0.95 53.08
N GLY D 327 -5.26 0.05 53.25
CA GLY D 327 -3.83 -0.15 53.32
C GLY D 327 -3.32 -0.89 52.09
N THR D 328 -4.01 -0.71 50.97
CA THR D 328 -3.71 -1.47 49.76
C THR D 328 -3.60 -0.53 48.57
N ILE D 329 -2.54 -0.71 47.79
CA ILE D 329 -2.25 0.08 46.60
C ILE D 329 -2.70 -0.72 45.38
N PHE D 330 -3.22 -0.04 44.38
CA PHE D 330 -3.52 -0.63 43.09
C PHE D 330 -2.62 0.04 42.06
N LEU D 331 -1.62 -0.68 41.58
CA LEU D 331 -0.71 -0.08 40.62
C LEU D 331 -0.80 -0.79 39.29
N GLY D 332 -0.31 -0.11 38.25
CA GLY D 332 -0.37 -0.61 36.90
C GLY D 332 0.90 -0.26 36.14
N ILE D 333 1.18 -1.08 35.13
CA ILE D 333 2.34 -0.98 34.25
C ILE D 333 1.92 -0.94 32.80
N PRO D 334 2.63 -0.22 31.93
CA PRO D 334 2.26 -0.27 30.53
C PRO D 334 2.43 -1.71 30.07
N GLY D 335 1.44 -2.17 29.31
CA GLY D 335 1.41 -3.52 28.83
C GLY D 335 2.00 -3.66 27.44
N ASP D 336 1.83 -4.86 26.89
CA ASP D 336 2.17 -5.14 25.50
C ASP D 336 1.15 -4.56 24.52
N ASN D 337 1.64 -4.11 23.37
CA ASN D 337 0.79 -3.72 22.24
C ASN D 337 -0.32 -2.72 22.65
N GLU D 343 -3.81 -6.79 26.59
CA GLU D 343 -4.16 -5.61 27.40
C GLU D 343 -3.12 -4.48 27.29
N ALA D 344 -3.61 -3.23 27.38
CA ALA D 344 -2.76 -2.04 27.27
C ALA D 344 -1.95 -1.80 28.54
N PHE D 345 -2.48 -2.19 29.70
CA PHE D 345 -1.78 -2.06 30.98
C PHE D 345 -1.92 -3.36 31.74
N TYR D 346 -0.92 -3.60 32.59
CA TYR D 346 -0.84 -4.76 33.46
C TYR D 346 -1.05 -4.28 34.88
N PHE D 347 -2.02 -4.84 35.58
CA PHE D 347 -2.37 -4.35 36.90
C PHE D 347 -2.01 -5.34 38.00
N TYR D 348 -1.54 -4.81 39.11
CA TYR D 348 -1.20 -5.54 40.31
C TYR D 348 -1.87 -4.87 41.51
N THR D 349 -1.99 -5.62 42.61
CA THR D 349 -2.48 -5.07 43.87
C THR D 349 -1.46 -5.40 44.97
N LEU D 350 -0.81 -4.36 45.49
CA LEU D 350 0.24 -4.50 46.49
C LEU D 350 -0.30 -4.09 47.86
N ARG D 351 -0.22 -5.00 48.83
CA ARG D 351 -0.83 -4.80 50.13
C ARG D 351 0.23 -4.43 51.18
N CYS D 352 -0.25 -3.76 52.23
CA CYS D 352 0.58 -3.40 53.38
C CYS D 352 -0.28 -3.62 54.62
N SER D 353 0.29 -4.24 55.64
CA SER D 353 -0.49 -4.71 56.81
C SER D 353 -1.67 -5.61 56.38
N GLY E 11 7.78 55.18 -41.16
CA GLY E 11 8.47 56.23 -40.43
C GLY E 11 7.87 57.63 -40.56
N LYS E 12 8.19 58.49 -39.60
CA LYS E 12 7.82 59.90 -39.64
C LYS E 12 9.10 60.74 -39.68
N MET E 13 9.10 61.78 -40.51
CA MET E 13 10.32 62.47 -40.89
C MET E 13 10.36 63.89 -40.35
N SER E 14 11.47 64.24 -39.70
CA SER E 14 11.65 65.57 -39.14
C SER E 14 11.96 66.57 -40.25
N SER E 15 12.06 67.86 -39.86
CA SER E 15 12.38 68.91 -40.82
C SER E 15 13.79 68.76 -41.37
N TYR E 16 14.76 68.53 -40.48
CA TYR E 16 16.13 68.27 -40.89
C TYR E 16 16.23 67.08 -41.83
N ALA E 17 15.38 66.05 -41.62
CA ALA E 17 15.43 64.85 -42.46
C ALA E 17 14.91 65.12 -43.87
N PHE E 18 13.81 65.84 -43.99
CA PHE E 18 13.36 66.31 -45.30
C PHE E 18 14.45 67.13 -45.98
N PHE E 19 15.08 68.05 -45.23
CA PHE E 19 16.21 68.82 -45.75
C PHE E 19 17.24 67.89 -46.40
N VAL E 20 17.66 66.85 -45.66
CA VAL E 20 18.71 65.95 -46.14
C VAL E 20 18.23 65.17 -47.37
N GLN E 21 16.95 64.78 -47.39
CA GLN E 21 16.47 64.04 -48.55
C GLN E 21 16.50 64.91 -49.80
N THR E 22 16.00 66.14 -49.70
CA THR E 22 16.03 67.04 -50.85
C THR E 22 17.46 67.28 -51.32
N CYS E 23 18.40 67.41 -50.37
CA CYS E 23 19.80 67.60 -50.77
C CYS E 23 20.34 66.39 -51.52
N ARG E 24 19.93 65.19 -51.10
CA ARG E 24 20.35 63.98 -51.83
C ARG E 24 19.76 63.95 -53.24
N GLU E 25 18.51 64.40 -53.39
CA GLU E 25 17.90 64.48 -54.72
C GLU E 25 18.66 65.45 -55.62
N GLU E 26 18.97 66.63 -55.10
CA GLU E 26 19.77 67.61 -55.84
C GLU E 26 21.11 67.00 -56.27
N HIS E 27 21.83 66.41 -55.32
CA HIS E 27 23.13 65.81 -55.63
C HIS E 27 23.02 64.76 -56.72
N LYS E 28 21.95 63.95 -56.70
CA LYS E 28 21.84 62.90 -57.71
C LYS E 28 21.53 63.48 -59.09
N LYS E 29 20.74 64.55 -59.16
CA LYS E 29 20.43 65.12 -60.46
C LYS E 29 21.63 65.90 -61.03
N LYS E 30 22.42 66.54 -60.16
CA LYS E 30 23.62 67.25 -60.61
C LYS E 30 24.73 66.29 -61.03
N HIS E 31 24.90 65.20 -60.28
CA HIS E 31 26.02 64.26 -60.47
C HIS E 31 25.49 62.85 -60.64
N PRO E 32 25.09 62.47 -61.86
CA PRO E 32 24.47 61.14 -62.03
C PRO E 32 25.45 59.98 -61.89
N ASP E 33 26.62 60.03 -62.50
CA ASP E 33 27.56 58.91 -62.44
C ASP E 33 28.35 58.85 -61.12
N ALA E 34 27.83 59.45 -60.04
CA ALA E 34 28.62 59.73 -58.84
C ALA E 34 28.05 59.05 -57.62
N SER E 35 28.90 58.32 -56.90
CA SER E 35 28.54 57.61 -55.68
C SER E 35 28.97 58.43 -54.47
N VAL E 36 27.99 58.84 -53.65
CA VAL E 36 28.23 59.75 -52.54
C VAL E 36 28.81 59.01 -51.35
N ASN E 37 29.66 59.71 -50.59
CA ASN E 37 30.13 59.22 -49.30
C ASN E 37 29.22 59.74 -48.20
N PHE E 38 28.98 58.90 -47.19
CA PHE E 38 27.96 59.19 -46.19
C PHE E 38 28.48 60.11 -45.10
N SER E 39 29.69 59.85 -44.58
CA SER E 39 30.22 60.59 -43.45
C SER E 39 30.60 62.02 -43.82
N GLU E 40 30.97 62.26 -45.09
CA GLU E 40 31.21 63.62 -45.55
C GLU E 40 29.91 64.34 -45.91
N PHE E 41 28.92 63.60 -46.43
CA PHE E 41 27.65 64.21 -46.80
C PHE E 41 26.88 64.68 -45.57
N SER E 42 26.93 63.92 -44.47
CA SER E 42 26.29 64.41 -43.25
C SER E 42 26.94 65.68 -42.73
N LYS E 43 28.27 65.79 -42.89
CA LYS E 43 28.98 67.01 -42.50
C LYS E 43 28.51 68.22 -43.30
N LYS E 44 28.53 68.11 -44.64
CA LYS E 44 28.16 69.25 -45.47
C LYS E 44 26.67 69.58 -45.33
N CYS E 45 25.81 68.57 -45.18
CA CYS E 45 24.40 68.84 -44.94
C CYS E 45 24.18 69.53 -43.60
N SER E 46 24.94 69.13 -42.58
CA SER E 46 24.80 69.75 -41.26
C SER E 46 25.28 71.20 -41.28
N GLU E 47 26.32 71.51 -42.06
CA GLU E 47 26.73 72.92 -42.18
C GLU E 47 25.68 73.74 -42.93
N ARG E 48 25.08 73.17 -43.98
CA ARG E 48 24.02 73.89 -44.71
C ARG E 48 22.83 74.18 -43.79
N TRP E 49 22.44 73.21 -42.96
CA TRP E 49 21.36 73.46 -42.00
C TRP E 49 21.78 74.45 -40.92
N LYS E 50 23.06 74.48 -40.52
CA LYS E 50 23.55 75.46 -39.56
C LYS E 50 24.09 76.69 -40.27
N ALA E 54 16.86 80.85 -41.69
CA ALA E 54 15.60 80.83 -40.96
C ALA E 54 14.41 80.83 -41.91
N LYS E 55 14.67 81.21 -43.17
CA LYS E 55 13.65 81.25 -44.20
C LYS E 55 13.71 80.06 -45.14
N GLU E 56 14.93 79.63 -45.50
CA GLU E 56 15.08 78.41 -46.30
C GLU E 56 14.34 77.25 -45.66
N LYS E 57 14.50 77.10 -44.34
CA LYS E 57 14.04 75.90 -43.64
C LYS E 57 12.52 75.85 -43.49
N GLY E 58 11.81 76.96 -43.68
CA GLY E 58 10.37 76.97 -43.46
C GLY E 58 9.60 76.04 -44.39
N LYS E 59 10.10 75.86 -45.62
CA LYS E 59 9.48 74.95 -46.56
C LYS E 59 9.50 73.51 -46.03
N PHE E 60 10.67 73.06 -45.58
CA PHE E 60 10.80 71.74 -44.97
C PHE E 60 9.97 71.63 -43.69
N GLU E 61 9.92 72.73 -42.91
CA GLU E 61 9.14 72.75 -41.67
C GLU E 61 7.67 72.48 -41.93
N ASP E 62 7.10 73.10 -42.96
CA ASP E 62 5.70 72.85 -43.28
C ASP E 62 5.48 71.48 -43.94
N MET E 63 6.48 70.97 -44.69
CA MET E 63 6.41 69.62 -45.25
C MET E 63 6.31 68.53 -44.18
N ALA E 64 7.00 68.74 -43.05
CA ALA E 64 7.02 67.72 -42.00
C ALA E 64 5.65 67.43 -41.40
N LYS E 65 4.77 68.43 -41.30
CA LYS E 65 3.46 68.15 -40.72
C LYS E 65 2.57 67.35 -41.67
N ALA E 66 2.72 67.54 -42.98
CA ALA E 66 2.04 66.65 -43.92
C ALA E 66 2.49 65.20 -43.73
N ASP E 67 3.80 64.99 -43.53
CA ASP E 67 4.27 63.62 -43.26
C ASP E 67 3.70 63.05 -41.94
N LYS E 68 3.47 63.92 -40.94
CA LYS E 68 2.88 63.44 -39.68
C LYS E 68 1.45 62.94 -39.88
N ALA E 69 0.66 63.68 -40.67
CA ALA E 69 -0.64 63.17 -41.13
C ALA E 69 -0.53 61.79 -41.82
N ARG E 70 0.49 61.57 -42.67
CA ARG E 70 0.74 60.23 -43.21
C ARG E 70 0.90 59.19 -42.09
N TYR E 71 1.60 59.54 -41.01
CA TYR E 71 1.76 58.59 -39.89
C TYR E 71 0.39 58.17 -39.32
N GLU E 72 -0.48 59.16 -39.13
CA GLU E 72 -1.83 58.88 -38.67
C GLU E 72 -2.56 57.93 -39.63
N ARG E 73 -2.43 58.16 -40.94
CA ARG E 73 -3.04 57.23 -41.90
C ARG E 73 -2.42 55.83 -41.80
N GLU E 74 -1.11 55.74 -41.50
CA GLU E 74 -0.43 54.45 -41.51
C GLU E 74 -0.94 53.54 -40.39
N MET E 75 -1.28 54.13 -39.23
CA MET E 75 -1.77 53.31 -38.09
C MET E 75 -2.99 52.46 -38.48
N LYS E 76 -3.94 53.05 -39.20
CA LYS E 76 -5.15 52.34 -39.69
C LYS E 76 -4.82 51.07 -40.45
N ARG E 97 20.30 10.40 -44.49
CA ARG E 97 18.95 10.18 -44.98
C ARG E 97 18.88 10.26 -46.50
N PRO E 98 19.13 9.14 -47.18
CA PRO E 98 19.01 9.12 -48.64
C PRO E 98 17.60 9.46 -49.06
N PRO E 99 17.43 10.04 -50.25
CA PRO E 99 16.17 10.70 -50.57
C PRO E 99 15.11 9.71 -51.04
N SER E 100 13.88 10.22 -51.11
CA SER E 100 12.77 9.45 -51.66
C SER E 100 13.09 9.05 -53.11
N ALA E 101 12.46 7.97 -53.56
CA ALA E 101 12.59 7.61 -54.97
C ALA E 101 12.07 8.73 -55.87
N PHE E 102 11.02 9.43 -55.43
CA PHE E 102 10.57 10.62 -56.13
C PHE E 102 11.66 11.67 -56.17
N PHE E 103 12.46 11.76 -55.10
CA PHE E 103 13.58 12.72 -55.09
C PHE E 103 14.70 12.32 -56.07
N LEU E 104 14.99 11.00 -56.16
CA LEU E 104 16.01 10.52 -57.11
C LEU E 104 15.58 10.79 -58.54
N PHE E 105 14.29 10.57 -58.83
CA PHE E 105 13.74 10.85 -60.16
C PHE E 105 13.73 12.35 -60.49
N CYS E 106 13.28 13.22 -59.56
CA CYS E 106 13.15 14.63 -59.93
C CYS E 106 14.51 15.34 -60.04
N SER E 107 15.51 14.91 -59.26
CA SER E 107 16.82 15.53 -59.42
C SER E 107 17.35 15.37 -60.85
N GLU E 108 17.24 14.17 -61.42
CA GLU E 108 17.71 13.94 -62.78
C GLU E 108 16.86 14.69 -63.81
N TYR E 109 15.53 14.67 -63.64
CA TYR E 109 14.72 15.37 -64.65
C TYR E 109 14.81 16.89 -64.55
N ARG E 110 15.43 17.44 -63.51
CA ARG E 110 15.61 18.90 -63.40
C ARG E 110 16.27 19.56 -64.62
N PRO E 111 17.31 19.00 -65.24
CA PRO E 111 17.97 19.71 -66.34
C PRO E 111 17.08 19.90 -67.57
N LYS E 112 16.29 18.88 -67.92
CA LYS E 112 15.38 18.99 -69.06
C LYS E 112 14.32 20.05 -68.84
N ILE E 113 13.80 20.17 -67.61
CA ILE E 113 12.81 21.21 -67.33
C ILE E 113 13.45 22.59 -67.40
N LYS E 114 14.67 22.74 -66.88
CA LYS E 114 15.39 24.01 -67.06
C LYS E 114 15.49 24.37 -68.54
N GLY E 115 15.82 23.38 -69.38
CA GLY E 115 15.83 23.62 -70.82
C GLY E 115 14.46 24.02 -71.38
N GLU E 116 13.40 23.42 -70.85
CA GLU E 116 12.04 23.75 -71.30
C GLU E 116 11.70 25.21 -71.05
N ILE E 122 11.40 27.42 -59.42
CA ILE E 122 11.48 26.25 -58.56
C ILE E 122 10.14 25.64 -58.32
N GLY E 123 9.21 26.46 -57.83
CA GLY E 123 7.84 25.99 -57.65
C GLY E 123 7.27 25.45 -58.93
N ASP E 124 7.50 26.18 -60.03
CA ASP E 124 7.03 25.75 -61.35
C ASP E 124 7.72 24.45 -61.79
N VAL E 125 9.04 24.38 -61.57
CA VAL E 125 9.80 23.17 -61.93
C VAL E 125 9.26 21.97 -61.18
N ALA E 126 9.01 22.12 -59.88
CA ALA E 126 8.53 21.02 -59.06
C ALA E 126 7.12 20.60 -59.48
N LYS E 127 6.27 21.58 -59.82
CA LYS E 127 4.94 21.22 -60.33
C LYS E 127 5.06 20.32 -61.55
N LYS E 128 5.90 20.72 -62.51
CA LYS E 128 6.08 19.91 -63.72
C LYS E 128 6.67 18.54 -63.38
N LEU E 129 7.65 18.51 -62.47
CA LEU E 129 8.30 17.26 -62.08
C LEU E 129 7.29 16.30 -61.47
N GLY E 130 6.43 16.80 -60.57
CA GLY E 130 5.44 15.97 -59.94
C GLY E 130 4.39 15.45 -60.91
N GLU E 131 3.94 16.31 -61.84
CA GLU E 131 2.96 15.86 -62.82
C GLU E 131 3.52 14.72 -63.68
N MET E 132 4.76 14.88 -64.17
CA MET E 132 5.32 13.83 -65.03
C MET E 132 5.62 12.55 -64.25
N TRP E 133 6.09 12.69 -63.00
CA TRP E 133 6.33 11.50 -62.16
C TRP E 133 5.03 10.77 -61.87
N ASN E 134 3.93 11.51 -61.64
CA ASN E 134 2.63 10.87 -61.40
C ASN E 134 2.14 10.15 -62.64
N ASN E 135 2.38 10.72 -63.83
CA ASN E 135 1.94 10.05 -65.05
C ASN E 135 2.74 8.78 -65.33
N THR E 136 4.03 8.77 -65.02
CA THR E 136 4.81 7.53 -65.20
C THR E 136 4.23 6.41 -64.33
N ASP E 139 6.24 -0.46 -63.27
CA ASP E 139 7.60 -0.86 -63.56
C ASP E 139 8.46 0.37 -63.84
N ASP E 140 7.81 1.53 -63.94
CA ASP E 140 8.52 2.77 -64.27
C ASP E 140 9.43 3.20 -63.12
N LYS E 141 8.90 3.24 -61.90
CA LYS E 141 9.65 3.69 -60.74
C LYS E 141 10.30 2.54 -59.96
N GLN E 142 10.26 1.33 -60.49
CA GLN E 142 10.93 0.21 -59.82
C GLN E 142 12.45 0.38 -59.70
N PRO E 143 13.19 0.87 -60.71
CA PRO E 143 14.65 1.02 -60.52
C PRO E 143 15.05 2.09 -59.51
N TYR E 144 14.37 3.24 -59.49
CA TYR E 144 14.67 4.27 -58.50
C TYR E 144 14.38 3.76 -57.08
N GLU E 145 13.34 2.94 -56.93
CA GLU E 145 13.03 2.35 -55.63
C GLU E 145 14.01 1.24 -55.26
N LYS E 146 14.57 0.53 -56.24
CA LYS E 146 15.65 -0.42 -55.91
C LYS E 146 16.91 0.31 -55.43
N LYS E 147 17.24 1.45 -56.07
CA LYS E 147 18.35 2.28 -55.58
C LYS E 147 18.07 2.78 -54.16
N ALA E 148 16.84 3.25 -53.90
CA ALA E 148 16.47 3.65 -52.55
C ALA E 148 16.47 2.48 -51.56
N ALA E 149 16.16 1.26 -52.02
CA ALA E 149 16.21 0.09 -51.15
C ALA E 149 17.64 -0.26 -50.75
N LYS E 150 18.58 -0.11 -51.69
CA LYS E 150 19.99 -0.24 -51.34
C LYS E 150 20.42 0.85 -50.35
N LEU E 151 19.94 2.08 -50.55
CA LEU E 151 20.34 3.20 -49.68
C LEU E 151 19.69 3.15 -48.29
N LYS E 152 18.54 2.47 -48.14
CA LYS E 152 17.85 2.43 -46.86
C LYS E 152 18.65 1.69 -45.79
N GLU E 153 19.25 0.55 -46.14
CA GLU E 153 20.10 -0.17 -45.19
C GLU E 153 21.32 0.67 -44.78
N LYS E 154 21.87 1.45 -45.73
CA LYS E 154 23.02 2.29 -45.43
C LYS E 154 22.66 3.44 -44.50
N TYR E 155 21.47 4.04 -44.69
CA TYR E 155 21.00 5.01 -43.70
C TYR E 155 20.85 4.37 -42.32
N GLU E 156 20.21 3.20 -42.27
CA GLU E 156 19.98 2.52 -40.99
C GLU E 156 21.29 2.29 -40.24
N LYS E 157 22.28 1.71 -40.91
CA LYS E 157 23.58 1.48 -40.27
C LYS E 157 24.40 2.77 -40.22
ZN ZN L . 19.07 -33.95 6.25
MN MN M . 7.83 -15.37 -0.51
MN MN N . 7.03 -18.88 -0.34
C1 EDO O . 14.39 -33.15 -3.21
O1 EDO O . 14.56 -33.98 -2.08
C2 EDO O . 15.70 -32.47 -3.62
O2 EDO O . 15.83 -31.18 -3.06
K K P . 17.27 -5.97 -2.33
ZN ZN Q . -31.55 15.98 10.95
MN MN R . -12.55 8.71 9.41
MN MN S . -10.81 8.37 5.87
K K T . -8.31 11.96 -6.84
#